data_6PXI
#
_entry.id   6PXI
#
_cell.length_a   168.604
_cell.length_b   168.604
_cell.length_c   162.886
_cell.angle_alpha   90.000
_cell.angle_beta   90.000
_cell.angle_gamma   120.000
#
_symmetry.space_group_name_H-M   'P 3 2 1'
#
loop_
_entity.id
_entity.type
_entity.pdbx_description
1 polymer 'ATP-dependent protease subunit HslV'
2 polymer 'ATP-dependent protease ATPase subunit HslU'
3 non-polymer 'SULFATE ION'
4 non-polymer "ADENOSINE-5'-DIPHOSPHATE"
5 water water
#
loop_
_entity_poly.entity_id
_entity_poly.type
_entity_poly.pdbx_seq_one_letter_code
_entity_poly.pdbx_strand_id
1 'polypeptide(L)'
;TTIVSVRRNGHVVIAGDGQATLGNTVMKGNVKKVRRLYNDKVIAGFAGGTADAFTLFELFERKLEMHQGHLVKAAVELAK
DWRTDRMLRKLEALLAVADETASLIITGNGDVVQPENDLIAIGSGGPYAQAAARALLENTELSAREIAEKALDIAGDICI
YTNHFHTIEELSYK
;
A,B,C,D
2 'polypeptide(L)'
;HHHHHHSEMTPREIVSELDKHIIGQDNAKRSVAIALRNRWRRMQLNEELRHEVTPKNILMIGPTGVGKTEIARRLAKLAN
APFIKVEATKFTEVGYVGKEVDSIIRDLTDAAVKMVRVQAIEKNRYRAEELAEERILDVLIPPAKNNWGQTEQQQEPSAA
RQAFRKKLREGQLDDKEIEIDLAAAPMGVEIMAPPGMEEMTSQLQSMFQNLGGQKQKARKLKIKDAMKLLIEEEAAKLVN
PEELKQDAIDAVEQHGIVFIDQIDKICKRGESSGPDVSREGVQRDLLPLVEGCTVSTKHGMVKTDHILFIASGAFQIAKP
SDLIPELQGRLPIRVELQALTTSDFERILTEPNASITVQYKALMATEGVNIEFTDSGIKRIAEAAWQVNESTENIGARRL
HTVLERLMEEISYDASDLSGQNITIDADYVSKHLDALVADEDLSRFIL
;
E,F
#
loop_
_chem_comp.id
_chem_comp.type
_chem_comp.name
_chem_comp.formula
ADP non-polymer ADENOSINE-5'-DIPHOSPHATE 'C10 H15 N5 O10 P2'
SO4 non-polymer 'SULFATE ION' 'O4 S -2'
#
# COMPACT_ATOMS: atom_id res chain seq x y z
N THR A 1 32.45 30.01 -16.47
CA THR A 1 33.18 29.95 -17.73
C THR A 1 32.82 28.70 -18.52
N THR A 2 32.65 28.86 -19.83
CA THR A 2 32.35 27.73 -20.71
C THR A 2 32.96 28.02 -22.08
N ILE A 3 33.59 27.02 -22.66
CA ILE A 3 34.22 27.13 -23.98
C ILE A 3 33.93 25.86 -24.77
N VAL A 4 33.50 26.02 -26.02
CA VAL A 4 33.10 24.90 -26.86
C VAL A 4 33.88 24.96 -28.17
N SER A 5 34.21 23.79 -28.71
CA SER A 5 34.83 23.67 -30.01
C SER A 5 34.16 22.54 -30.78
N VAL A 6 33.74 22.83 -32.01
CA VAL A 6 33.05 21.87 -32.87
C VAL A 6 33.73 21.88 -34.24
N ARG A 7 33.81 20.71 -34.86
CA ARG A 7 34.39 20.55 -36.19
C ARG A 7 33.44 19.76 -37.05
N ARG A 8 33.03 20.33 -38.19
CA ARG A 8 32.03 19.70 -39.03
C ARG A 8 32.09 20.30 -40.43
N ASN A 9 32.11 19.42 -41.43
CA ASN A 9 32.02 19.81 -42.85
C ASN A 9 33.12 20.78 -43.25
N GLY A 10 34.36 20.45 -42.91
CA GLY A 10 35.47 21.30 -43.30
C GLY A 10 35.55 22.60 -42.55
N HIS A 11 34.85 22.70 -41.42
CA HIS A 11 34.82 23.91 -40.61
C HIS A 11 35.06 23.53 -39.16
N VAL A 12 35.76 24.41 -38.43
CA VAL A 12 36.01 24.23 -37.00
C VAL A 12 35.88 25.59 -36.33
N VAL A 13 35.26 25.59 -35.14
CA VAL A 13 34.98 26.83 -34.43
C VAL A 13 35.40 26.67 -32.97
N ILE A 14 35.55 27.82 -32.30
CA ILE A 14 35.76 27.89 -30.86
C ILE A 14 34.95 29.06 -30.33
N ALA A 15 34.08 28.79 -29.35
CA ALA A 15 33.21 29.80 -28.77
C ALA A 15 33.30 29.75 -27.26
N GLY A 16 33.19 30.92 -26.63
CA GLY A 16 33.25 31.03 -25.19
C GLY A 16 32.47 32.22 -24.69
N ASP A 17 32.09 32.14 -23.41
CA ASP A 17 31.32 33.19 -22.77
C ASP A 17 32.22 34.35 -22.36
N GLY A 18 31.62 35.39 -21.79
CA GLY A 18 32.39 36.55 -21.39
C GLY A 18 32.28 36.87 -19.92
N GLN A 19 31.71 35.95 -19.15
CA GLN A 19 31.51 36.19 -17.72
C GLN A 19 32.83 36.01 -16.97
N ALA A 20 33.10 36.92 -16.05
CA ALA A 20 34.27 36.87 -15.17
C ALA A 20 33.76 37.05 -13.75
N THR A 21 33.74 35.97 -12.97
CA THR A 21 33.18 36.00 -11.63
C THR A 21 34.26 36.30 -10.60
N LEU A 22 33.84 36.98 -9.52
CA LEU A 22 34.68 37.21 -8.35
C LEU A 22 33.85 36.85 -7.13
N GLY A 23 34.08 35.66 -6.58
CA GLY A 23 33.24 35.16 -5.53
C GLY A 23 31.83 34.88 -6.03
N ASN A 24 30.85 35.57 -5.45
CA ASN A 24 29.47 35.49 -5.90
C ASN A 24 29.08 36.70 -6.74
N THR A 25 30.07 37.45 -7.24
CA THR A 25 29.87 38.69 -7.95
C THR A 25 30.40 38.59 -9.37
N VAL A 26 29.66 39.18 -10.31
CA VAL A 26 30.11 39.27 -11.70
C VAL A 26 31.03 40.49 -11.83
N MET A 27 32.27 40.23 -12.23
CA MET A 27 33.26 41.29 -12.40
C MET A 27 33.20 41.93 -13.78
N LYS A 28 33.03 41.13 -14.82
CA LYS A 28 32.99 41.62 -16.19
C LYS A 28 32.22 40.63 -17.03
N GLY A 29 31.39 41.12 -17.93
CA GLY A 29 30.52 40.26 -18.70
C GLY A 29 30.82 40.19 -20.18
N ASN A 30 31.85 40.91 -20.63
CA ASN A 30 32.21 40.95 -22.05
C ASN A 30 33.66 40.54 -22.26
N VAL A 31 34.13 39.58 -21.46
CA VAL A 31 35.49 39.08 -21.60
C VAL A 31 35.64 38.34 -22.94
N LYS A 32 36.73 38.63 -23.64
CA LYS A 32 37.06 37.93 -24.89
C LYS A 32 37.93 36.74 -24.54
N LYS A 33 37.31 35.57 -24.45
CA LYS A 33 38.03 34.34 -24.11
C LYS A 33 38.43 33.55 -25.36
N VAL A 34 38.20 34.09 -26.55
CA VAL A 34 38.55 33.44 -27.81
C VAL A 34 39.37 34.40 -28.65
N ARG A 35 40.40 33.88 -29.31
CA ARG A 35 41.28 34.70 -30.13
C ARG A 35 41.92 33.82 -31.20
N ARG A 36 42.60 34.47 -32.14
CA ARG A 36 43.32 33.79 -33.21
C ARG A 36 44.82 33.84 -32.96
N LEU A 37 45.54 32.86 -33.52
CA LEU A 37 46.96 32.72 -33.30
C LEU A 37 47.64 32.26 -34.58
N TYR A 38 48.96 32.39 -34.60
CA TYR A 38 49.81 31.94 -35.71
C TYR A 38 49.31 32.51 -37.05
N ASN A 39 49.24 33.84 -37.10
CA ASN A 39 48.88 34.57 -38.31
C ASN A 39 47.58 34.07 -38.91
N ASP A 40 46.58 33.91 -38.05
CA ASP A 40 45.19 33.58 -38.43
C ASP A 40 45.01 32.14 -38.90
N LYS A 41 46.00 31.27 -38.69
CA LYS A 41 45.85 29.87 -39.02
C LYS A 41 45.25 29.04 -37.88
N VAL A 42 45.36 29.53 -36.64
CA VAL A 42 44.97 28.78 -35.46
C VAL A 42 43.97 29.59 -34.65
N ILE A 43 42.98 28.90 -34.07
CA ILE A 43 42.02 29.49 -33.15
C ILE A 43 42.20 28.85 -31.79
N ALA A 44 41.93 29.62 -30.73
CA ALA A 44 42.20 29.13 -29.38
C ALA A 44 41.29 29.83 -28.37
N GLY A 45 41.09 29.16 -27.24
CA GLY A 45 40.35 29.72 -26.13
C GLY A 45 41.00 29.34 -24.81
N PHE A 46 40.50 29.94 -23.73
CA PHE A 46 41.11 29.73 -22.43
C PHE A 46 40.08 29.95 -21.33
N ALA A 47 40.18 29.16 -20.27
CA ALA A 47 39.36 29.30 -19.08
C ALA A 47 40.28 29.57 -17.90
N GLY A 48 40.33 30.82 -17.46
CA GLY A 48 41.17 31.20 -16.34
C GLY A 48 41.55 32.67 -16.44
N GLY A 49 42.63 33.01 -15.77
CA GLY A 49 43.09 34.39 -15.78
C GLY A 49 43.47 34.82 -17.19
N THR A 50 43.17 36.08 -17.50
CA THR A 50 43.41 36.59 -18.84
C THR A 50 44.90 36.61 -19.18
N ALA A 51 45.71 37.11 -18.25
CA ALA A 51 47.14 37.20 -18.50
C ALA A 51 47.80 35.84 -18.54
N ASP A 52 47.29 34.87 -17.75
CA ASP A 52 47.87 33.54 -17.76
C ASP A 52 47.77 32.89 -19.13
N ALA A 53 46.70 33.20 -19.88
CA ALA A 53 46.54 32.64 -21.21
C ALA A 53 47.38 33.38 -22.24
N PHE A 54 47.46 34.71 -22.12
CA PHE A 54 48.28 35.49 -23.05
C PHE A 54 49.74 35.05 -23.01
N THR A 55 50.22 34.63 -21.84
CA THR A 55 51.59 34.13 -21.72
C THR A 55 51.72 32.77 -22.40
N LEU A 56 50.77 31.86 -22.13
CA LEU A 56 50.83 30.53 -22.70
C LEU A 56 50.60 30.57 -24.21
N PHE A 57 49.71 31.46 -24.67
CA PHE A 57 49.46 31.56 -26.11
C PHE A 57 50.66 32.12 -26.85
N GLU A 58 51.36 33.09 -26.26
CA GLU A 58 52.57 33.61 -26.88
C GLU A 58 53.63 32.51 -27.02
N LEU A 59 53.89 31.79 -25.92
CA LEU A 59 54.86 30.70 -25.99
C LEU A 59 54.41 29.59 -26.93
N PHE A 60 53.09 29.39 -27.04
CA PHE A 60 52.59 28.37 -27.96
C PHE A 60 52.88 28.73 -29.40
N GLU A 61 52.83 30.02 -29.74
CA GLU A 61 53.18 30.45 -31.09
C GLU A 61 54.66 30.19 -31.38
N ARG A 62 55.50 30.38 -30.37
CA ARG A 62 56.93 30.11 -30.54
C ARG A 62 57.19 28.61 -30.70
N LYS A 63 56.43 27.77 -29.99
CA LYS A 63 56.52 26.34 -30.20
C LYS A 63 56.06 25.95 -31.60
N LEU A 64 55.08 26.68 -32.15
CA LEU A 64 54.65 26.44 -33.52
C LEU A 64 55.75 26.83 -34.51
N GLU A 65 56.52 27.87 -34.19
CA GLU A 65 57.59 28.30 -35.09
C GLU A 65 58.71 27.27 -35.13
N MET A 66 59.10 26.73 -33.97
CA MET A 66 60.15 25.72 -33.94
C MET A 66 59.71 24.44 -34.62
N HIS A 67 58.41 24.14 -34.59
CA HIS A 67 57.86 22.91 -35.18
C HIS A 67 57.12 23.18 -36.48
N GLN A 68 57.25 24.39 -37.04
CA GLN A 68 56.65 24.73 -38.33
C GLN A 68 55.14 24.60 -38.33
N GLY A 69 54.52 25.03 -37.24
CA GLY A 69 53.07 25.04 -37.14
C GLY A 69 52.43 23.71 -36.79
N HIS A 70 53.22 22.68 -36.50
CA HIS A 70 52.65 21.40 -36.12
C HIS A 70 51.92 21.55 -34.78
N LEU A 71 50.61 21.30 -34.80
CA LEU A 71 49.79 21.57 -33.61
C LEU A 71 50.10 20.61 -32.48
N VAL A 72 50.15 19.31 -32.79
CA VAL A 72 50.30 18.30 -31.75
C VAL A 72 51.65 18.41 -31.06
N LYS A 73 52.72 18.49 -31.85
CA LYS A 73 54.06 18.50 -31.28
C LYS A 73 54.32 19.78 -30.50
N ALA A 74 53.80 20.92 -30.98
CA ALA A 74 53.95 22.17 -30.23
C ALA A 74 53.14 22.15 -28.94
N ALA A 75 52.00 21.47 -28.94
CA ALA A 75 51.19 21.39 -27.73
C ALA A 75 51.88 20.57 -26.65
N VAL A 76 52.63 19.54 -27.02
CA VAL A 76 53.35 18.74 -26.02
C VAL A 76 54.52 19.52 -25.46
N GLU A 77 55.22 20.26 -26.32
CA GLU A 77 56.32 21.10 -25.84
C GLU A 77 55.82 22.21 -24.92
N LEU A 78 54.63 22.75 -25.20
CA LEU A 78 54.03 23.73 -24.30
C LEU A 78 53.64 23.07 -22.99
N ALA A 79 53.00 21.90 -23.05
CA ALA A 79 52.63 21.19 -21.83
C ALA A 79 53.87 20.68 -21.09
N LYS A 80 54.96 20.44 -21.80
CA LYS A 80 56.19 20.01 -21.14
C LYS A 80 56.78 21.14 -20.32
N ASP A 81 56.91 22.33 -20.92
CA ASP A 81 57.44 23.48 -20.19
C ASP A 81 56.47 23.99 -19.14
N TRP A 82 55.16 23.76 -19.33
CA TRP A 82 54.17 24.28 -18.40
C TRP A 82 54.33 23.64 -17.02
N ARG A 83 54.41 22.31 -16.97
CA ARG A 83 54.62 21.63 -15.71
C ARG A 83 56.05 21.79 -15.21
N THR A 84 57.00 21.95 -16.13
CA THR A 84 58.42 21.96 -15.76
C THR A 84 58.82 23.27 -15.10
N ASP A 85 58.66 24.39 -15.81
CA ASP A 85 59.14 25.67 -15.32
C ASP A 85 58.47 26.05 -14.01
N ARG A 86 59.27 26.50 -13.05
CA ARG A 86 58.71 26.96 -11.78
C ARG A 86 57.85 28.20 -11.98
N MET A 87 58.11 28.98 -13.03
CA MET A 87 57.28 30.14 -13.33
C MET A 87 55.94 29.72 -13.92
N LEU A 88 55.98 28.84 -14.92
CA LEU A 88 54.75 28.44 -15.60
C LEU A 88 53.90 27.51 -14.73
N ARG A 89 54.52 26.80 -13.78
CA ARG A 89 53.76 25.88 -12.94
C ARG A 89 52.74 26.62 -12.08
N LYS A 90 53.01 27.88 -11.75
CA LYS A 90 52.07 28.67 -10.97
C LYS A 90 50.84 29.07 -11.78
N LEU A 91 50.96 29.11 -13.11
CA LEU A 91 49.82 29.46 -13.94
C LEU A 91 48.72 28.42 -13.83
N GLU A 92 47.48 28.88 -13.76
CA GLU A 92 46.31 28.02 -13.65
C GLU A 92 45.30 28.42 -14.71
N ALA A 93 45.16 27.59 -15.74
CA ALA A 93 44.23 27.85 -16.83
C ALA A 93 43.97 26.56 -17.59
N LEU A 94 42.88 26.56 -18.35
CA LEU A 94 42.51 25.44 -19.22
C LEU A 94 42.48 25.95 -20.65
N LEU A 95 43.43 25.50 -21.46
CA LEU A 95 43.56 25.97 -22.83
C LEU A 95 42.82 25.06 -23.80
N ALA A 96 42.26 25.67 -24.84
CA ALA A 96 41.63 24.94 -25.93
C ALA A 96 42.10 25.53 -27.24
N VAL A 97 42.50 24.67 -28.18
CA VAL A 97 43.16 25.11 -29.40
C VAL A 97 42.83 24.12 -30.51
N ALA A 98 42.78 24.64 -31.75
CA ALA A 98 42.42 23.81 -32.89
C ALA A 98 42.89 24.47 -34.17
N ASP A 99 43.14 23.65 -35.18
CA ASP A 99 43.45 24.11 -36.52
C ASP A 99 42.74 23.18 -37.50
N GLU A 100 43.12 23.26 -38.79
CA GLU A 100 42.52 22.38 -39.78
C GLU A 100 42.88 20.91 -39.55
N THR A 101 43.96 20.64 -38.83
CA THR A 101 44.41 19.28 -38.57
C THR A 101 43.50 18.60 -37.54
N ALA A 102 43.54 19.07 -36.30
CA ALA A 102 42.73 18.46 -35.24
C ALA A 102 42.53 19.48 -34.13
N SER A 103 41.69 19.10 -33.16
CA SER A 103 41.41 19.90 -31.99
C SER A 103 41.91 19.17 -30.74
N LEU A 104 42.40 19.92 -29.76
CA LEU A 104 42.93 19.29 -28.57
C LEU A 104 42.88 20.27 -27.39
N ILE A 105 43.02 19.70 -26.19
CA ILE A 105 43.01 20.44 -24.94
C ILE A 105 44.40 20.38 -24.32
N ILE A 106 44.76 21.44 -23.60
CA ILE A 106 46.02 21.54 -22.88
C ILE A 106 45.72 21.96 -21.45
N THR A 107 46.38 21.30 -20.49
CA THR A 107 46.14 21.56 -19.08
C THR A 107 47.44 21.90 -18.38
N GLY A 108 47.32 22.47 -17.17
CA GLY A 108 48.49 22.79 -16.37
C GLY A 108 49.18 21.59 -15.77
N ASN A 109 48.51 20.43 -15.78
CA ASN A 109 49.13 19.18 -15.37
C ASN A 109 50.05 18.60 -16.43
N GLY A 110 50.15 19.25 -17.61
CA GLY A 110 50.91 18.74 -18.72
C GLY A 110 50.14 17.81 -19.64
N ASP A 111 48.86 17.56 -19.35
CA ASP A 111 48.09 16.59 -20.11
C ASP A 111 47.56 17.21 -21.40
N VAL A 112 47.86 16.55 -22.53
CA VAL A 112 47.35 16.95 -23.84
C VAL A 112 46.30 15.92 -24.25
N VAL A 113 45.11 16.40 -24.61
CA VAL A 113 43.95 15.55 -24.84
C VAL A 113 43.28 15.96 -26.13
N GLN A 114 42.94 14.98 -26.97
CA GLN A 114 42.08 15.20 -28.13
C GLN A 114 40.76 14.46 -27.92
N PRO A 115 39.64 15.15 -27.84
CA PRO A 115 38.36 14.47 -27.64
C PRO A 115 37.97 13.62 -28.85
N GLU A 116 36.95 12.78 -28.65
CA GLU A 116 36.63 11.73 -29.61
C GLU A 116 36.30 12.29 -30.99
N ASN A 117 35.40 13.26 -31.06
CA ASN A 117 35.04 13.87 -32.33
C ASN A 117 35.59 15.29 -32.47
N ASP A 118 36.74 15.55 -31.83
CA ASP A 118 37.28 16.90 -31.77
C ASP A 118 36.28 17.86 -31.11
N LEU A 119 35.53 17.34 -30.14
CA LEU A 119 34.49 18.09 -29.43
C LEU A 119 35.05 18.48 -28.08
N ILE A 120 35.45 19.75 -27.96
CA ILE A 120 36.02 20.29 -26.72
C ILE A 120 34.93 21.06 -25.99
N ALA A 121 34.86 20.87 -24.67
CA ALA A 121 33.93 21.61 -23.83
C ALA A 121 34.55 21.70 -22.44
N ILE A 122 35.04 22.89 -22.09
CA ILE A 122 35.77 23.11 -20.86
C ILE A 122 35.12 24.24 -20.07
N GLY A 123 35.69 24.53 -18.90
CA GLY A 123 35.14 25.52 -18.01
C GLY A 123 34.16 24.92 -17.03
N SER A 124 33.64 25.77 -16.15
CA SER A 124 32.66 25.32 -15.17
C SER A 124 31.40 24.80 -15.85
N GLY A 125 31.00 25.42 -16.97
CA GLY A 125 29.88 24.95 -17.75
C GLY A 125 30.25 24.01 -18.89
N GLY A 126 31.48 23.50 -18.93
CA GLY A 126 31.92 22.63 -19.98
C GLY A 126 31.06 21.39 -20.16
N PRO A 127 30.88 20.62 -19.08
CA PRO A 127 30.03 19.41 -19.18
C PRO A 127 28.62 19.69 -19.68
N TYR A 128 28.04 20.84 -19.34
CA TYR A 128 26.70 21.15 -19.81
C TYR A 128 26.69 21.45 -21.31
N ALA A 129 27.77 22.03 -21.83
CA ALA A 129 27.84 22.30 -23.26
C ALA A 129 28.13 21.04 -24.05
N GLN A 130 28.93 20.13 -23.49
CA GLN A 130 29.20 18.87 -24.17
C GLN A 130 27.95 18.02 -24.27
N ALA A 131 27.04 18.12 -23.29
CA ALA A 131 25.80 17.36 -23.36
C ALA A 131 24.93 17.83 -24.51
N ALA A 132 24.85 19.15 -24.71
CA ALA A 132 24.02 19.70 -25.78
C ALA A 132 24.68 19.55 -27.14
N ALA A 133 25.99 19.80 -27.22
CA ALA A 133 26.69 19.65 -28.49
C ALA A 133 26.67 18.21 -28.99
N ARG A 134 26.78 17.25 -28.06
CA ARG A 134 26.72 15.85 -28.45
C ARG A 134 25.34 15.49 -29.00
N ALA A 135 24.28 16.12 -28.50
CA ALA A 135 22.94 15.83 -28.98
C ALA A 135 22.73 16.34 -30.40
N LEU A 136 23.17 17.57 -30.66
CA LEU A 136 22.94 18.19 -31.96
C LEU A 136 23.84 17.58 -33.04
N LEU A 137 25.08 17.24 -32.69
CA LEU A 137 26.00 16.74 -33.69
C LEU A 137 25.55 15.41 -34.27
N GLU A 138 24.89 14.58 -33.47
CA GLU A 138 24.43 13.28 -33.91
C GLU A 138 23.01 13.30 -34.49
N ASN A 139 22.17 14.26 -34.07
CA ASN A 139 20.77 14.28 -34.47
C ASN A 139 20.42 15.40 -35.44
N THR A 140 21.37 16.26 -35.81
CA THR A 140 21.09 17.35 -36.72
C THR A 140 22.20 17.44 -37.76
N GLU A 141 21.90 18.14 -38.86
CA GLU A 141 22.88 18.48 -39.88
C GLU A 141 23.44 19.89 -39.69
N LEU A 142 23.27 20.46 -38.50
CA LEU A 142 23.67 21.83 -38.24
C LEU A 142 25.18 21.98 -38.37
N SER A 143 25.61 23.15 -38.85
CA SER A 143 27.03 23.44 -39.00
C SER A 143 27.68 23.60 -37.63
N ALA A 144 29.00 23.51 -37.62
CA ALA A 144 29.75 23.58 -36.37
C ALA A 144 29.52 24.89 -35.63
N ARG A 145 29.33 25.98 -36.36
CA ARG A 145 29.06 27.27 -35.71
C ARG A 145 27.69 27.26 -35.02
N GLU A 146 26.68 26.72 -35.69
CA GLU A 146 25.34 26.68 -35.09
C GLU A 146 25.31 25.79 -33.85
N ILE A 147 26.15 24.75 -33.81
CA ILE A 147 26.16 23.86 -32.66
C ILE A 147 26.84 24.52 -31.48
N ALA A 148 28.00 25.15 -31.72
CA ALA A 148 28.72 25.79 -30.63
C ALA A 148 27.97 26.99 -30.07
N GLU A 149 27.23 27.71 -30.92
CA GLU A 149 26.45 28.84 -30.44
C GLU A 149 25.31 28.39 -29.55
N LYS A 150 24.53 27.41 -30.00
CA LYS A 150 23.38 26.97 -29.23
C LYS A 150 23.80 26.20 -27.98
N ALA A 151 24.91 25.46 -28.06
CA ALA A 151 25.41 24.74 -26.88
C ALA A 151 25.91 25.72 -25.82
N LEU A 152 26.52 26.83 -26.24
CA LEU A 152 27.03 27.79 -25.29
C LEU A 152 25.90 28.56 -24.62
N ASP A 153 24.82 28.83 -25.35
CA ASP A 153 23.67 29.50 -24.75
C ASP A 153 23.00 28.60 -23.71
N ILE A 154 22.91 27.30 -23.99
CA ILE A 154 22.32 26.37 -23.03
C ILE A 154 23.18 26.27 -21.78
N ALA A 155 24.50 26.26 -21.95
CA ALA A 155 25.40 26.24 -20.80
C ALA A 155 25.27 27.50 -19.97
N GLY A 156 25.02 28.65 -20.61
CA GLY A 156 24.83 29.89 -19.87
C GLY A 156 23.54 29.89 -19.07
N ASP A 157 22.50 29.24 -19.58
CA ASP A 157 21.24 29.14 -18.84
C ASP A 157 21.36 28.24 -17.63
N ILE A 158 22.28 27.28 -17.66
CA ILE A 158 22.44 26.31 -16.58
C ILE A 158 23.53 26.78 -15.61
N CYS A 159 24.73 26.97 -16.13
CA CYS A 159 25.84 27.37 -15.29
C CYS A 159 25.66 28.81 -14.81
N ILE A 160 25.81 29.02 -13.51
CA ILE A 160 25.73 30.36 -12.96
C ILE A 160 26.97 31.19 -13.26
N TYR A 161 28.09 30.54 -13.58
CA TYR A 161 29.34 31.23 -13.90
C TYR A 161 29.49 31.52 -15.38
N THR A 162 28.49 31.21 -16.20
CA THR A 162 28.53 31.42 -17.63
C THR A 162 27.38 32.33 -18.05
N ASN A 163 27.67 33.29 -18.92
CA ASN A 163 26.65 34.19 -19.43
C ASN A 163 26.45 33.97 -20.93
N HIS A 164 25.68 34.84 -21.55
CA HIS A 164 25.30 34.70 -22.95
C HIS A 164 26.08 35.61 -23.89
N PHE A 165 27.07 36.35 -23.39
CA PHE A 165 27.98 37.06 -24.28
C PHE A 165 28.87 36.05 -24.99
N HIS A 166 29.03 36.20 -26.30
CA HIS A 166 29.71 35.20 -27.11
C HIS A 166 30.85 35.82 -27.90
N THR A 167 31.88 35.00 -28.13
CA THR A 167 33.00 35.34 -28.99
C THR A 167 33.40 34.08 -29.74
N ILE A 168 33.44 34.16 -31.08
CA ILE A 168 33.66 33.00 -31.92
C ILE A 168 34.75 33.32 -32.94
N GLU A 169 35.54 32.29 -33.27
CA GLU A 169 36.53 32.38 -34.34
C GLU A 169 36.45 31.08 -35.14
N GLU A 170 35.83 31.15 -36.32
CA GLU A 170 35.70 30.00 -37.19
C GLU A 170 36.93 29.87 -38.09
N LEU A 171 37.23 28.63 -38.46
CA LEU A 171 38.31 28.32 -39.39
C LEU A 171 37.76 27.37 -40.45
N SER A 172 37.79 27.81 -41.71
CA SER A 172 37.27 27.01 -42.82
C SER A 172 38.44 26.45 -43.62
N TYR A 173 38.43 25.13 -43.84
CA TYR A 173 39.48 24.48 -44.59
C TYR A 173 38.91 23.65 -45.73
N LYS A 174 37.74 23.04 -45.50
CA LYS A 174 37.04 22.26 -46.52
C LYS A 174 37.95 21.21 -47.16
N THR B 1 38.94 4.38 -12.05
CA THR B 1 40.12 3.82 -12.70
C THR B 1 40.40 2.40 -12.20
N THR B 2 40.74 1.51 -13.13
CA THR B 2 41.05 0.12 -12.79
C THR B 2 42.12 -0.37 -13.76
N ILE B 3 43.11 -1.08 -13.23
CA ILE B 3 44.18 -1.66 -14.01
C ILE B 3 44.52 -3.03 -13.45
N VAL B 4 44.66 -4.02 -14.33
CA VAL B 4 44.89 -5.41 -13.95
C VAL B 4 46.14 -5.91 -14.67
N SER B 5 46.89 -6.78 -13.99
CA SER B 5 48.02 -7.49 -14.57
C SER B 5 47.92 -8.96 -14.19
N VAL B 6 47.99 -9.84 -15.17
CA VAL B 6 47.91 -11.28 -14.98
C VAL B 6 49.06 -11.93 -15.72
N ARG B 7 49.63 -12.99 -15.14
CA ARG B 7 50.74 -13.72 -15.73
C ARG B 7 50.42 -15.20 -15.68
N ARG B 8 50.46 -15.86 -16.83
CA ARG B 8 50.14 -17.29 -16.87
C ARG B 8 50.65 -17.89 -18.18
N ASN B 9 51.20 -19.10 -18.09
CA ASN B 9 51.58 -19.91 -19.24
C ASN B 9 52.51 -19.15 -20.18
N GLY B 10 53.54 -18.53 -19.61
CA GLY B 10 54.50 -17.80 -20.43
C GLY B 10 53.98 -16.53 -21.03
N HIS B 11 52.88 -16.00 -20.51
CA HIS B 11 52.28 -14.77 -20.99
C HIS B 11 51.96 -13.88 -19.81
N VAL B 12 52.08 -12.57 -20.03
CA VAL B 12 51.75 -11.56 -19.02
C VAL B 12 51.10 -10.39 -19.75
N VAL B 13 50.06 -9.82 -19.13
CA VAL B 13 49.28 -8.75 -19.74
C VAL B 13 49.07 -7.64 -18.73
N ILE B 14 48.69 -6.47 -19.25
CA ILE B 14 48.28 -5.32 -18.46
C ILE B 14 47.10 -4.68 -19.16
N ALA B 15 45.97 -4.56 -18.45
CA ALA B 15 44.76 -3.98 -19.00
C ALA B 15 44.23 -2.90 -18.07
N GLY B 16 43.63 -1.88 -18.67
CA GLY B 16 43.07 -0.77 -17.92
C GLY B 16 41.93 -0.12 -18.65
N ASP B 17 41.09 0.58 -17.89
CA ASP B 17 39.93 1.26 -18.44
C ASP B 17 40.33 2.61 -19.05
N GLY B 18 39.35 3.32 -19.58
CA GLY B 18 39.64 4.60 -20.22
C GLY B 18 38.89 5.76 -19.63
N GLN B 19 38.23 5.53 -18.50
CA GLN B 19 37.41 6.57 -17.88
C GLN B 19 38.27 7.58 -17.16
N ALA B 20 37.92 8.85 -17.31
CA ALA B 20 38.59 9.96 -16.62
C ALA B 20 37.51 10.84 -16.01
N THR B 21 37.42 10.84 -14.68
CA THR B 21 36.34 11.50 -13.96
C THR B 21 36.80 12.82 -13.36
N LEU B 22 35.93 13.81 -13.39
CA LEU B 22 36.13 15.09 -12.73
C LEU B 22 34.92 15.35 -11.85
N GLY B 23 35.10 15.19 -10.54
CA GLY B 23 33.97 15.29 -9.63
C GLY B 23 33.01 14.15 -9.88
N ASN B 24 31.78 14.50 -10.25
CA ASN B 24 30.76 13.53 -10.61
C ASN B 24 30.54 13.46 -12.12
N THR B 25 31.51 13.93 -12.91
CA THR B 25 31.37 14.06 -14.35
C THR B 25 32.46 13.26 -15.05
N VAL B 26 32.09 12.57 -16.13
CA VAL B 26 33.06 11.87 -16.95
C VAL B 26 33.68 12.87 -17.92
N MET B 27 35.01 13.01 -17.86
CA MET B 27 35.69 13.92 -18.76
C MET B 27 36.02 13.24 -20.09
N LYS B 28 36.53 12.02 -20.05
CA LYS B 28 36.98 11.34 -21.26
C LYS B 28 36.88 9.84 -21.03
N GLY B 29 36.33 9.12 -22.00
CA GLY B 29 36.10 7.70 -21.85
C GLY B 29 37.02 6.80 -22.64
N ASN B 30 37.95 7.39 -23.42
CA ASN B 30 38.86 6.63 -24.26
C ASN B 30 40.33 6.90 -23.90
N VAL B 31 40.60 7.13 -22.61
CA VAL B 31 41.97 7.35 -22.17
C VAL B 31 42.79 6.07 -22.32
N LYS B 32 44.01 6.20 -22.82
CA LYS B 32 44.93 5.06 -22.94
C LYS B 32 45.79 5.03 -21.68
N LYS B 33 45.45 4.13 -20.75
CA LYS B 33 46.17 4.00 -19.50
C LYS B 33 47.21 2.88 -19.51
N VAL B 34 47.45 2.27 -20.66
CA VAL B 34 48.44 1.20 -20.82
C VAL B 34 49.33 1.53 -22.01
N ARG B 35 50.61 1.22 -21.89
CA ARG B 35 51.57 1.48 -22.96
C ARG B 35 52.76 0.55 -22.79
N ARG B 36 53.62 0.53 -23.81
CA ARG B 36 54.84 -0.27 -23.80
C ARG B 36 56.06 0.61 -23.57
N LEU B 37 57.12 0.01 -23.03
CA LEU B 37 58.31 0.75 -22.67
C LEU B 37 59.56 -0.08 -22.97
N TYR B 38 60.70 0.59 -22.97
CA TYR B 38 62.01 -0.04 -23.16
C TYR B 38 62.03 -0.90 -24.43
N ASN B 39 61.73 -0.26 -25.55
CA ASN B 39 61.80 -0.90 -26.85
C ASN B 39 60.95 -2.17 -26.90
N ASP B 40 59.73 -2.05 -26.39
CA ASP B 40 58.70 -3.09 -26.43
C ASP B 40 58.99 -4.27 -25.51
N LYS B 41 60.05 -4.21 -24.70
CA LYS B 41 60.34 -5.30 -23.78
C LYS B 41 59.48 -5.26 -22.53
N VAL B 42 58.89 -4.11 -22.21
CA VAL B 42 58.19 -3.90 -20.95
C VAL B 42 56.83 -3.29 -21.22
N ILE B 43 55.82 -3.74 -20.45
CA ILE B 43 54.47 -3.19 -20.49
C ILE B 43 54.21 -2.49 -19.15
N ALA B 44 53.38 -1.46 -19.18
CA ALA B 44 53.14 -0.67 -17.98
C ALA B 44 51.76 -0.01 -18.03
N GLY B 45 51.25 0.34 -16.84
CA GLY B 45 50.01 1.06 -16.71
C GLY B 45 50.08 2.04 -15.56
N PHE B 46 49.09 2.93 -15.50
CA PHE B 46 49.11 3.99 -14.50
C PHE B 46 47.70 4.41 -14.13
N ALA B 47 47.52 4.78 -12.87
CA ALA B 47 46.27 5.33 -12.35
C ALA B 47 46.56 6.72 -11.81
N GLY B 48 46.14 7.75 -12.53
CA GLY B 48 46.36 9.11 -12.12
C GLY B 48 46.49 10.01 -13.33
N GLY B 49 47.09 11.18 -13.10
CA GLY B 49 47.28 12.13 -14.19
C GLY B 49 48.11 11.53 -15.30
N THR B 50 47.73 11.84 -16.53
CA THR B 50 48.39 11.24 -17.70
C THR B 50 49.83 11.69 -17.80
N ALA B 51 50.07 13.00 -17.67
CA ALA B 51 51.44 13.50 -17.77
C ALA B 51 52.29 13.08 -16.58
N ASP B 52 51.68 12.87 -15.41
CA ASP B 52 52.44 12.41 -14.26
C ASP B 52 53.09 11.05 -14.54
N ALA B 53 52.40 10.19 -15.29
CA ALA B 53 52.94 8.88 -15.62
C ALA B 53 53.94 8.96 -16.77
N PHE B 54 53.69 9.82 -17.75
CA PHE B 54 54.62 9.97 -18.86
C PHE B 54 55.99 10.42 -18.35
N THR B 55 56.03 11.25 -17.32
CA THR B 55 57.30 11.66 -16.73
C THR B 55 57.95 10.50 -16.00
N LEU B 56 57.16 9.77 -15.20
CA LEU B 56 57.72 8.64 -14.46
C LEU B 56 58.14 7.51 -15.37
N PHE B 57 57.38 7.27 -16.44
CA PHE B 57 57.74 6.19 -17.36
C PHE B 57 59.00 6.54 -18.15
N GLU B 58 59.19 7.80 -18.48
CA GLU B 58 60.41 8.21 -19.19
C GLU B 58 61.64 7.98 -18.32
N LEU B 59 61.58 8.44 -17.07
CA LEU B 59 62.71 8.21 -16.16
C LEU B 59 62.91 6.74 -15.88
N PHE B 60 61.82 5.96 -15.86
CA PHE B 60 61.95 4.53 -15.60
C PHE B 60 62.73 3.84 -16.72
N GLU B 61 62.53 4.27 -17.96
CA GLU B 61 63.34 3.75 -19.06
C GLU B 61 64.81 4.10 -18.86
N ARG B 62 65.08 5.30 -18.35
CA ARG B 62 66.46 5.69 -18.08
C ARG B 62 67.05 4.87 -16.95
N LYS B 63 66.24 4.52 -15.94
CA LYS B 63 66.71 3.63 -14.90
C LYS B 63 66.97 2.22 -15.44
N LEU B 64 66.21 1.82 -16.45
CA LEU B 64 66.44 0.52 -17.07
C LEU B 64 67.74 0.51 -17.87
N GLU B 65 68.08 1.65 -18.49
CA GLU B 65 69.31 1.73 -19.26
C GLU B 65 70.54 1.67 -18.35
N MET B 66 70.47 2.35 -17.20
CA MET B 66 71.59 2.30 -16.26
C MET B 66 71.75 0.92 -15.64
N HIS B 67 70.66 0.16 -15.53
CA HIS B 67 70.68 -1.16 -14.93
C HIS B 67 70.52 -2.27 -15.96
N GLN B 68 70.63 -1.94 -17.25
CA GLN B 68 70.56 -2.92 -18.33
C GLN B 68 69.22 -3.66 -18.35
N GLY B 69 68.14 -2.92 -18.12
CA GLY B 69 66.80 -3.47 -18.19
C GLY B 69 66.36 -4.27 -16.99
N HIS B 70 67.14 -4.30 -15.91
CA HIS B 70 66.71 -5.00 -14.70
C HIS B 70 65.48 -4.31 -14.13
N LEU B 71 64.37 -5.04 -14.05
CA LEU B 71 63.11 -4.43 -13.66
C LEU B 71 63.09 -4.03 -12.19
N VAL B 72 63.52 -4.94 -11.31
CA VAL B 72 63.40 -4.70 -9.87
C VAL B 72 64.34 -3.57 -9.44
N LYS B 73 65.60 -3.62 -9.89
CA LYS B 73 66.56 -2.62 -9.45
C LYS B 73 66.22 -1.24 -9.99
N ALA B 74 65.68 -1.16 -11.20
CA ALA B 74 65.29 0.13 -11.76
C ALA B 74 64.02 0.66 -11.10
N ALA B 75 63.15 -0.23 -10.65
CA ALA B 75 61.94 0.22 -9.95
C ALA B 75 62.26 0.82 -8.60
N VAL B 76 63.29 0.30 -7.92
CA VAL B 76 63.70 0.86 -6.63
C VAL B 76 64.33 2.23 -6.83
N GLU B 77 65.19 2.36 -7.84
CA GLU B 77 65.77 3.67 -8.14
C GLU B 77 64.71 4.68 -8.54
N LEU B 78 63.66 4.24 -9.23
CA LEU B 78 62.55 5.13 -9.55
C LEU B 78 61.80 5.54 -8.29
N ALA B 79 61.46 4.56 -7.45
CA ALA B 79 60.79 4.86 -6.19
C ALA B 79 61.68 5.67 -5.26
N LYS B 80 63.00 5.47 -5.35
CA LYS B 80 63.92 6.28 -4.55
C LYS B 80 63.83 7.74 -4.94
N ASP B 81 63.99 8.04 -6.24
CA ASP B 81 63.93 9.42 -6.70
C ASP B 81 62.52 10.00 -6.57
N TRP B 82 61.49 9.15 -6.64
CA TRP B 82 60.12 9.65 -6.59
C TRP B 82 59.84 10.33 -5.25
N ARG B 83 60.08 9.62 -4.15
CA ARG B 83 59.91 10.23 -2.84
C ARG B 83 60.97 11.29 -2.57
N THR B 84 62.14 11.16 -3.19
CA THR B 84 63.25 12.06 -2.88
C THR B 84 63.03 13.45 -3.47
N ASP B 85 62.95 13.54 -4.80
CA ASP B 85 62.95 14.83 -5.47
C ASP B 85 61.74 15.66 -5.05
N ARG B 86 61.97 16.94 -4.79
CA ARG B 86 60.87 17.84 -4.42
C ARG B 86 59.89 18.01 -5.58
N MET B 87 60.37 17.90 -6.82
CA MET B 87 59.51 17.97 -7.98
C MET B 87 58.70 16.70 -8.15
N LEU B 88 59.37 15.54 -8.07
CA LEU B 88 58.69 14.26 -8.24
C LEU B 88 57.75 13.96 -7.08
N ARG B 89 58.03 14.49 -5.89
CA ARG B 89 57.19 14.20 -4.74
C ARG B 89 55.78 14.76 -4.92
N LYS B 90 55.64 15.82 -5.72
CA LYS B 90 54.33 16.40 -6.00
C LYS B 90 53.49 15.50 -6.91
N LEU B 91 54.12 14.63 -7.68
CA LEU B 91 53.37 13.74 -8.56
C LEU B 91 52.57 12.73 -7.73
N GLU B 92 51.35 12.46 -8.19
CA GLU B 92 50.46 11.51 -7.54
C GLU B 92 49.94 10.54 -8.59
N ALA B 93 50.39 9.28 -8.52
CA ALA B 93 49.97 8.26 -9.46
C ALA B 93 50.28 6.89 -8.87
N LEU B 94 49.66 5.86 -9.43
CA LEU B 94 49.89 4.48 -9.06
C LEU B 94 50.38 3.73 -10.29
N LEU B 95 51.66 3.37 -10.30
CA LEU B 95 52.29 2.73 -11.45
C LEU B 95 52.17 1.22 -11.35
N ALA B 96 52.01 0.59 -12.51
CA ALA B 96 52.02 -0.86 -12.64
C ALA B 96 52.89 -1.21 -13.83
N VAL B 97 53.76 -2.20 -13.67
CA VAL B 97 54.77 -2.51 -14.67
C VAL B 97 55.17 -3.97 -14.54
N ALA B 98 55.52 -4.59 -15.68
CA ALA B 98 55.86 -6.00 -15.70
C ALA B 98 56.68 -6.32 -16.93
N ASP B 99 57.50 -7.36 -16.82
CA ASP B 99 58.23 -7.91 -17.94
C ASP B 99 58.19 -9.43 -17.84
N GLU B 100 59.03 -10.11 -18.62
CA GLU B 100 59.07 -11.57 -18.57
C GLU B 100 59.59 -12.07 -17.23
N THR B 101 60.29 -11.23 -16.47
CA THR B 101 60.84 -11.63 -15.18
C THR B 101 59.77 -11.68 -14.10
N ALA B 102 59.18 -10.54 -13.77
CA ALA B 102 58.17 -10.48 -12.73
C ALA B 102 57.31 -9.24 -12.96
N SER B 103 56.25 -9.13 -12.15
CA SER B 103 55.36 -7.99 -12.14
C SER B 103 55.43 -7.30 -10.78
N LEU B 104 55.29 -5.98 -10.77
CA LEU B 104 55.42 -5.25 -9.52
C LEU B 104 54.69 -3.92 -9.59
N ILE B 105 54.39 -3.36 -8.41
CA ILE B 105 53.72 -2.09 -8.27
C ILE B 105 54.73 -1.06 -7.76
N ILE B 106 54.55 0.19 -8.19
CA ILE B 106 55.35 1.31 -7.74
C ILE B 106 54.42 2.41 -7.26
N THR B 107 54.76 3.04 -6.14
CA THR B 107 53.91 4.05 -5.52
C THR B 107 54.71 5.32 -5.26
N GLY B 108 53.96 6.40 -4.99
CA GLY B 108 54.58 7.68 -4.65
C GLY B 108 55.17 7.74 -3.26
N ASN B 109 54.84 6.78 -2.40
CA ASN B 109 55.45 6.66 -1.09
C ASN B 109 56.81 5.97 -1.12
N GLY B 110 57.29 5.59 -2.30
CA GLY B 110 58.53 4.86 -2.44
C GLY B 110 58.41 3.37 -2.19
N ASP B 111 57.20 2.83 -2.20
CA ASP B 111 56.98 1.42 -1.88
C ASP B 111 56.91 0.61 -3.18
N VAL B 112 57.79 -0.37 -3.30
CA VAL B 112 57.80 -1.30 -4.43
C VAL B 112 57.26 -2.64 -3.93
N VAL B 113 56.28 -3.18 -4.65
CA VAL B 113 55.54 -4.35 -4.21
C VAL B 113 55.35 -5.30 -5.39
N GLN B 114 55.60 -6.58 -5.16
CA GLN B 114 55.31 -7.63 -6.13
C GLN B 114 54.24 -8.56 -5.55
N PRO B 115 53.01 -8.52 -6.06
CA PRO B 115 51.93 -9.32 -5.45
C PRO B 115 52.19 -10.82 -5.50
N GLU B 116 51.31 -11.57 -4.85
CA GLU B 116 51.54 -12.98 -4.59
C GLU B 116 51.81 -13.77 -5.87
N ASN B 117 50.85 -13.79 -6.79
CA ASN B 117 51.02 -14.48 -8.06
C ASN B 117 51.37 -13.53 -9.19
N ASP B 118 52.03 -12.42 -8.89
CA ASP B 118 52.24 -11.35 -9.86
C ASP B 118 50.91 -10.83 -10.38
N LEU B 119 49.91 -10.80 -9.50
CA LEU B 119 48.56 -10.35 -9.82
C LEU B 119 48.37 -8.94 -9.26
N ILE B 120 48.44 -7.95 -10.15
CA ILE B 120 48.31 -6.55 -9.78
C ILE B 120 46.91 -6.07 -10.10
N ALA B 121 46.34 -5.28 -9.20
CA ALA B 121 45.03 -4.66 -9.42
C ALA B 121 45.00 -3.36 -8.63
N ILE B 122 45.05 -2.24 -9.34
CA ILE B 122 45.15 -0.93 -8.73
C ILE B 122 44.05 -0.03 -9.29
N GLY B 123 44.02 1.21 -8.78
CA GLY B 123 42.96 2.13 -9.10
C GLY B 123 41.80 2.04 -8.13
N SER B 124 40.84 2.94 -8.30
CA SER B 124 39.65 2.90 -7.46
C SER B 124 38.90 1.59 -7.64
N GLY B 125 39.03 0.95 -8.80
CA GLY B 125 38.43 -0.33 -9.07
C GLY B 125 39.38 -1.51 -8.96
N GLY B 126 40.59 -1.31 -8.46
CA GLY B 126 41.56 -2.37 -8.35
C GLY B 126 41.08 -3.57 -7.55
N PRO B 127 40.73 -3.34 -6.28
CA PRO B 127 40.27 -4.46 -5.43
C PRO B 127 39.07 -5.21 -6.00
N TYR B 128 38.20 -4.54 -6.75
CA TYR B 128 37.13 -5.24 -7.43
C TYR B 128 37.71 -6.24 -8.43
N ALA B 129 38.62 -5.77 -9.27
CA ALA B 129 39.22 -6.63 -10.29
C ALA B 129 40.05 -7.74 -9.67
N GLN B 130 40.73 -7.46 -8.56
CA GLN B 130 41.60 -8.47 -7.95
C GLN B 130 40.79 -9.68 -7.49
N ALA B 131 39.59 -9.47 -6.98
CA ALA B 131 38.78 -10.58 -6.51
C ALA B 131 38.24 -11.42 -7.66
N ALA B 132 37.90 -10.78 -8.78
CA ALA B 132 37.46 -11.52 -9.95
C ALA B 132 38.61 -12.31 -10.55
N ALA B 133 39.78 -11.66 -10.70
CA ALA B 133 40.93 -12.35 -11.28
C ALA B 133 41.41 -13.48 -10.39
N ARG B 134 41.33 -13.30 -9.06
CA ARG B 134 41.70 -14.38 -8.15
C ARG B 134 40.78 -15.58 -8.31
N ALA B 135 39.50 -15.34 -8.62
CA ALA B 135 38.55 -16.44 -8.75
C ALA B 135 38.79 -17.24 -10.02
N LEU B 136 39.05 -16.57 -11.13
CA LEU B 136 39.25 -17.28 -12.40
C LEU B 136 40.62 -17.94 -12.47
N LEU B 137 41.64 -17.32 -11.86
CA LEU B 137 42.99 -17.88 -11.94
C LEU B 137 43.09 -19.22 -11.23
N GLU B 138 42.29 -19.43 -10.19
CA GLU B 138 42.33 -20.68 -9.44
C GLU B 138 41.32 -21.71 -9.93
N ASN B 139 40.23 -21.28 -10.56
CA ASN B 139 39.14 -22.18 -10.93
C ASN B 139 39.01 -22.40 -12.42
N THR B 140 39.84 -21.76 -13.24
CA THR B 140 39.77 -21.93 -14.69
C THR B 140 41.17 -22.06 -15.27
N GLU B 141 41.22 -22.56 -16.50
CA GLU B 141 42.46 -22.64 -17.27
C GLU B 141 42.59 -21.47 -18.24
N LEU B 142 41.82 -20.41 -18.05
CA LEU B 142 41.80 -19.29 -18.98
C LEU B 142 43.17 -18.62 -19.04
N SER B 143 43.52 -18.13 -20.22
CA SER B 143 44.79 -17.45 -20.40
C SER B 143 44.77 -16.10 -19.68
N ALA B 144 45.97 -15.54 -19.47
CA ALA B 144 46.09 -14.30 -18.74
C ALA B 144 45.31 -13.17 -19.39
N ARG B 145 45.21 -13.18 -20.72
CA ARG B 145 44.46 -12.13 -21.42
C ARG B 145 42.96 -12.26 -21.15
N GLU B 146 42.45 -13.49 -21.13
CA GLU B 146 41.02 -13.68 -20.87
C GLU B 146 40.65 -13.31 -19.44
N ILE B 147 41.57 -13.47 -18.50
CA ILE B 147 41.29 -13.15 -17.10
C ILE B 147 41.28 -11.64 -16.89
N ALA B 148 42.30 -10.95 -17.40
CA ALA B 148 42.37 -9.51 -17.23
C ALA B 148 41.21 -8.80 -17.94
N GLU B 149 40.77 -9.33 -19.08
CA GLU B 149 39.67 -8.72 -19.81
C GLU B 149 38.36 -8.89 -19.06
N LYS B 150 38.05 -10.12 -18.64
CA LYS B 150 36.81 -10.37 -17.92
C LYS B 150 36.81 -9.68 -16.56
N ALA B 151 37.96 -9.63 -15.90
CA ALA B 151 38.05 -8.99 -14.59
C ALA B 151 37.87 -7.48 -14.71
N LEU B 152 38.40 -6.87 -15.77
CA LEU B 152 38.25 -5.44 -15.96
C LEU B 152 36.81 -5.06 -16.28
N ASP B 153 36.09 -5.92 -17.00
CA ASP B 153 34.69 -5.64 -17.28
C ASP B 153 33.84 -5.72 -16.02
N ILE B 154 34.17 -6.66 -15.13
CA ILE B 154 33.43 -6.78 -13.86
C ILE B 154 33.67 -5.55 -12.98
N ALA B 155 34.91 -5.06 -12.96
CA ALA B 155 35.22 -3.87 -12.19
C ALA B 155 34.49 -2.63 -12.75
N GLY B 156 34.34 -2.56 -14.07
CA GLY B 156 33.62 -1.45 -14.65
C GLY B 156 32.13 -1.49 -14.32
N ASP B 157 31.57 -2.69 -14.17
CA ASP B 157 30.17 -2.81 -13.77
C ASP B 157 29.97 -2.39 -12.32
N ILE B 158 31.00 -2.54 -11.48
CA ILE B 158 30.89 -2.25 -10.06
C ILE B 158 31.35 -0.81 -9.80
N CYS B 159 32.58 -0.50 -10.19
CA CYS B 159 33.13 0.82 -9.95
C CYS B 159 32.43 1.86 -10.82
N ILE B 160 32.01 2.96 -10.19
CA ILE B 160 31.42 4.06 -10.95
C ILE B 160 32.47 4.87 -11.71
N TYR B 161 33.73 4.81 -11.27
CA TYR B 161 34.81 5.55 -11.90
C TYR B 161 35.55 4.73 -12.97
N THR B 162 35.08 3.52 -13.27
CA THR B 162 35.68 2.66 -14.27
C THR B 162 34.66 2.35 -15.36
N ASN B 163 35.09 2.39 -16.61
CA ASN B 163 34.22 2.08 -17.74
C ASN B 163 34.71 0.80 -18.42
N HIS B 164 34.09 0.49 -19.57
CA HIS B 164 34.38 -0.73 -20.30
C HIS B 164 35.28 -0.52 -21.51
N PHE B 165 35.79 0.70 -21.71
CA PHE B 165 36.82 0.90 -22.72
C PHE B 165 38.12 0.24 -22.24
N HIS B 166 38.75 -0.53 -23.13
CA HIS B 166 39.88 -1.36 -22.74
C HIS B 166 41.10 -1.06 -23.59
N THR B 167 42.27 -1.20 -22.96
CA THR B 167 43.55 -1.13 -23.64
C THR B 167 44.45 -2.19 -23.02
N ILE B 168 45.00 -3.06 -23.87
CA ILE B 168 45.77 -4.21 -23.41
C ILE B 168 47.11 -4.25 -24.13
N GLU B 169 48.15 -4.69 -23.42
CA GLU B 169 49.47 -4.91 -23.98
C GLU B 169 49.98 -6.24 -23.42
N GLU B 170 49.94 -7.29 -24.24
CA GLU B 170 50.43 -8.59 -23.84
C GLU B 170 51.92 -8.73 -24.14
N LEU B 171 52.59 -9.52 -23.32
CA LEU B 171 54.00 -9.86 -23.54
C LEU B 171 54.13 -11.38 -23.46
N SER B 172 54.58 -12.01 -24.54
CA SER B 172 54.76 -13.45 -24.59
C SER B 172 56.24 -13.78 -24.46
N TYR B 173 56.56 -14.71 -23.56
CA TYR B 173 57.93 -15.18 -23.35
C TYR B 173 58.05 -16.70 -23.36
N LYS B 174 57.06 -17.42 -22.85
CA LYS B 174 57.04 -18.88 -22.89
C LYS B 174 58.35 -19.51 -22.36
N THR C 1 33.88 -6.32 7.44
CA THR C 1 32.70 -7.16 7.34
C THR C 1 32.35 -7.43 5.87
N THR C 2 31.98 -8.67 5.58
CA THR C 2 31.60 -9.08 4.24
C THR C 2 30.49 -10.11 4.34
N ILE C 3 29.47 -9.97 3.49
CA ILE C 3 28.34 -10.88 3.45
C ILE C 3 27.95 -11.12 1.99
N VAL C 4 27.78 -12.38 1.62
CA VAL C 4 27.51 -12.78 0.25
C VAL C 4 26.24 -13.61 0.21
N SER C 5 25.51 -13.50 -0.90
CA SER C 5 24.33 -14.31 -1.14
C SER C 5 24.33 -14.71 -2.61
N VAL C 6 24.17 -16.02 -2.86
CA VAL C 6 24.17 -16.59 -4.20
C VAL C 6 22.96 -17.50 -4.33
N ARG C 7 22.37 -17.53 -5.53
CA ARG C 7 21.20 -18.35 -5.82
C ARG C 7 21.47 -19.12 -7.12
N ARG C 8 21.38 -20.45 -7.06
CA ARG C 8 21.65 -21.25 -8.23
C ARG C 8 21.08 -22.65 -8.05
N ASN C 9 20.47 -23.17 -9.12
CA ASN C 9 20.02 -24.55 -9.19
C ASN C 9 19.08 -24.91 -8.04
N GLY C 10 18.11 -24.03 -7.79
CA GLY C 10 17.15 -24.28 -6.73
C GLY C 10 17.71 -24.15 -5.34
N HIS C 11 18.87 -23.53 -5.19
CA HIS C 11 19.52 -23.34 -3.90
C HIS C 11 19.89 -21.87 -3.75
N VAL C 12 19.82 -21.39 -2.51
CA VAL C 12 20.22 -20.02 -2.17
C VAL C 12 20.94 -20.06 -0.82
N VAL C 13 22.01 -19.28 -0.71
CA VAL C 13 22.85 -19.28 0.47
C VAL C 13 23.12 -17.84 0.90
N ILE C 14 23.52 -17.70 2.16
CA ILE C 14 24.01 -16.44 2.71
C ILE C 14 25.20 -16.74 3.60
N ALA C 15 26.34 -16.11 3.31
CA ALA C 15 27.57 -16.34 4.07
C ALA C 15 28.14 -15.00 4.51
N GLY C 16 28.78 -15.02 5.68
CA GLY C 16 29.40 -13.82 6.21
C GLY C 16 30.57 -14.16 7.11
N ASP C 17 31.44 -13.18 7.28
CA ASP C 17 32.63 -13.34 8.11
C ASP C 17 32.27 -13.17 9.59
N GLY C 18 33.27 -13.30 10.45
CA GLY C 18 33.04 -13.19 11.87
C GLY C 18 33.88 -12.12 12.53
N GLN C 19 34.55 -11.30 11.73
CA GLN C 19 35.43 -10.27 12.27
C GLN C 19 34.62 -9.08 12.76
N ALA C 20 34.99 -8.57 13.94
CA ALA C 20 34.39 -7.37 14.51
C ALA C 20 35.53 -6.45 14.90
N THR C 21 35.67 -5.33 14.18
CA THR C 21 36.78 -4.42 14.34
C THR C 21 36.39 -3.22 15.19
N LEU C 22 37.29 -2.85 16.11
CA LEU C 22 37.17 -1.63 16.90
C LEU C 22 38.40 -0.77 16.62
N GLY C 23 38.22 0.28 15.82
CA GLY C 23 39.33 1.07 15.39
C GLY C 23 40.29 0.28 14.50
N ASN C 24 41.52 0.13 14.96
CA ASN C 24 42.52 -0.66 14.25
C ASN C 24 42.78 -2.01 14.93
N THR C 25 41.91 -2.42 15.85
CA THR C 25 42.07 -3.68 16.56
C THR C 25 40.87 -4.58 16.28
N VAL C 26 41.11 -5.89 16.32
CA VAL C 26 40.05 -6.87 16.17
C VAL C 26 39.44 -7.12 17.55
N MET C 27 38.13 -6.92 17.67
CA MET C 27 37.40 -7.13 18.91
C MET C 27 36.99 -8.59 19.09
N LYS C 28 36.50 -9.22 18.02
CA LYS C 28 36.00 -10.59 18.10
C LYS C 28 36.05 -11.18 16.69
N GLY C 29 36.52 -12.42 16.59
CA GLY C 29 36.73 -13.03 15.30
C GLY C 29 35.75 -14.13 14.94
N ASN C 30 34.83 -14.47 15.86
CA ASN C 30 33.89 -15.54 15.64
C ASN C 30 32.43 -15.07 15.71
N VAL C 31 32.18 -13.84 15.27
CA VAL C 31 30.83 -13.29 15.25
C VAL C 31 29.97 -14.08 14.27
N LYS C 32 28.74 -14.38 14.68
CA LYS C 32 27.75 -15.04 13.82
C LYS C 32 26.89 -13.95 13.18
N LYS C 33 27.24 -13.59 11.94
CA LYS C 33 26.53 -12.55 11.22
C LYS C 33 25.43 -13.08 10.31
N VAL C 34 25.15 -14.39 10.37
CA VAL C 34 24.12 -15.02 9.57
C VAL C 34 23.23 -15.84 10.49
N ARG C 35 21.93 -15.85 10.20
CA ARG C 35 20.96 -16.59 11.01
C ARG C 35 19.73 -16.87 10.17
N ARG C 36 18.87 -17.74 10.69
CA ARG C 36 17.63 -18.11 10.03
C ARG C 36 16.44 -17.41 10.70
N LEU C 37 15.37 -17.20 9.94
CA LEU C 37 14.22 -16.46 10.43
C LEU C 37 12.94 -17.06 9.87
N TYR C 38 11.83 -16.68 10.51
CA TYR C 38 10.49 -17.09 10.09
C TYR C 38 10.36 -18.61 10.00
N ASN C 39 10.68 -19.28 11.10
CA ASN C 39 10.51 -20.73 11.22
C ASN C 39 11.30 -21.48 10.14
N ASP C 40 12.55 -21.07 9.97
CA ASP C 40 13.52 -21.73 9.09
C ASP C 40 13.20 -21.58 7.61
N LYS C 41 12.23 -20.76 7.25
CA LYS C 41 11.89 -20.52 5.85
C LYS C 41 12.69 -19.38 5.24
N VAL C 42 13.41 -18.60 6.05
CA VAL C 42 14.10 -17.41 5.58
C VAL C 42 15.50 -17.38 6.18
N ILE C 43 16.49 -16.98 5.37
CA ILE C 43 17.86 -16.78 5.79
C ILE C 43 18.19 -15.30 5.68
N ALA C 44 19.09 -14.82 6.54
CA ALA C 44 19.39 -13.39 6.59
C ALA C 44 20.78 -13.15 7.15
N GLY C 45 21.34 -11.99 6.79
CA GLY C 45 22.61 -11.55 7.32
C GLY C 45 22.58 -10.05 7.60
N PHE C 46 23.63 -9.57 8.25
CA PHE C 46 23.67 -8.18 8.68
C PHE C 46 25.10 -7.71 8.81
N ALA C 47 25.34 -6.46 8.45
CA ALA C 47 26.64 -5.81 8.61
C ALA C 47 26.44 -4.59 9.51
N GLY C 48 26.85 -4.70 10.75
CA GLY C 48 26.70 -3.62 11.71
C GLY C 48 26.58 -4.18 13.12
N GLY C 49 26.04 -3.35 14.01
CA GLY C 49 25.84 -3.78 15.38
C GLY C 49 24.94 -5.01 15.45
N THR C 50 25.33 -5.94 16.32
CA THR C 50 24.61 -7.22 16.38
C THR C 50 23.18 -7.03 16.87
N ALA C 51 22.99 -6.20 17.90
CA ALA C 51 21.65 -5.96 18.44
C ALA C 51 20.81 -5.09 17.51
N ASP C 52 21.44 -4.22 16.72
CA ASP C 52 20.68 -3.48 15.72
C ASP C 52 19.97 -4.42 14.76
N ALA C 53 20.65 -5.50 14.35
CA ALA C 53 20.04 -6.46 13.46
C ALA C 53 19.00 -7.31 14.17
N PHE C 54 19.31 -7.77 15.39
CA PHE C 54 18.35 -8.58 16.14
C PHE C 54 17.04 -7.83 16.35
N THR C 55 17.11 -6.50 16.47
CA THR C 55 15.90 -5.70 16.55
C THR C 55 15.19 -5.67 15.20
N LEU C 56 15.95 -5.45 14.13
CA LEU C 56 15.35 -5.37 12.80
C LEU C 56 14.85 -6.74 12.32
N PHE C 57 15.56 -7.81 12.67
CA PHE C 57 15.14 -9.13 12.24
C PHE C 57 13.83 -9.55 12.92
N GLU C 58 13.70 -9.24 14.22
CA GLU C 58 12.47 -9.60 14.92
C GLU C 58 11.27 -8.87 14.34
N LEU C 59 11.41 -7.57 14.09
CA LEU C 59 10.32 -6.82 13.48
C LEU C 59 10.05 -7.30 12.06
N PHE C 60 11.09 -7.72 11.34
CA PHE C 60 10.89 -8.21 9.98
C PHE C 60 10.05 -9.49 9.97
N GLU C 61 10.23 -10.35 10.98
CA GLU C 61 9.40 -11.54 11.10
C GLU C 61 7.96 -11.17 11.42
N ARG C 62 7.74 -10.09 12.18
CA ARG C 62 6.38 -9.63 12.44
C ARG C 62 5.75 -9.09 11.16
N LYS C 63 6.54 -8.40 10.33
CA LYS C 63 6.03 -7.95 9.04
C LYS C 63 5.68 -9.13 8.13
N LEU C 64 6.43 -10.23 8.25
CA LEU C 64 6.11 -11.43 7.47
C LEU C 64 4.82 -12.08 7.95
N GLU C 65 4.53 -11.99 9.25
CA GLU C 65 3.28 -12.57 9.75
C GLU C 65 2.07 -11.78 9.27
N MET C 66 2.20 -10.45 9.20
CA MET C 66 1.11 -9.62 8.70
C MET C 66 0.91 -9.81 7.19
N HIS C 67 1.98 -10.16 6.48
CA HIS C 67 1.94 -10.33 5.03
C HIS C 67 2.02 -11.78 4.60
N GLN C 68 1.82 -12.72 5.51
CA GLN C 68 1.81 -14.16 5.21
C GLN C 68 3.15 -14.62 4.63
N GLY C 69 4.23 -14.04 5.14
CA GLY C 69 5.56 -14.43 4.71
C GLY C 69 6.02 -13.87 3.39
N HIS C 70 5.27 -12.94 2.79
CA HIS C 70 5.69 -12.33 1.54
C HIS C 70 6.96 -11.51 1.79
N LEU C 71 8.04 -11.85 1.08
CA LEU C 71 9.35 -11.26 1.39
C LEU C 71 9.41 -9.79 0.97
N VAL C 72 9.01 -9.49 -0.26
CA VAL C 72 9.18 -8.14 -0.80
C VAL C 72 8.30 -7.15 -0.04
N LYS C 73 7.02 -7.49 0.13
CA LYS C 73 6.10 -6.55 0.77
C LYS C 73 6.48 -6.30 2.22
N ALA C 74 6.92 -7.34 2.93
CA ALA C 74 7.37 -7.17 4.31
C ALA C 74 8.68 -6.39 4.38
N ALA C 75 9.53 -6.53 3.36
CA ALA C 75 10.79 -5.79 3.35
C ALA C 75 10.55 -4.28 3.20
N VAL C 76 9.53 -3.91 2.42
CA VAL C 76 9.19 -2.49 2.27
C VAL C 76 8.62 -1.94 3.56
N GLU C 77 7.72 -2.69 4.21
CA GLU C 77 7.16 -2.24 5.47
C GLU C 77 8.23 -2.09 6.54
N LEU C 78 9.26 -2.94 6.50
CA LEU C 78 10.38 -2.78 7.42
C LEU C 78 11.19 -1.54 7.07
N ALA C 79 11.47 -1.33 5.77
CA ALA C 79 12.21 -0.15 5.35
C ALA C 79 11.40 1.13 5.60
N LYS C 80 10.08 1.04 5.50
CA LYS C 80 9.24 2.20 5.79
C LYS C 80 9.31 2.57 7.27
N ASP C 81 9.21 1.57 8.14
CA ASP C 81 9.30 1.82 9.58
C ASP C 81 10.71 2.18 10.01
N TRP C 82 11.72 1.67 9.30
CA TRP C 82 13.11 1.96 9.66
C TRP C 82 13.39 3.44 9.52
N ARG C 83 13.07 4.02 8.36
CA ARG C 83 13.31 5.45 8.17
C ARG C 83 12.37 6.31 9.00
N THR C 84 11.19 5.80 9.32
CA THR C 84 10.14 6.65 9.91
C THR C 84 10.30 6.79 11.42
N ASP C 85 10.58 5.70 12.12
CA ASP C 85 10.59 5.75 13.57
C ASP C 85 11.83 6.49 14.05
N ARG C 86 11.63 7.38 15.01
CA ARG C 86 12.76 8.13 15.59
C ARG C 86 13.74 7.21 16.28
N MET C 87 13.26 6.09 16.82
CA MET C 87 14.16 5.14 17.48
C MET C 87 14.84 4.23 16.46
N LEU C 88 14.10 3.79 15.44
CA LEU C 88 14.67 2.92 14.42
C LEU C 88 15.61 3.68 13.49
N ARG C 89 15.41 5.00 13.34
CA ARG C 89 16.28 5.78 12.47
C ARG C 89 17.70 5.86 13.01
N LYS C 90 17.86 5.74 14.33
CA LYS C 90 19.19 5.72 14.93
C LYS C 90 19.95 4.45 14.59
N LEU C 91 19.26 3.38 14.20
CA LEU C 91 19.95 2.14 13.89
C LEU C 91 20.79 2.30 12.64
N GLU C 92 21.96 1.64 12.63
CA GLU C 92 22.91 1.70 11.53
C GLU C 92 23.31 0.28 11.20
N ALA C 93 22.80 -0.26 10.09
CA ALA C 93 23.12 -1.61 9.69
C ALA C 93 22.78 -1.79 8.21
N LEU C 94 23.31 -2.85 7.63
CA LEU C 94 23.03 -3.25 6.26
C LEU C 94 22.49 -4.67 6.27
N LEU C 95 21.21 -4.82 5.97
CA LEU C 95 20.53 -6.09 6.05
C LEU C 95 20.53 -6.81 4.70
N ALA C 96 20.66 -8.14 4.77
CA ALA C 96 20.56 -8.99 3.59
C ALA C 96 19.66 -10.16 3.94
N VAL C 97 18.72 -10.48 3.04
CA VAL C 97 17.70 -11.47 3.33
C VAL C 97 17.28 -12.13 2.01
N ALA C 98 16.86 -13.38 2.11
CA ALA C 98 16.49 -14.15 0.92
C ALA C 98 15.60 -15.32 1.32
N ASP C 99 14.74 -15.72 0.39
CA ASP C 99 13.92 -16.93 0.54
C ASP C 99 13.93 -17.66 -0.80
N GLU C 100 13.01 -18.61 -0.96
CA GLU C 100 12.90 -19.32 -2.23
C GLU C 100 12.40 -18.43 -3.34
N THR C 101 11.75 -17.30 -3.00
CA THR C 101 11.20 -16.39 -4.01
C THR C 101 12.30 -15.53 -4.65
N ALA C 102 12.94 -14.69 -3.85
CA ALA C 102 13.97 -13.81 -4.38
C ALA C 102 14.89 -13.38 -3.24
N SER C 103 15.96 -12.68 -3.61
CA SER C 103 16.90 -12.12 -2.65
C SER C 103 16.89 -10.60 -2.78
N LEU C 104 17.09 -9.90 -1.67
CA LEU C 104 17.07 -8.45 -1.71
C LEU C 104 17.86 -7.87 -0.54
N ILE C 105 18.18 -6.58 -0.67
CA ILE C 105 18.91 -5.84 0.35
C ILE C 105 17.97 -4.82 0.98
N ILE C 106 18.22 -4.53 2.26
CA ILE C 106 17.47 -3.51 3.00
C ILE C 106 18.47 -2.57 3.65
N THR C 107 18.19 -1.28 3.60
CA THR C 107 19.10 -0.26 4.09
C THR C 107 18.38 0.68 5.05
N GLY C 108 19.16 1.43 5.82
CA GLY C 108 18.62 2.41 6.75
C GLY C 108 18.04 3.66 6.09
N ASN C 109 18.34 3.87 4.81
CA ASN C 109 17.73 4.95 4.05
C ASN C 109 16.33 4.60 3.54
N GLY C 110 15.84 3.40 3.84
CA GLY C 110 14.56 2.95 3.34
C GLY C 110 14.59 2.40 1.93
N ASP C 111 15.76 2.09 1.39
CA ASP C 111 15.89 1.62 0.02
C ASP C 111 15.91 0.10 0.01
N VAL C 112 14.96 -0.50 -0.71
CA VAL C 112 14.90 -1.94 -0.91
C VAL C 112 15.37 -2.24 -2.33
N VAL C 113 16.32 -3.17 -2.45
CA VAL C 113 17.03 -3.41 -3.70
C VAL C 113 17.20 -4.91 -3.90
N GLN C 114 16.93 -5.38 -5.12
CA GLN C 114 17.16 -6.77 -5.50
C GLN C 114 18.20 -6.81 -6.61
N PRO C 115 19.42 -7.28 -6.35
CA PRO C 115 20.46 -7.25 -7.38
C PRO C 115 20.10 -8.09 -8.60
N GLU C 116 20.90 -7.92 -9.65
CA GLU C 116 20.53 -8.41 -10.98
C GLU C 116 20.31 -9.92 -10.99
N ASN C 117 21.28 -10.69 -10.50
CA ASN C 117 21.14 -12.14 -10.42
C ASN C 117 20.81 -12.61 -9.02
N ASP C 118 20.17 -11.77 -8.21
CA ASP C 118 19.97 -12.05 -6.79
C ASP C 118 21.32 -12.27 -6.11
N LEU C 119 22.33 -11.55 -6.59
CA LEU C 119 23.70 -11.64 -6.07
C LEU C 119 23.94 -10.45 -5.16
N ILE C 120 23.91 -10.71 -3.86
CA ILE C 120 24.09 -9.68 -2.85
C ILE C 120 25.50 -9.77 -2.29
N ALA C 121 26.13 -8.62 -2.10
CA ALA C 121 27.45 -8.56 -1.48
C ALA C 121 27.56 -7.22 -0.77
N ILE C 122 27.54 -7.25 0.56
CA ILE C 122 27.50 -6.06 1.38
C ILE C 122 28.66 -6.08 2.38
N GLY C 123 28.75 -5.00 3.16
CA GLY C 123 29.85 -4.84 4.09
C GLY C 123 31.02 -4.11 3.47
N SER C 124 32.04 -3.88 4.29
CA SER C 124 33.26 -3.24 3.80
C SER C 124 33.94 -4.08 2.72
N GLY C 125 33.77 -5.40 2.79
CA GLY C 125 34.31 -6.30 1.80
C GLY C 125 33.32 -6.77 0.76
N GLY C 126 32.11 -6.21 0.73
CA GLY C 126 31.09 -6.60 -0.21
C GLY C 126 31.52 -6.53 -1.66
N PRO C 127 31.93 -5.34 -2.12
CA PRO C 127 32.36 -5.20 -3.52
C PRO C 127 33.49 -6.14 -3.89
N TYR C 128 34.35 -6.49 -2.94
CA TYR C 128 35.36 -7.51 -3.20
C TYR C 128 34.70 -8.84 -3.53
N ALA C 129 33.82 -9.31 -2.63
CA ALA C 129 33.16 -10.59 -2.85
C ALA C 129 32.30 -10.57 -4.10
N GLN C 130 31.68 -9.44 -4.41
CA GLN C 130 30.76 -9.38 -5.55
C GLN C 130 31.46 -9.64 -6.87
N ALA C 131 32.70 -9.18 -7.01
CA ALA C 131 33.45 -9.40 -8.24
C ALA C 131 33.96 -10.83 -8.33
N ALA C 132 34.31 -11.46 -7.20
CA ALA C 132 34.71 -12.86 -7.24
C ALA C 132 33.52 -13.76 -7.54
N ALA C 133 32.37 -13.46 -6.93
CA ALA C 133 31.17 -14.25 -7.17
C ALA C 133 30.69 -14.10 -8.61
N ARG C 134 30.77 -12.89 -9.17
CA ARG C 134 30.35 -12.67 -10.54
C ARG C 134 31.22 -13.45 -11.53
N ALA C 135 32.51 -13.63 -11.21
CA ALA C 135 33.39 -14.36 -12.10
C ALA C 135 33.07 -15.85 -12.10
N LEU C 136 32.85 -16.42 -10.92
CA LEU C 136 32.58 -17.86 -10.84
C LEU C 136 31.18 -18.18 -11.35
N LEU C 137 30.22 -17.28 -11.10
CA LEU C 137 28.84 -17.56 -11.48
C LEU C 137 28.68 -17.70 -12.99
N GLU C 138 29.49 -16.98 -13.76
CA GLU C 138 29.38 -16.98 -15.21
C GLU C 138 30.34 -17.94 -15.89
N ASN C 139 31.44 -18.31 -15.24
CA ASN C 139 32.47 -19.14 -15.87
C ASN C 139 32.62 -20.52 -15.24
N THR C 140 31.79 -20.85 -14.25
CA THR C 140 31.85 -22.18 -13.63
C THR C 140 30.43 -22.70 -13.43
N GLU C 141 30.34 -24.01 -13.19
CA GLU C 141 29.09 -24.65 -12.84
C GLU C 141 28.97 -24.88 -11.34
N LEU C 142 29.79 -24.19 -10.54
CA LEU C 142 29.82 -24.40 -9.11
C LEU C 142 28.48 -24.05 -8.47
N SER C 143 28.14 -24.79 -7.41
CA SER C 143 26.90 -24.52 -6.69
C SER C 143 27.01 -23.22 -5.92
N ALA C 144 25.85 -22.68 -5.54
CA ALA C 144 25.81 -21.39 -4.85
C ALA C 144 26.59 -21.41 -3.55
N ARG C 145 26.62 -22.56 -2.86
CA ARG C 145 27.40 -22.66 -1.64
C ARG C 145 28.90 -22.57 -1.91
N GLU C 146 29.35 -23.20 -2.99
CA GLU C 146 30.77 -23.16 -3.33
C GLU C 146 31.20 -21.76 -3.75
N ILE C 147 30.31 -21.01 -4.40
CA ILE C 147 30.65 -19.67 -4.85
C ILE C 147 30.74 -18.71 -3.67
N ALA C 148 29.72 -18.73 -2.79
CA ALA C 148 29.73 -17.83 -1.64
C ALA C 148 30.88 -18.13 -0.69
N GLU C 149 31.28 -19.40 -0.61
CA GLU C 149 32.39 -19.75 0.27
C GLU C 149 33.71 -19.23 -0.28
N LYS C 150 34.00 -19.54 -1.55
CA LYS C 150 35.26 -19.10 -2.14
C LYS C 150 35.32 -17.58 -2.28
N ALA C 151 34.19 -16.94 -2.57
CA ALA C 151 34.18 -15.49 -2.72
C ALA C 151 34.41 -14.80 -1.37
N LEU C 152 33.90 -15.39 -0.29
CA LEU C 152 34.09 -14.80 1.03
C LEU C 152 35.54 -14.91 1.49
N ASP C 153 36.20 -16.03 1.17
CA ASP C 153 37.61 -16.17 1.52
C ASP C 153 38.47 -15.17 0.74
N ILE C 154 38.12 -14.91 -0.52
CA ILE C 154 38.86 -13.93 -1.30
C ILE C 154 38.69 -12.53 -0.71
N ALA C 155 37.47 -12.20 -0.27
CA ALA C 155 37.24 -10.91 0.36
C ALA C 155 37.97 -10.80 1.69
N GLY C 156 38.15 -11.91 2.40
CA GLY C 156 38.90 -11.87 3.65
C GLY C 156 40.38 -11.63 3.42
N ASP C 157 40.93 -12.16 2.33
CA ASP C 157 42.33 -11.91 2.00
C ASP C 157 42.56 -10.47 1.57
N ILE C 158 41.53 -9.82 1.04
CA ILE C 158 41.64 -8.46 0.51
C ILE C 158 41.23 -7.42 1.56
N CYS C 159 40.03 -7.58 2.13
CA CYS C 159 39.56 -6.65 3.15
C CYS C 159 40.29 -6.86 4.47
N ILE C 160 40.78 -5.77 5.04
CA ILE C 160 41.41 -5.86 6.36
C ILE C 160 40.39 -6.04 7.47
N TYR C 161 39.13 -5.65 7.23
CA TYR C 161 38.07 -5.78 8.22
C TYR C 161 37.31 -7.09 8.11
N THR C 162 37.71 -7.99 7.22
CA THR C 162 37.06 -9.26 7.02
C THR C 162 38.04 -10.39 7.27
N ASN C 163 37.60 -11.42 7.99
CA ASN C 163 38.41 -12.59 8.28
C ASN C 163 37.85 -13.82 7.56
N HIS C 164 38.42 -14.97 7.88
CA HIS C 164 38.05 -16.22 7.23
C HIS C 164 37.12 -17.09 8.08
N PHE C 165 36.69 -16.61 9.24
CA PHE C 165 35.63 -17.29 9.98
C PHE C 165 34.32 -17.16 9.20
N HIS C 166 33.63 -18.28 9.00
CA HIS C 166 32.48 -18.31 8.12
C HIS C 166 31.26 -18.89 8.83
N THR C 167 30.09 -18.39 8.43
CA THR C 167 28.80 -18.91 8.87
C THR C 167 27.85 -18.88 7.68
N ILE C 168 27.24 -20.02 7.38
CA ILE C 168 26.40 -20.17 6.19
C ILE C 168 25.06 -20.77 6.58
N GLU C 169 24.01 -20.36 5.87
CA GLU C 169 22.67 -20.92 6.02
C GLU C 169 22.09 -21.12 4.63
N GLU C 170 22.10 -22.36 4.15
CA GLU C 170 21.58 -22.68 2.83
C GLU C 170 20.08 -22.97 2.90
N LEU C 171 19.39 -22.66 1.80
CA LEU C 171 17.97 -22.97 1.64
C LEU C 171 17.78 -23.64 0.30
N SER C 172 17.24 -24.86 0.32
CA SER C 172 16.99 -25.64 -0.89
C SER C 172 15.50 -25.69 -1.17
N TYR C 173 15.12 -25.35 -2.41
CA TYR C 173 13.72 -25.39 -2.81
C TYR C 173 13.54 -26.18 -4.09
N LYS C 174 14.55 -26.14 -4.97
CA LYS C 174 14.54 -26.93 -6.20
C LYS C 174 13.27 -26.68 -7.03
N THR D 1 21.64 8.97 -10.78
CA THR D 1 20.24 8.90 -11.15
C THR D 1 19.84 10.08 -12.04
N THR D 2 19.06 9.81 -13.08
CA THR D 2 18.58 10.85 -13.98
C THR D 2 17.20 10.44 -14.47
N ILE D 3 16.28 11.40 -14.51
CA ILE D 3 14.92 11.17 -14.97
C ILE D 3 14.49 12.35 -15.82
N VAL D 4 13.90 12.07 -16.98
CA VAL D 4 13.52 13.09 -17.94
C VAL D 4 12.04 12.91 -18.29
N SER D 5 11.38 14.04 -18.58
CA SER D 5 10.01 14.04 -19.06
C SER D 5 9.89 15.07 -20.16
N VAL D 6 9.29 14.68 -21.29
CA VAL D 6 9.10 15.55 -22.45
C VAL D 6 7.65 15.41 -22.91
N ARG D 7 7.10 16.52 -23.39
CA ARG D 7 5.73 16.57 -23.89
C ARG D 7 5.74 17.23 -25.26
N ARG D 8 5.20 16.53 -26.26
CA ARG D 8 5.20 17.07 -27.62
C ARG D 8 4.17 16.35 -28.48
N ASN D 9 3.44 17.12 -29.28
CA ASN D 9 2.52 16.59 -30.29
C ASN D 9 1.49 15.63 -29.69
N GLY D 10 0.90 16.05 -28.58
CA GLY D 10 -0.11 15.21 -27.95
C GLY D 10 0.44 14.00 -27.24
N HIS D 11 1.74 13.97 -26.96
CA HIS D 11 2.38 12.85 -26.30
C HIS D 11 3.27 13.37 -25.18
N VAL D 12 3.35 12.61 -24.10
CA VAL D 12 4.20 12.92 -22.96
C VAL D 12 4.81 11.63 -22.45
N VAL D 13 6.09 11.68 -22.09
CA VAL D 13 6.83 10.50 -21.65
C VAL D 13 7.60 10.82 -20.38
N ILE D 14 8.01 9.76 -19.69
CA ILE D 14 8.92 9.86 -18.55
C ILE D 14 9.92 8.71 -18.66
N ALA D 15 11.22 9.04 -18.63
CA ALA D 15 12.28 8.06 -18.76
C ALA D 15 13.27 8.22 -17.61
N GLY D 16 13.82 7.10 -17.17
CA GLY D 16 14.78 7.11 -16.08
C GLY D 16 15.76 5.96 -16.20
N ASP D 17 16.95 6.15 -15.64
CA ASP D 17 17.97 5.13 -15.67
C ASP D 17 17.72 4.09 -14.59
N GLY D 18 18.53 3.03 -14.61
CA GLY D 18 18.42 1.95 -13.65
C GLY D 18 19.56 1.81 -12.68
N GLN D 19 20.49 2.76 -12.62
CA GLN D 19 21.65 2.64 -11.75
C GLN D 19 21.28 2.95 -10.29
N ALA D 20 21.76 2.10 -9.39
CA ALA D 20 21.62 2.31 -7.95
C ALA D 20 23.01 2.25 -7.34
N THR D 21 23.50 3.37 -6.84
CA THR D 21 24.87 3.49 -6.36
C THR D 21 24.93 3.37 -4.85
N LEU D 22 25.95 2.66 -4.36
CA LEU D 22 26.25 2.55 -2.93
C LEU D 22 27.70 3.01 -2.74
N GLY D 23 27.86 4.26 -2.31
CA GLY D 23 29.19 4.84 -2.22
C GLY D 23 29.82 5.01 -3.59
N ASN D 24 30.92 4.30 -3.83
CA ASN D 24 31.60 4.31 -5.12
C ASN D 24 31.36 3.03 -5.90
N THR D 25 30.35 2.25 -5.52
CA THR D 25 30.03 0.98 -6.17
C THR D 25 28.62 1.01 -6.73
N VAL D 26 28.41 0.19 -7.76
CA VAL D 26 27.08 0.03 -8.36
C VAL D 26 26.38 -1.12 -7.65
N MET D 27 25.21 -0.84 -7.09
CA MET D 27 24.46 -1.84 -6.34
C MET D 27 23.52 -2.64 -7.24
N LYS D 28 22.92 -1.98 -8.22
CA LYS D 28 21.90 -2.61 -9.07
C LYS D 28 21.71 -1.74 -10.30
N GLY D 29 21.83 -2.33 -11.48
CA GLY D 29 21.79 -1.60 -12.72
C GLY D 29 20.51 -1.65 -13.50
N ASN D 30 19.50 -2.39 -13.02
CA ASN D 30 18.23 -2.55 -13.73
C ASN D 30 17.06 -2.03 -12.90
N VAL D 31 17.28 -1.01 -12.08
CA VAL D 31 16.21 -0.45 -11.26
C VAL D 31 15.14 0.15 -12.16
N LYS D 32 13.88 -0.14 -11.84
CA LYS D 32 12.74 0.43 -12.54
C LYS D 32 12.31 1.69 -11.78
N LYS D 33 12.80 2.84 -12.23
CA LYS D 33 12.50 4.10 -11.58
C LYS D 33 11.29 4.81 -12.18
N VAL D 34 10.59 4.16 -13.11
CA VAL D 34 9.41 4.72 -13.76
C VAL D 34 8.28 3.70 -13.66
N ARG D 35 7.07 4.19 -13.45
CA ARG D 35 5.90 3.31 -13.35
C ARG D 35 4.64 4.13 -13.66
N ARG D 36 3.53 3.43 -13.86
CA ARG D 36 2.25 4.04 -14.16
C ARG D 36 1.37 4.03 -12.91
N LEU D 37 0.46 5.01 -12.84
CA LEU D 37 -0.37 5.20 -11.67
C LEU D 37 -1.78 5.61 -12.08
N TYR D 38 -2.70 5.53 -11.12
CA TYR D 38 -4.08 5.98 -11.29
C TYR D 38 -4.74 5.30 -12.49
N ASN D 39 -4.68 3.97 -12.52
CA ASN D 39 -5.34 3.17 -13.55
C ASN D 39 -4.85 3.54 -14.94
N ASP D 40 -3.53 3.65 -15.08
CA ASP D 40 -2.83 3.85 -16.34
C ASP D 40 -3.05 5.23 -16.95
N LYS D 41 -3.67 6.16 -16.22
CA LYS D 41 -3.86 7.51 -16.72
C LYS D 41 -2.73 8.45 -16.33
N VAL D 42 -1.80 8.02 -15.48
CA VAL D 42 -0.74 8.87 -14.96
C VAL D 42 0.58 8.10 -15.01
N ILE D 43 1.65 8.79 -15.40
CA ILE D 43 3.00 8.26 -15.41
C ILE D 43 3.84 9.04 -14.40
N ALA D 44 4.81 8.37 -13.79
CA ALA D 44 5.58 8.99 -12.73
C ALA D 44 6.97 8.36 -12.61
N GLY D 45 7.90 9.13 -12.04
CA GLY D 45 9.24 8.64 -11.77
C GLY D 45 9.73 9.18 -10.45
N PHE D 46 10.88 8.66 -10.02
CA PHE D 46 11.39 8.99 -8.69
C PHE D 46 12.90 8.81 -8.65
N ALA D 47 13.57 9.72 -7.94
CA ALA D 47 15.01 9.65 -7.72
C ALA D 47 15.24 9.55 -6.22
N GLY D 48 15.55 8.35 -5.75
CA GLY D 48 15.79 8.12 -4.33
C GLY D 48 15.49 6.68 -3.98
N GLY D 49 15.25 6.47 -2.69
CA GLY D 49 14.94 5.13 -2.21
C GLY D 49 13.69 4.59 -2.88
N THR D 50 13.72 3.29 -3.18
CA THR D 50 12.60 2.67 -3.90
C THR D 50 11.33 2.68 -3.06
N ALA D 51 11.45 2.28 -1.79
CA ALA D 51 10.29 2.21 -0.92
C ALA D 51 9.73 3.59 -0.59
N ASP D 52 10.59 4.60 -0.50
CA ASP D 52 10.10 5.95 -0.21
C ASP D 52 9.18 6.44 -1.32
N ALA D 53 9.46 6.08 -2.57
CA ALA D 53 8.60 6.49 -3.68
C ALA D 53 7.31 5.69 -3.70
N PHE D 54 7.40 4.38 -3.47
CA PHE D 54 6.20 3.55 -3.45
C PHE D 54 5.20 4.06 -2.42
N THR D 55 5.69 4.55 -1.28
CA THR D 55 4.81 5.14 -0.28
C THR D 55 4.19 6.43 -0.79
N LEU D 56 4.99 7.31 -1.39
CA LEU D 56 4.47 8.57 -1.90
C LEU D 56 3.57 8.37 -3.10
N PHE D 57 3.84 7.34 -3.91
CA PHE D 57 2.99 7.08 -5.07
C PHE D 57 1.60 6.62 -4.66
N GLU D 58 1.54 5.69 -3.69
CA GLU D 58 0.25 5.21 -3.20
C GLU D 58 -0.57 6.34 -2.62
N LEU D 59 0.04 7.18 -1.78
CA LEU D 59 -0.67 8.32 -1.21
C LEU D 59 -1.04 9.33 -2.27
N PHE D 60 -0.25 9.42 -3.35
CA PHE D 60 -0.59 10.33 -4.44
C PHE D 60 -1.85 9.86 -5.16
N GLU D 61 -2.01 8.55 -5.34
CA GLU D 61 -3.25 8.03 -5.91
C GLU D 61 -4.43 8.30 -4.99
N ARG D 62 -4.21 8.30 -3.68
CA ARG D 62 -5.28 8.64 -2.75
C ARG D 62 -5.73 10.08 -2.95
N LYS D 63 -4.76 11.00 -3.05
CA LYS D 63 -5.09 12.41 -3.27
C LYS D 63 -5.80 12.61 -4.62
N LEU D 64 -5.46 11.79 -5.61
CA LEU D 64 -6.13 11.89 -6.91
C LEU D 64 -7.58 11.44 -6.82
N GLU D 65 -7.86 10.42 -6.00
CA GLU D 65 -9.23 9.96 -5.85
C GLU D 65 -10.09 10.98 -5.11
N MET D 66 -9.51 11.65 -4.11
CA MET D 66 -10.23 12.71 -3.41
C MET D 66 -10.53 13.88 -4.33
N HIS D 67 -9.63 14.16 -5.28
CA HIS D 67 -9.73 15.32 -6.15
C HIS D 67 -10.14 14.96 -7.58
N GLN D 68 -10.67 13.75 -7.78
CA GLN D 68 -11.14 13.29 -9.09
C GLN D 68 -10.03 13.30 -10.13
N GLY D 69 -8.83 12.91 -9.71
CA GLY D 69 -7.72 12.81 -10.65
C GLY D 69 -7.09 14.12 -11.07
N HIS D 70 -7.44 15.23 -10.42
CA HIS D 70 -6.81 16.51 -10.73
C HIS D 70 -5.35 16.46 -10.29
N LEU D 71 -4.43 16.66 -11.25
CA LEU D 71 -3.02 16.44 -10.97
C LEU D 71 -2.45 17.53 -10.07
N VAL D 72 -2.75 18.80 -10.37
CA VAL D 72 -2.15 19.91 -9.63
C VAL D 72 -2.61 19.92 -8.18
N LYS D 73 -3.93 19.81 -7.98
CA LYS D 73 -4.47 19.89 -6.62
C LYS D 73 -4.02 18.70 -5.77
N ALA D 74 -3.95 17.52 -6.37
CA ALA D 74 -3.46 16.35 -5.64
C ALA D 74 -1.98 16.47 -5.34
N ALA D 75 -1.22 17.12 -6.22
CA ALA D 75 0.21 17.31 -5.96
C ALA D 75 0.44 18.24 -4.79
N VAL D 76 -0.42 19.25 -4.62
CA VAL D 76 -0.27 20.17 -3.50
C VAL D 76 -0.60 19.47 -2.19
N GLU D 77 -1.64 18.63 -2.18
CA GLU D 77 -2.00 17.89 -0.97
C GLU D 77 -0.94 16.88 -0.60
N LEU D 78 -0.26 16.29 -1.59
CA LEU D 78 0.84 15.39 -1.31
C LEU D 78 2.03 16.15 -0.74
N ALA D 79 2.38 17.27 -1.37
CA ALA D 79 3.47 18.10 -0.85
C ALA D 79 3.11 18.71 0.50
N LYS D 80 1.81 18.89 0.77
CA LYS D 80 1.39 19.43 2.06
C LYS D 80 1.62 18.42 3.17
N ASP D 81 1.18 17.19 2.97
CA ASP D 81 1.38 16.16 4.00
C ASP D 81 2.82 15.68 4.07
N TRP D 82 3.56 15.78 2.96
CA TRP D 82 4.95 15.35 2.95
C TRP D 82 5.79 16.19 3.91
N ARG D 83 5.69 17.51 3.82
CA ARG D 83 6.39 18.38 4.75
C ARG D 83 5.83 18.28 6.16
N THR D 84 4.52 18.05 6.29
CA THR D 84 3.85 18.14 7.58
C THR D 84 4.09 16.90 8.44
N ASP D 85 3.75 15.73 7.91
CA ASP D 85 3.80 14.51 8.71
C ASP D 85 5.22 14.25 9.18
N ARG D 86 5.37 13.95 10.47
CA ARG D 86 6.68 13.59 11.00
C ARG D 86 7.19 12.30 10.37
N MET D 87 6.28 11.42 9.93
CA MET D 87 6.69 10.20 9.26
C MET D 87 7.17 10.49 7.84
N LEU D 88 6.39 11.25 7.09
CA LEU D 88 6.73 11.53 5.69
C LEU D 88 7.89 12.51 5.57
N ARG D 89 8.11 13.35 6.58
CA ARG D 89 9.22 14.29 6.52
C ARG D 89 10.56 13.59 6.46
N LYS D 90 10.65 12.37 7.00
CA LYS D 90 11.89 11.61 6.95
C LYS D 90 12.19 11.09 5.56
N LEU D 91 11.18 10.95 4.70
CA LEU D 91 11.41 10.45 3.35
C LEU D 91 12.22 11.45 2.54
N GLU D 92 13.15 10.94 1.74
CA GLU D 92 14.01 11.75 0.89
C GLU D 92 13.94 11.21 -0.53
N ALA D 93 13.27 11.94 -1.41
CA ALA D 93 13.14 11.55 -2.81
C ALA D 93 12.74 12.75 -3.63
N LEU D 94 12.91 12.62 -4.95
CA LEU D 94 12.51 13.63 -5.91
C LEU D 94 11.54 12.99 -6.88
N LEU D 95 10.26 13.39 -6.79
CA LEU D 95 9.22 12.79 -7.61
C LEU D 95 8.97 13.61 -8.87
N ALA D 96 8.67 12.90 -9.95
CA ALA D 96 8.28 13.51 -11.21
C ALA D 96 7.02 12.81 -11.70
N VAL D 97 6.03 13.59 -12.15
CA VAL D 97 4.73 13.05 -12.49
C VAL D 97 4.11 13.92 -13.56
N ALA D 98 3.27 13.30 -14.41
CA ALA D 98 2.66 14.01 -15.52
C ALA D 98 1.42 13.26 -15.98
N ASP D 99 0.49 13.99 -16.58
CA ASP D 99 -0.68 13.44 -17.24
C ASP D 99 -0.90 14.21 -18.53
N GLU D 100 -2.06 14.02 -19.15
CA GLU D 100 -2.37 14.76 -20.36
C GLU D 100 -2.57 16.25 -20.09
N THR D 101 -2.80 16.63 -18.83
CA THR D 101 -2.98 18.04 -18.48
C THR D 101 -1.65 18.79 -18.48
N ALA D 102 -0.76 18.43 -17.56
CA ALA D 102 0.54 19.09 -17.46
C ALA D 102 1.51 18.17 -16.73
N SER D 103 2.78 18.58 -16.71
CA SER D 103 3.84 17.88 -16.02
C SER D 103 4.36 18.76 -14.88
N LEU D 104 4.75 18.13 -13.78
CA LEU D 104 5.22 18.90 -12.64
C LEU D 104 6.17 18.07 -11.79
N ILE D 105 6.88 18.76 -10.90
CA ILE D 105 7.86 18.16 -9.99
C ILE D 105 7.35 18.33 -8.56
N ILE D 106 7.64 17.34 -7.72
CA ILE D 106 7.29 17.36 -6.31
C ILE D 106 8.54 17.05 -5.50
N THR D 107 8.74 17.78 -4.41
CA THR D 107 9.94 17.65 -3.59
C THR D 107 9.56 17.43 -2.13
N GLY D 108 10.54 17.01 -1.33
CA GLY D 108 10.34 16.82 0.09
C GLY D 108 10.25 18.11 0.88
N ASN D 109 10.68 19.24 0.30
CA ASN D 109 10.45 20.54 0.90
C ASN D 109 9.00 20.99 0.77
N GLY D 110 8.17 20.24 0.05
CA GLY D 110 6.81 20.63 -0.21
C GLY D 110 6.61 21.49 -1.43
N ASP D 111 7.65 21.74 -2.22
CA ASP D 111 7.58 22.64 -3.36
C ASP D 111 7.08 21.90 -4.59
N VAL D 112 6.03 22.44 -5.21
CA VAL D 112 5.50 21.93 -6.45
C VAL D 112 5.88 22.88 -7.57
N VAL D 113 6.42 22.35 -8.65
CA VAL D 113 7.00 23.15 -9.73
C VAL D 113 6.60 22.56 -11.06
N GLN D 114 6.19 23.42 -11.99
CA GLN D 114 5.97 23.03 -13.38
C GLN D 114 7.02 23.69 -14.26
N PRO D 115 7.88 22.92 -14.93
CA PRO D 115 8.91 23.53 -15.77
C PRO D 115 8.31 24.30 -16.96
N GLU D 116 9.16 25.11 -17.58
CA GLU D 116 8.69 26.08 -18.58
C GLU D 116 7.95 25.40 -19.72
N ASN D 117 8.58 24.40 -20.35
CA ASN D 117 7.92 23.65 -21.41
C ASN D 117 7.41 22.30 -20.94
N ASP D 118 7.11 22.17 -19.64
CA ASP D 118 6.82 20.87 -19.04
C ASP D 118 7.99 19.92 -19.22
N LEU D 119 9.21 20.48 -19.21
CA LEU D 119 10.43 19.72 -19.43
C LEU D 119 11.08 19.44 -18.08
N ILE D 120 10.91 18.22 -17.59
CA ILE D 120 11.42 17.81 -16.29
C ILE D 120 12.75 17.09 -16.48
N ALA D 121 13.71 17.37 -15.59
CA ALA D 121 15.00 16.70 -15.60
C ALA D 121 15.54 16.73 -14.19
N ILE D 122 15.49 15.59 -13.49
CA ILE D 122 15.86 15.50 -12.09
C ILE D 122 16.95 14.46 -11.92
N GLY D 123 17.41 14.32 -10.68
CA GLY D 123 18.49 13.39 -10.38
C GLY D 123 19.85 14.06 -10.43
N SER D 124 20.87 13.26 -10.14
CA SER D 124 22.24 13.76 -10.18
C SER D 124 22.64 14.18 -11.58
N GLY D 125 22.15 13.49 -12.60
CA GLY D 125 22.38 13.85 -13.99
C GLY D 125 21.28 14.67 -14.63
N GLY D 126 20.34 15.18 -13.85
CA GLY D 126 19.24 15.96 -14.36
C GLY D 126 19.66 17.15 -15.22
N PRO D 127 20.53 18.00 -14.68
CA PRO D 127 21.01 19.14 -15.49
C PRO D 127 21.64 18.74 -16.81
N TYR D 128 22.33 17.60 -16.86
CA TYR D 128 22.90 17.15 -18.12
C TYR D 128 21.82 16.77 -19.12
N ALA D 129 20.75 16.14 -18.65
CA ALA D 129 19.66 15.75 -19.56
C ALA D 129 18.85 16.97 -20.00
N GLN D 130 18.67 17.94 -19.10
CA GLN D 130 17.94 19.15 -19.48
C GLN D 130 18.69 19.93 -20.56
N ALA D 131 20.03 19.91 -20.52
CA ALA D 131 20.80 20.59 -21.54
C ALA D 131 20.60 19.95 -22.91
N ALA D 132 20.56 18.62 -22.96
CA ALA D 132 20.38 17.93 -24.24
C ALA D 132 18.95 18.01 -24.73
N ALA D 133 17.99 17.80 -23.82
CA ALA D 133 16.58 17.85 -24.23
C ALA D 133 16.19 19.25 -24.69
N ARG D 134 16.74 20.29 -24.07
CA ARG D 134 16.46 21.65 -24.51
C ARG D 134 16.97 21.89 -25.93
N ALA D 135 18.10 21.27 -26.28
CA ALA D 135 18.67 21.46 -27.61
C ALA D 135 17.80 20.79 -28.67
N LEU D 136 17.41 19.54 -28.44
CA LEU D 136 16.66 18.80 -29.45
C LEU D 136 15.25 19.36 -29.61
N LEU D 137 14.61 19.77 -28.51
CA LEU D 137 13.22 20.20 -28.60
C LEU D 137 13.06 21.46 -29.44
N GLU D 138 14.06 22.34 -29.43
CA GLU D 138 14.01 23.58 -30.19
C GLU D 138 14.62 23.47 -31.58
N ASN D 139 15.49 22.49 -31.82
CA ASN D 139 16.19 22.37 -33.08
C ASN D 139 15.78 21.16 -33.92
N THR D 140 14.89 20.29 -33.42
CA THR D 140 14.48 19.11 -34.17
C THR D 140 12.96 18.98 -34.09
N GLU D 141 12.42 18.14 -34.98
CA GLU D 141 11.02 17.76 -34.92
C GLU D 141 10.83 16.40 -34.26
N LEU D 142 11.83 15.93 -33.53
CA LEU D 142 11.77 14.61 -32.91
C LEU D 142 10.64 14.53 -31.90
N SER D 143 10.04 13.35 -31.81
CA SER D 143 8.96 13.12 -30.87
C SER D 143 9.50 13.13 -29.45
N ALA D 144 8.58 13.31 -28.48
CA ALA D 144 8.99 13.38 -27.08
C ALA D 144 9.71 12.11 -26.64
N ARG D 145 9.34 10.97 -27.19
CA ARG D 145 9.99 9.72 -26.83
C ARG D 145 11.44 9.70 -27.30
N GLU D 146 11.70 10.13 -28.52
CA GLU D 146 13.08 10.13 -29.04
C GLU D 146 13.94 11.14 -28.29
N ILE D 147 13.36 12.24 -27.82
CA ILE D 147 14.14 13.25 -27.11
C ILE D 147 14.53 12.75 -25.73
N ALA D 148 13.57 12.20 -24.99
CA ALA D 148 13.88 11.67 -23.66
C ALA D 148 14.83 10.49 -23.73
N GLU D 149 14.74 9.68 -24.79
CA GLU D 149 15.64 8.55 -24.93
C GLU D 149 17.07 9.01 -25.17
N LYS D 150 17.27 9.91 -26.13
CA LYS D 150 18.61 10.38 -26.46
C LYS D 150 19.19 11.25 -25.35
N ALA D 151 18.35 12.04 -24.67
CA ALA D 151 18.85 12.88 -23.59
C ALA D 151 19.31 12.05 -22.40
N LEU D 152 18.61 10.95 -22.11
CA LEU D 152 18.99 10.10 -21.00
C LEU D 152 20.28 9.35 -21.29
N ASP D 153 20.52 8.96 -22.55
CA ASP D 153 21.78 8.31 -22.89
C ASP D 153 22.96 9.26 -22.72
N ILE D 154 22.78 10.53 -23.08
CA ILE D 154 23.86 11.50 -22.93
C ILE D 154 24.14 11.77 -21.45
N ALA D 155 23.08 11.80 -20.63
CA ALA D 155 23.29 11.97 -19.19
C ALA D 155 24.02 10.78 -18.59
N GLY D 156 23.80 9.58 -19.13
CA GLY D 156 24.52 8.42 -18.64
C GLY D 156 25.98 8.43 -19.02
N ASP D 157 26.31 8.98 -20.19
CA ASP D 157 27.71 9.10 -20.59
C ASP D 157 28.46 10.09 -19.71
N ILE D 158 27.75 11.08 -19.17
CA ILE D 158 28.39 12.16 -18.41
C ILE D 158 28.34 11.85 -16.92
N CYS D 159 27.13 11.66 -16.38
CA CYS D 159 26.99 11.40 -14.96
C CYS D 159 27.50 10.01 -14.63
N ILE D 160 28.36 9.93 -13.61
CA ILE D 160 28.86 8.63 -13.16
C ILE D 160 27.79 7.85 -12.40
N TYR D 161 26.77 8.52 -11.88
CA TYR D 161 25.69 7.88 -11.15
C TYR D 161 24.54 7.43 -12.04
N THR D 162 24.66 7.60 -13.35
CA THR D 162 23.61 7.25 -14.30
C THR D 162 24.14 6.25 -15.31
N ASN D 163 23.36 5.22 -15.59
CA ASN D 163 23.71 4.22 -16.59
C ASN D 163 22.74 4.32 -17.77
N HIS D 164 22.86 3.35 -18.68
CA HIS D 164 22.10 3.36 -19.92
C HIS D 164 20.91 2.40 -19.93
N PHE D 165 20.66 1.70 -18.82
CA PHE D 165 19.41 0.96 -18.70
C PHE D 165 18.26 1.95 -18.61
N HIS D 166 17.19 1.71 -19.37
CA HIS D 166 16.12 2.68 -19.53
C HIS D 166 14.77 2.04 -19.26
N THR D 167 13.86 2.85 -18.71
CA THR D 167 12.47 2.47 -18.50
C THR D 167 11.60 3.67 -18.84
N ILE D 168 10.66 3.48 -19.76
CA ILE D 168 9.84 4.57 -20.28
C ILE D 168 8.36 4.20 -20.20
N GLU D 169 7.53 5.21 -19.95
CA GLU D 169 6.07 5.05 -19.95
C GLU D 169 5.48 6.24 -20.70
N GLU D 170 5.05 6.01 -21.93
CA GLU D 170 4.46 7.06 -22.75
C GLU D 170 2.96 7.17 -22.49
N LEU D 171 2.44 8.37 -22.65
CA LEU D 171 1.01 8.65 -22.55
C LEU D 171 0.60 9.49 -23.76
N SER D 172 -0.32 8.96 -24.56
CA SER D 172 -0.80 9.63 -25.76
C SER D 172 -2.20 10.17 -25.52
N TYR D 173 -2.41 11.45 -25.83
CA TYR D 173 -3.71 12.07 -25.66
C TYR D 173 -4.15 12.78 -26.94
N LYS D 174 -3.19 13.34 -27.66
CA LYS D 174 -3.44 13.98 -28.95
C LYS D 174 -4.54 15.04 -28.85
N SER E 7 -26.33 -32.77 29.06
CA SER E 7 -26.40 -33.86 28.10
C SER E 7 -25.39 -34.95 28.44
N GLU E 8 -25.75 -36.19 28.15
CA GLU E 8 -24.92 -37.35 28.47
C GLU E 8 -24.16 -37.88 27.26
N MET E 9 -23.94 -37.04 26.25
CA MET E 9 -23.21 -37.48 25.07
C MET E 9 -21.76 -37.77 25.42
N THR E 10 -21.24 -38.87 24.85
CA THR E 10 -19.85 -39.22 25.00
C THR E 10 -18.99 -38.36 24.07
N PRO E 11 -17.69 -38.25 24.36
CA PRO E 11 -16.85 -37.36 23.54
C PRO E 11 -16.88 -37.65 22.05
N ARG E 12 -16.95 -38.92 21.66
CA ARG E 12 -17.02 -39.23 20.23
C ARG E 12 -18.35 -38.81 19.63
N GLU E 13 -19.44 -38.89 20.41
CA GLU E 13 -20.73 -38.42 19.94
C GLU E 13 -20.73 -36.91 19.74
N ILE E 14 -19.94 -36.19 20.54
CA ILE E 14 -19.86 -34.74 20.38
C ILE E 14 -19.12 -34.39 19.09
N VAL E 15 -17.98 -35.04 18.86
CA VAL E 15 -17.19 -34.77 17.65
C VAL E 15 -18.00 -35.09 16.41
N SER E 16 -18.71 -36.23 16.43
CA SER E 16 -19.48 -36.64 15.26
C SER E 16 -20.57 -35.63 14.93
N GLU E 17 -21.17 -35.02 15.96
CA GLU E 17 -22.15 -33.97 15.71
C GLU E 17 -21.47 -32.70 15.20
N LEU E 18 -20.29 -32.37 15.73
CA LEU E 18 -19.56 -31.21 15.24
C LEU E 18 -19.11 -31.41 13.79
N ASP E 19 -18.89 -32.66 13.39
CA ASP E 19 -18.53 -32.94 12.00
C ASP E 19 -19.66 -32.59 11.04
N LYS E 20 -20.89 -32.52 11.53
CA LYS E 20 -22.02 -32.13 10.69
C LYS E 20 -21.99 -30.65 10.31
N HIS E 21 -21.22 -29.84 11.05
CA HIS E 21 -21.11 -28.41 10.76
C HIS E 21 -19.67 -28.01 10.45
N ILE E 22 -18.74 -28.25 11.36
CA ILE E 22 -17.34 -27.90 11.15
C ILE E 22 -16.65 -29.00 10.34
N ILE E 23 -15.76 -28.59 9.44
CA ILE E 23 -15.00 -29.51 8.60
C ILE E 23 -13.57 -29.58 9.13
N GLY E 24 -13.08 -30.80 9.36
CA GLY E 24 -11.74 -30.95 9.88
C GLY E 24 -11.61 -30.40 11.28
N GLN E 25 -10.40 -29.98 11.62
CA GLN E 25 -10.10 -29.42 12.94
C GLN E 25 -10.49 -30.37 14.05
N ASP E 26 -10.21 -31.67 13.85
CA ASP E 26 -10.68 -32.69 14.78
C ASP E 26 -10.08 -32.51 16.16
N ASN E 27 -8.83 -32.04 16.24
CA ASN E 27 -8.20 -31.85 17.54
C ASN E 27 -8.96 -30.83 18.38
N ALA E 28 -9.39 -29.73 17.77
CA ALA E 28 -10.20 -28.76 18.48
C ALA E 28 -11.56 -29.35 18.84
N LYS E 29 -12.07 -30.27 18.02
CA LYS E 29 -13.31 -30.94 18.36
C LYS E 29 -13.12 -31.89 19.53
N ARG E 30 -12.02 -32.65 19.54
CA ARG E 30 -11.75 -33.56 20.63
C ARG E 30 -11.52 -32.82 21.94
N SER E 31 -10.88 -31.65 21.87
CA SER E 31 -10.58 -30.90 23.09
C SER E 31 -11.84 -30.32 23.71
N VAL E 32 -12.74 -29.76 22.89
CA VAL E 32 -13.98 -29.22 23.44
C VAL E 32 -14.88 -30.33 23.94
N ALA E 33 -14.81 -31.51 23.33
CA ALA E 33 -15.64 -32.62 23.79
C ALA E 33 -15.23 -33.09 25.18
N ILE E 34 -13.93 -33.02 25.48
CA ILE E 34 -13.45 -33.42 26.81
C ILE E 34 -13.97 -32.48 27.87
N ALA E 35 -14.04 -31.18 27.55
CA ALA E 35 -14.54 -30.20 28.51
C ALA E 35 -16.03 -30.41 28.80
N LEU E 36 -16.82 -30.62 27.76
CA LEU E 36 -18.25 -30.83 27.95
C LEU E 36 -18.53 -32.14 28.68
N ARG E 37 -17.74 -33.18 28.41
CA ARG E 37 -17.93 -34.46 29.09
C ARG E 37 -17.59 -34.36 30.56
N ASN E 38 -16.64 -33.50 30.93
CA ASN E 38 -16.27 -33.34 32.33
C ASN E 38 -17.41 -32.73 33.14
N ARG E 39 -18.29 -31.97 32.49
CA ARG E 39 -19.47 -31.47 33.18
C ARG E 39 -20.35 -32.61 33.67
N TRP E 40 -20.69 -33.54 32.77
CA TRP E 40 -21.47 -34.70 33.16
C TRP E 40 -20.71 -35.58 34.16
N ARG E 41 -19.40 -35.70 33.98
CA ARG E 41 -18.60 -36.49 34.90
C ARG E 41 -18.58 -35.88 36.29
N ARG E 42 -18.66 -34.55 36.38
CA ARG E 42 -18.62 -33.90 37.68
C ARG E 42 -19.91 -34.13 38.47
N MET E 43 -21.06 -34.06 37.80
CA MET E 43 -22.33 -34.20 38.50
C MET E 43 -22.47 -35.57 39.16
N GLN E 44 -21.83 -36.59 38.60
CA GLN E 44 -21.85 -37.92 39.20
C GLN E 44 -20.98 -38.02 40.46
N LEU E 45 -20.13 -37.03 40.71
CA LEU E 45 -19.22 -37.08 41.85
C LEU E 45 -19.92 -36.64 43.13
N ASN E 46 -19.25 -36.87 44.26
CA ASN E 46 -19.81 -36.55 45.56
C ASN E 46 -19.81 -35.05 45.80
N GLU E 47 -20.29 -34.66 46.99
CA GLU E 47 -20.43 -33.24 47.31
C GLU E 47 -19.07 -32.53 47.33
N GLU E 48 -18.05 -33.20 47.86
CA GLU E 48 -16.75 -32.55 48.00
C GLU E 48 -16.08 -32.34 46.65
N LEU E 49 -15.98 -33.40 45.84
CA LEU E 49 -15.24 -33.31 44.59
C LEU E 49 -15.91 -32.35 43.60
N ARG E 50 -17.25 -32.23 43.66
CA ARG E 50 -17.94 -31.32 42.75
C ARG E 50 -17.51 -29.87 42.95
N HIS E 51 -17.06 -29.52 44.16
CA HIS E 51 -16.57 -28.17 44.42
C HIS E 51 -15.12 -28.02 43.99
N GLU E 52 -14.29 -29.02 44.27
CA GLU E 52 -12.86 -28.91 43.98
C GLU E 52 -12.58 -28.95 42.49
N VAL E 53 -13.33 -29.76 41.74
CA VAL E 53 -13.14 -29.83 40.30
C VAL E 53 -13.65 -28.56 39.64
N THR E 54 -12.87 -28.04 38.71
CA THR E 54 -13.18 -26.81 37.99
C THR E 54 -13.10 -27.07 36.50
N PRO E 55 -13.80 -26.27 35.68
CA PRO E 55 -13.85 -26.55 34.24
C PRO E 55 -12.46 -26.52 33.60
N LYS E 56 -12.26 -27.41 32.63
CA LYS E 56 -11.02 -27.47 31.88
C LYS E 56 -11.12 -26.49 30.72
N ASN E 57 -10.69 -25.25 30.98
CA ASN E 57 -10.79 -24.21 29.96
C ASN E 57 -9.80 -24.47 28.84
N ILE E 58 -10.16 -24.01 27.64
CA ILE E 58 -9.43 -24.31 26.42
C ILE E 58 -8.91 -23.02 25.81
N LEU E 59 -7.74 -23.11 25.19
CA LEU E 59 -7.13 -22.00 24.47
C LEU E 59 -6.97 -22.42 23.01
N MET E 60 -7.82 -21.89 22.14
CA MET E 60 -7.73 -22.17 20.72
C MET E 60 -6.66 -21.27 20.08
N ILE E 61 -5.91 -21.84 19.15
CA ILE E 61 -4.80 -21.14 18.51
C ILE E 61 -4.86 -21.41 17.01
N GLY E 62 -4.66 -20.37 16.21
CA GLY E 62 -4.63 -20.51 14.77
C GLY E 62 -5.01 -19.25 14.03
N PRO E 63 -4.87 -19.28 12.71
CA PRO E 63 -5.25 -18.12 11.90
C PRO E 63 -6.75 -17.93 11.92
N THR E 64 -7.17 -16.71 11.54
CA THR E 64 -8.57 -16.34 11.64
C THR E 64 -9.41 -17.11 10.61
N GLY E 65 -10.68 -17.30 10.94
CA GLY E 65 -11.61 -17.89 9.99
C GLY E 65 -11.45 -19.37 9.78
N VAL E 66 -10.77 -20.08 10.69
CA VAL E 66 -10.58 -21.53 10.54
C VAL E 66 -11.62 -22.33 11.32
N GLY E 67 -12.58 -21.65 11.94
CA GLY E 67 -13.64 -22.32 12.66
C GLY E 67 -13.51 -22.35 14.16
N LYS E 68 -12.61 -21.56 14.75
CA LYS E 68 -12.49 -21.53 16.21
C LYS E 68 -13.81 -21.13 16.87
N THR E 69 -14.41 -20.04 16.40
CA THR E 69 -15.66 -19.57 17.00
C THR E 69 -16.81 -20.52 16.68
N GLU E 70 -16.81 -21.09 15.46
CA GLU E 70 -17.91 -21.97 15.07
C GLU E 70 -17.98 -23.20 15.96
N ILE E 71 -16.82 -23.73 16.36
CA ILE E 71 -16.81 -24.86 17.28
C ILE E 71 -17.46 -24.46 18.60
N ALA E 72 -17.10 -23.30 19.14
CA ALA E 72 -17.68 -22.84 20.39
C ALA E 72 -19.17 -22.55 20.22
N ARG E 73 -19.57 -22.02 19.06
CA ARG E 73 -20.98 -21.76 18.81
C ARG E 73 -21.76 -23.05 18.71
N ARG E 74 -21.29 -23.98 17.87
CA ARG E 74 -21.99 -25.26 17.73
C ARG E 74 -21.92 -26.08 19.01
N LEU E 75 -20.86 -25.91 19.80
CA LEU E 75 -20.76 -26.62 21.07
C LEU E 75 -21.83 -26.16 22.04
N ALA E 76 -21.98 -24.84 22.21
CA ALA E 76 -23.01 -24.33 23.10
C ALA E 76 -24.40 -24.60 22.56
N LYS E 77 -24.58 -24.49 21.24
CA LYS E 77 -25.87 -24.83 20.65
C LYS E 77 -26.17 -26.32 20.81
N LEU E 78 -25.13 -27.16 20.80
CA LEU E 78 -25.31 -28.59 21.02
C LEU E 78 -25.76 -28.87 22.45
N ALA E 79 -25.21 -28.13 23.41
CA ALA E 79 -25.57 -28.28 24.81
C ALA E 79 -26.76 -27.42 25.22
N ASN E 80 -27.29 -26.61 24.30
CA ASN E 80 -28.36 -25.65 24.61
C ASN E 80 -27.96 -24.69 25.73
N ALA E 81 -26.69 -24.45 25.85
CA ALA E 81 -26.04 -23.69 26.90
C ALA E 81 -25.98 -22.20 26.53
N PRO E 82 -26.01 -21.32 27.53
CA PRO E 82 -25.79 -19.90 27.26
C PRO E 82 -24.39 -19.67 26.69
N PHE E 83 -24.29 -18.73 25.76
CA PHE E 83 -23.05 -18.49 25.05
C PHE E 83 -22.93 -17.00 24.75
N ILE E 84 -21.69 -16.53 24.70
CA ILE E 84 -21.40 -15.15 24.32
C ILE E 84 -19.96 -15.09 23.81
N LYS E 85 -19.75 -14.31 22.76
CA LYS E 85 -18.43 -14.03 22.23
C LYS E 85 -18.06 -12.60 22.59
N VAL E 86 -16.90 -12.43 23.21
CA VAL E 86 -16.43 -11.11 23.65
C VAL E 86 -15.04 -10.88 23.08
N GLU E 87 -14.83 -9.69 22.52
CA GLU E 87 -13.52 -9.31 22.02
C GLU E 87 -12.69 -8.77 23.19
N ALA E 88 -11.56 -9.41 23.45
CA ALA E 88 -10.74 -9.01 24.59
C ALA E 88 -10.25 -7.58 24.48
N THR E 89 -10.10 -7.08 23.25
CA THR E 89 -9.62 -5.72 23.03
C THR E 89 -10.66 -4.66 23.39
N LYS E 90 -11.91 -5.06 23.63
CA LYS E 90 -12.93 -4.09 24.01
C LYS E 90 -12.60 -3.41 25.33
N PHE E 91 -11.91 -4.11 26.23
CA PHE E 91 -11.62 -3.61 27.56
C PHE E 91 -10.32 -2.81 27.64
N THR E 92 -9.61 -2.64 26.53
CA THR E 92 -8.39 -1.83 26.55
C THR E 92 -8.69 -0.36 26.81
N GLU E 93 -9.88 0.10 26.43
CA GLU E 93 -10.24 1.51 26.56
C GLU E 93 -10.87 1.80 27.92
N GLY E 98 -13.91 3.46 30.24
CA GLY E 98 -14.06 2.18 29.58
C GLY E 98 -15.07 1.27 30.24
N LYS E 99 -15.42 0.19 29.56
CA LYS E 99 -16.38 -0.76 30.08
C LYS E 99 -15.76 -1.66 31.14
N GLU E 100 -16.57 -2.10 32.09
CA GLU E 100 -16.12 -3.01 33.13
C GLU E 100 -16.13 -4.44 32.62
N VAL E 101 -15.18 -5.24 33.12
CA VAL E 101 -15.07 -6.64 32.69
C VAL E 101 -16.27 -7.46 33.16
N ASP E 102 -16.90 -7.05 34.26
CA ASP E 102 -18.04 -7.80 34.79
C ASP E 102 -19.21 -7.82 33.83
N SER E 103 -19.20 -6.97 32.80
CA SER E 103 -20.29 -6.95 31.83
C SER E 103 -20.38 -8.24 31.04
N ILE E 104 -19.31 -9.04 31.01
CA ILE E 104 -19.35 -10.32 30.30
C ILE E 104 -20.42 -11.23 30.90
N ILE E 105 -20.41 -11.35 32.22
CA ILE E 105 -21.41 -12.18 32.89
C ILE E 105 -22.80 -11.55 32.78
N ARG E 106 -22.87 -10.23 32.79
CA ARG E 106 -24.15 -9.54 32.67
C ARG E 106 -24.79 -9.82 31.31
N ASP E 107 -24.01 -9.64 30.23
CA ASP E 107 -24.52 -9.89 28.89
C ASP E 107 -24.80 -11.38 28.67
N LEU E 108 -24.04 -12.25 29.34
CA LEU E 108 -24.28 -13.68 29.21
C LEU E 108 -25.63 -14.06 29.81
N THR E 109 -25.95 -13.50 30.98
CA THR E 109 -27.23 -13.81 31.61
C THR E 109 -28.39 -13.26 30.79
N ASP E 110 -28.22 -12.08 30.19
CA ASP E 110 -29.25 -11.51 29.33
C ASP E 110 -29.54 -12.42 28.15
N ALA E 111 -28.50 -13.03 27.57
CA ALA E 111 -28.72 -14.01 26.52
C ALA E 111 -29.36 -15.28 27.08
N ALA E 112 -28.97 -15.68 28.30
CA ALA E 112 -29.58 -16.84 28.92
C ALA E 112 -31.03 -16.57 29.31
N VAL E 113 -31.36 -15.32 29.65
CA VAL E 113 -32.75 -14.98 29.96
C VAL E 113 -33.64 -15.14 28.74
N LYS E 114 -33.24 -14.53 27.62
CA LYS E 114 -34.01 -14.66 26.40
C LYS E 114 -34.03 -16.10 25.90
N MET E 115 -32.96 -16.86 26.16
CA MET E 115 -32.92 -18.24 25.72
C MET E 115 -33.94 -19.10 26.48
N VAL E 116 -33.90 -19.05 27.82
CA VAL E 116 -34.84 -19.84 28.61
C VAL E 116 -36.26 -19.32 28.44
N ARG E 117 -36.42 -18.03 28.15
CA ARG E 117 -37.77 -17.47 28.01
C ARG E 117 -38.42 -17.95 26.72
N VAL E 118 -37.72 -17.84 25.58
CA VAL E 118 -38.29 -18.29 24.32
C VAL E 118 -38.50 -19.79 24.33
N GLN E 119 -37.59 -20.53 24.96
CA GLN E 119 -37.78 -21.97 25.11
C GLN E 119 -38.95 -22.29 26.02
N ALA E 120 -39.19 -21.47 27.04
CA ALA E 120 -40.37 -21.64 27.87
C ALA E 120 -41.65 -21.30 27.11
N ILE E 121 -41.56 -20.39 26.13
CA ILE E 121 -42.71 -20.12 25.27
C ILE E 121 -43.04 -21.33 24.42
N GLU E 122 -42.04 -22.14 24.08
CA GLU E 122 -42.28 -23.32 23.27
C GLU E 122 -43.10 -24.36 24.04
N LYS E 123 -42.91 -24.45 25.36
CA LYS E 123 -43.72 -25.36 26.14
C LYS E 123 -45.10 -24.78 26.42
N ASN E 124 -45.19 -23.45 26.57
CA ASN E 124 -46.47 -22.78 26.78
C ASN E 124 -47.26 -22.62 25.48
N ARG E 125 -46.60 -22.76 24.33
CA ARG E 125 -47.28 -22.66 23.04
C ARG E 125 -48.38 -23.70 22.90
N TYR E 126 -48.26 -24.83 23.60
CA TYR E 126 -49.19 -25.94 23.44
C TYR E 126 -50.33 -25.87 24.46
N ARG E 127 -50.01 -25.91 25.75
CA ARG E 127 -51.05 -25.98 26.77
C ARG E 127 -51.94 -24.74 26.79
N ALA E 128 -51.39 -23.58 26.43
CA ALA E 128 -52.17 -22.34 26.45
C ALA E 128 -53.33 -22.40 25.46
N GLU E 129 -53.09 -23.01 24.29
CA GLU E 129 -54.15 -23.11 23.28
C GLU E 129 -55.31 -23.96 23.76
N GLU E 130 -55.04 -24.95 24.62
CA GLU E 130 -56.11 -25.81 25.13
C GLU E 130 -57.00 -25.06 26.10
N LEU E 131 -56.40 -24.42 27.11
CA LEU E 131 -57.19 -23.69 28.09
C LEU E 131 -57.78 -22.41 27.51
N ALA E 132 -57.09 -21.78 26.56
CA ALA E 132 -57.66 -20.63 25.87
C ALA E 132 -58.92 -21.03 25.09
N GLU E 133 -58.92 -22.23 24.52
CA GLU E 133 -60.14 -22.74 23.89
C GLU E 133 -61.22 -23.00 24.93
N GLU E 134 -60.84 -23.56 26.08
CA GLU E 134 -61.81 -23.78 27.15
C GLU E 134 -62.36 -22.48 27.70
N ARG E 135 -61.57 -21.40 27.66
CA ARG E 135 -62.06 -20.11 28.10
C ARG E 135 -63.04 -19.51 27.11
N ILE E 136 -62.71 -19.55 25.82
CA ILE E 136 -63.57 -18.93 24.81
C ILE E 136 -64.85 -19.75 24.62
N LEU E 137 -64.82 -21.05 24.93
CA LEU E 137 -66.04 -21.84 24.85
C LEU E 137 -66.99 -21.56 25.99
N ASP E 138 -66.52 -20.90 27.06
CA ASP E 138 -67.40 -20.57 28.17
C ASP E 138 -68.35 -19.43 27.85
N VAL E 139 -68.00 -18.56 26.89
CA VAL E 139 -68.92 -17.52 26.49
C VAL E 139 -69.91 -18.04 25.45
N LEU E 140 -69.47 -18.94 24.57
CA LEU E 140 -70.37 -19.53 23.59
C LEU E 140 -71.34 -20.49 24.24
N ILE E 141 -70.85 -21.37 25.11
CA ILE E 141 -71.70 -22.29 25.86
C ILE E 141 -71.40 -22.15 27.34
N PRO E 142 -72.02 -21.20 28.03
CA PRO E 142 -71.77 -21.03 29.46
C PRO E 142 -72.19 -22.26 30.24
N PRO E 143 -71.32 -22.82 31.06
CA PRO E 143 -71.73 -23.93 31.93
C PRO E 143 -72.82 -23.49 32.91
N ALA E 144 -73.67 -24.43 33.29
CA ALA E 144 -74.77 -24.14 34.20
C ALA E 144 -74.29 -24.05 35.65
N GLU E 156 -67.96 -35.27 30.23
CA GLU E 156 -68.01 -35.33 28.77
C GLU E 156 -68.34 -33.96 28.18
N PRO E 157 -67.66 -33.59 27.10
CA PRO E 157 -67.97 -32.31 26.45
C PRO E 157 -69.37 -32.32 25.86
N SER E 158 -70.07 -31.19 26.00
CA SER E 158 -71.36 -31.04 25.37
C SER E 158 -71.23 -31.07 23.86
N ALA E 159 -72.31 -31.47 23.19
CA ALA E 159 -72.29 -31.53 21.74
C ALA E 159 -72.14 -30.13 21.14
N ALA E 160 -72.77 -29.13 21.77
CA ALA E 160 -72.57 -27.75 21.33
C ALA E 160 -71.19 -27.25 21.69
N ARG E 161 -70.60 -27.77 22.77
CA ARG E 161 -69.22 -27.44 23.11
C ARG E 161 -68.28 -27.87 22.00
N GLN E 162 -68.58 -28.99 21.34
CA GLN E 162 -67.76 -29.46 20.22
C GLN E 162 -68.16 -28.77 18.92
N ALA E 163 -69.46 -28.50 18.73
CA ALA E 163 -69.92 -27.83 17.51
C ALA E 163 -69.31 -26.44 17.38
N PHE E 164 -69.08 -25.76 18.50
CA PHE E 164 -68.36 -24.50 18.49
C PHE E 164 -66.85 -24.71 18.39
N ARG E 165 -66.33 -25.74 19.05
CA ARG E 165 -64.90 -26.03 18.98
C ARG E 165 -64.46 -26.32 17.55
N LYS E 166 -65.35 -26.91 16.74
CA LYS E 166 -65.02 -27.17 15.34
C LYS E 166 -64.94 -25.87 14.56
N LYS E 167 -65.97 -25.03 14.64
CA LYS E 167 -65.98 -23.77 13.91
C LYS E 167 -64.84 -22.86 14.35
N LEU E 168 -64.39 -23.00 15.60
CA LEU E 168 -63.27 -22.20 16.08
C LEU E 168 -61.98 -22.60 15.39
N ARG E 169 -61.68 -23.91 15.40
CA ARG E 169 -60.46 -24.40 14.75
C ARG E 169 -60.50 -24.15 13.24
N GLU E 170 -61.69 -24.13 12.66
CA GLU E 170 -61.83 -23.80 11.24
C GLU E 170 -61.51 -22.34 10.96
N GLY E 171 -61.48 -21.50 11.99
CA GLY E 171 -61.17 -20.09 11.83
C GLY E 171 -62.41 -19.23 11.89
N GLN E 172 -62.18 -17.94 12.14
CA GLN E 172 -63.26 -16.96 12.22
C GLN E 172 -62.72 -15.55 12.10
N LYS E 222 -64.24 -7.46 20.64
CA LYS E 222 -63.47 -8.15 19.61
C LYS E 222 -63.37 -9.64 19.90
N ILE E 223 -63.55 -10.46 18.87
CA ILE E 223 -63.55 -11.91 19.03
C ILE E 223 -62.21 -12.49 18.57
N LYS E 224 -61.84 -12.22 17.32
CA LYS E 224 -60.60 -12.79 16.79
C LYS E 224 -59.38 -12.31 17.56
N ASP E 225 -59.43 -11.09 18.10
CA ASP E 225 -58.34 -10.58 18.92
C ASP E 225 -58.26 -11.24 20.28
N ALA E 226 -59.36 -11.82 20.76
CA ALA E 226 -59.39 -12.33 22.12
C ALA E 226 -58.53 -13.57 22.29
N MET E 227 -58.37 -14.38 21.24
CA MET E 227 -57.58 -15.60 21.37
C MET E 227 -56.12 -15.30 21.67
N LYS E 228 -55.61 -14.16 21.21
CA LYS E 228 -54.22 -13.82 21.45
C LYS E 228 -53.99 -13.36 22.88
N LEU E 229 -54.97 -12.66 23.46
CA LEU E 229 -54.84 -12.17 24.83
C LEU E 229 -54.80 -13.32 25.84
N LEU E 230 -55.57 -14.38 25.59
CA LEU E 230 -55.59 -15.50 26.54
C LEU E 230 -54.28 -16.28 26.53
N ILE E 231 -53.55 -16.26 25.40
CA ILE E 231 -52.26 -16.92 25.35
C ILE E 231 -51.29 -16.29 26.35
N GLU E 232 -51.35 -14.96 26.49
CA GLU E 232 -50.50 -14.28 27.47
C GLU E 232 -50.90 -14.64 28.89
N GLU E 233 -52.19 -14.51 29.21
CA GLU E 233 -52.65 -14.78 30.57
C GLU E 233 -52.44 -16.24 30.96
N GLU E 234 -52.59 -17.15 30.01
CA GLU E 234 -52.36 -18.57 30.32
C GLU E 234 -50.88 -18.90 30.36
N ALA E 235 -50.11 -18.43 29.39
CA ALA E 235 -48.67 -18.65 29.42
C ALA E 235 -48.04 -17.98 30.63
N ALA E 236 -48.58 -16.85 31.08
CA ALA E 236 -48.11 -16.26 32.33
C ALA E 236 -48.57 -17.08 33.53
N LYS E 237 -49.79 -17.62 33.46
CA LYS E 237 -50.28 -18.48 34.52
C LYS E 237 -49.52 -19.81 34.55
N LEU E 238 -49.15 -20.32 33.37
CA LEU E 238 -48.42 -21.59 33.29
C LEU E 238 -46.95 -21.40 33.64
N VAL E 239 -46.35 -20.28 33.22
CA VAL E 239 -44.94 -20.04 33.52
C VAL E 239 -44.78 -19.79 35.02
N ASN E 240 -43.60 -20.14 35.53
CA ASN E 240 -43.20 -19.88 36.90
C ASN E 240 -42.01 -18.93 36.84
N PRO E 241 -42.24 -17.62 37.00
CA PRO E 241 -41.15 -16.66 36.83
C PRO E 241 -39.98 -16.88 37.77
N GLU E 242 -40.26 -17.28 39.02
CA GLU E 242 -39.18 -17.61 39.93
C GLU E 242 -38.44 -18.87 39.49
N GLU E 243 -39.12 -19.76 38.77
CA GLU E 243 -38.44 -20.91 38.19
C GLU E 243 -37.79 -20.58 36.85
N LEU E 244 -38.16 -19.46 36.23
CA LEU E 244 -37.59 -19.09 34.93
C LEU E 244 -36.39 -18.17 35.08
N LYS E 245 -36.57 -17.04 35.77
CA LYS E 245 -35.45 -16.13 35.98
C LYS E 245 -34.33 -16.80 36.77
N GLN E 246 -34.67 -17.73 37.65
CA GLN E 246 -33.66 -18.52 38.35
C GLN E 246 -33.15 -19.67 37.49
N ASP E 247 -33.90 -20.08 36.47
CA ASP E 247 -33.40 -21.08 35.54
C ASP E 247 -32.23 -20.55 34.73
N ALA E 248 -32.36 -19.32 34.21
CA ALA E 248 -31.27 -18.72 33.45
C ALA E 248 -30.01 -18.60 34.30
N ILE E 249 -30.16 -18.37 35.60
CA ILE E 249 -28.99 -18.35 36.49
C ILE E 249 -28.38 -19.74 36.60
N ASP E 250 -29.23 -20.77 36.75
CA ASP E 250 -28.72 -22.14 36.76
C ASP E 250 -28.11 -22.49 35.41
N ALA E 251 -28.71 -22.00 34.32
CA ALA E 251 -28.16 -22.25 32.99
C ALA E 251 -26.80 -21.58 32.81
N VAL E 252 -26.60 -20.41 33.41
CA VAL E 252 -25.32 -19.74 33.32
C VAL E 252 -24.29 -20.40 34.23
N GLU E 253 -24.65 -20.62 35.49
CA GLU E 253 -23.69 -21.17 36.45
C GLU E 253 -23.29 -22.59 36.08
N GLN E 254 -24.25 -23.42 35.69
CA GLN E 254 -23.95 -24.83 35.40
C GLN E 254 -23.51 -25.05 33.97
N HIS E 255 -24.14 -24.39 33.00
CA HIS E 255 -23.91 -24.66 31.58
C HIS E 255 -23.27 -23.51 30.82
N GLY E 256 -23.01 -22.37 31.48
CA GLY E 256 -22.58 -21.20 30.74
C GLY E 256 -21.27 -21.42 30.01
N ILE E 257 -21.14 -20.75 28.86
CA ILE E 257 -19.94 -20.81 28.03
C ILE E 257 -19.63 -19.40 27.54
N VAL E 258 -18.35 -19.04 27.54
CA VAL E 258 -17.89 -17.75 27.07
C VAL E 258 -16.72 -17.96 26.12
N PHE E 259 -16.76 -17.26 24.99
CA PHE E 259 -15.68 -17.27 24.01
C PHE E 259 -15.01 -15.90 24.04
N ILE E 260 -13.70 -15.89 24.25
CA ILE E 260 -12.92 -14.66 24.31
C ILE E 260 -12.02 -14.64 23.09
N ASP E 261 -12.42 -13.88 22.07
CA ASP E 261 -11.69 -13.86 20.82
C ASP E 261 -10.47 -12.94 20.91
N GLN E 262 -9.43 -13.30 20.16
CA GLN E 262 -8.23 -12.48 20.04
C GLN E 262 -7.61 -12.16 21.40
N ILE E 263 -7.48 -13.19 22.23
CA ILE E 263 -6.84 -13.01 23.53
C ILE E 263 -5.34 -12.78 23.38
N ASP E 264 -4.76 -13.16 22.25
CA ASP E 264 -3.32 -12.96 22.05
C ASP E 264 -2.96 -11.48 22.00
N LYS E 265 -3.91 -10.61 21.70
CA LYS E 265 -3.61 -9.19 21.54
C LYS E 265 -3.46 -8.44 22.85
N ILE E 266 -3.79 -9.07 23.99
CA ILE E 266 -3.62 -8.39 25.28
C ILE E 266 -2.36 -8.88 25.96
N CYS E 267 -1.54 -9.63 25.24
CA CYS E 267 -0.27 -10.08 25.77
C CYS E 267 0.77 -8.98 25.64
N LYS E 268 1.79 -9.06 26.51
CA LYS E 268 2.85 -8.07 26.53
C LYS E 268 3.70 -8.12 25.26
N SER E 273 5.96 -0.77 26.98
CA SER E 273 5.75 -0.68 28.42
C SER E 273 4.40 -0.04 28.75
N GLY E 274 4.04 1.00 27.99
CA GLY E 274 2.79 1.67 28.17
C GLY E 274 1.60 0.76 27.95
N PRO E 275 1.44 0.27 26.71
CA PRO E 275 0.33 -0.67 26.44
C PRO E 275 0.43 -1.96 27.24
N ASP E 276 1.65 -2.40 27.58
CA ASP E 276 1.79 -3.67 28.30
C ASP E 276 1.11 -3.62 29.67
N VAL E 277 1.05 -2.45 30.29
CA VAL E 277 0.33 -2.32 31.55
C VAL E 277 -1.18 -2.42 31.33
N SER E 278 -1.68 -1.72 30.31
CA SER E 278 -3.11 -1.78 30.00
C SER E 278 -3.48 -3.12 29.37
N ARG E 279 -2.57 -3.73 28.61
CA ARG E 279 -2.82 -5.05 28.05
C ARG E 279 -2.91 -6.09 29.15
N GLU E 280 -1.88 -6.20 29.97
CA GLU E 280 -1.89 -7.15 31.08
C GLU E 280 -2.89 -6.76 32.16
N GLY E 281 -3.25 -5.48 32.25
CA GLY E 281 -4.29 -5.09 33.19
C GLY E 281 -5.62 -5.75 32.89
N VAL E 282 -5.94 -5.93 31.61
CA VAL E 282 -7.18 -6.62 31.23
C VAL E 282 -7.13 -8.07 31.68
N GLN E 283 -5.96 -8.70 31.61
CA GLN E 283 -5.83 -10.09 32.04
C GLN E 283 -6.14 -10.23 33.53
N ARG E 284 -5.65 -9.31 34.34
CA ARG E 284 -5.89 -9.37 35.78
C ARG E 284 -7.34 -9.04 36.12
N ASP E 285 -8.00 -8.22 35.29
CA ASP E 285 -9.43 -7.98 35.46
C ASP E 285 -10.23 -9.22 35.11
N LEU E 286 -9.77 -9.99 34.12
CA LEU E 286 -10.42 -11.25 33.76
C LEU E 286 -10.13 -12.36 34.75
N LEU E 287 -9.06 -12.23 35.54
CA LEU E 287 -8.62 -13.31 36.42
C LEU E 287 -9.69 -13.79 37.40
N PRO E 288 -10.43 -12.92 38.10
CA PRO E 288 -11.43 -13.43 39.05
C PRO E 288 -12.53 -14.25 38.40
N LEU E 289 -12.84 -13.99 37.13
CA LEU E 289 -13.89 -14.74 36.46
C LEU E 289 -13.53 -16.20 36.28
N VAL E 290 -12.26 -16.50 36.00
CA VAL E 290 -11.84 -17.89 35.79
C VAL E 290 -11.44 -18.57 37.10
N GLU E 291 -10.80 -17.83 38.01
CA GLU E 291 -10.49 -18.39 39.32
C GLU E 291 -11.72 -18.58 40.17
N GLY E 292 -12.85 -18.00 39.79
CA GLY E 292 -14.06 -18.07 40.60
C GLY E 292 -14.33 -16.78 41.33
N CYS E 293 -15.55 -16.28 41.24
CA CYS E 293 -15.98 -15.05 41.90
C CYS E 293 -17.50 -15.00 41.85
N THR E 294 -18.05 -13.86 42.23
CA THR E 294 -19.50 -13.65 42.20
C THR E 294 -19.78 -12.27 41.64
N VAL E 295 -20.69 -12.20 40.67
CA VAL E 295 -21.02 -10.95 40.00
C VAL E 295 -22.50 -10.66 40.21
N SER E 296 -22.81 -9.40 40.51
CA SER E 296 -24.19 -8.98 40.73
C SER E 296 -24.83 -8.56 39.41
N THR E 297 -26.03 -9.05 39.16
CA THR E 297 -26.79 -8.69 37.98
C THR E 297 -28.21 -8.32 38.41
N LYS E 298 -28.94 -7.70 37.48
CA LYS E 298 -30.32 -7.34 37.78
C LYS E 298 -31.22 -8.56 37.83
N HIS E 299 -30.83 -9.63 37.12
CA HIS E 299 -31.58 -10.89 37.15
C HIS E 299 -31.22 -11.75 38.35
N GLY E 300 -30.12 -11.47 39.02
CA GLY E 300 -29.76 -12.23 40.20
C GLY E 300 -28.26 -12.13 40.48
N MET E 301 -27.81 -13.02 41.37
CA MET E 301 -26.41 -13.11 41.77
C MET E 301 -25.83 -14.39 41.17
N VAL E 302 -24.82 -14.23 40.32
CA VAL E 302 -24.26 -15.36 39.57
C VAL E 302 -22.84 -15.64 40.05
N LYS E 303 -22.50 -16.93 40.08
CA LYS E 303 -21.16 -17.37 40.44
C LYS E 303 -20.49 -17.99 39.21
N THR E 304 -19.23 -17.66 39.01
CA THR E 304 -18.49 -18.02 37.80
C THR E 304 -17.58 -19.22 37.98
N ASP E 305 -17.71 -19.96 39.09
CA ASP E 305 -16.74 -21.01 39.40
C ASP E 305 -16.78 -22.16 38.39
N HIS E 306 -17.96 -22.46 37.83
CA HIS E 306 -18.11 -23.61 36.96
C HIS E 306 -18.42 -23.22 35.52
N ILE E 307 -18.26 -21.96 35.15
CA ILE E 307 -18.44 -21.55 33.76
C ILE E 307 -17.25 -22.00 32.93
N LEU E 308 -17.54 -22.54 31.75
CA LEU E 308 -16.49 -22.89 30.81
C LEU E 308 -16.13 -21.68 29.94
N PHE E 309 -14.85 -21.58 29.61
CA PHE E 309 -14.34 -20.47 28.82
C PHE E 309 -13.48 -21.02 27.68
N ILE E 310 -13.51 -20.31 26.56
CA ILE E 310 -12.73 -20.65 25.38
C ILE E 310 -12.06 -19.38 24.89
N ALA E 311 -10.74 -19.31 25.02
CA ALA E 311 -9.96 -18.19 24.51
C ALA E 311 -9.33 -18.57 23.18
N SER E 312 -9.22 -17.58 22.29
CA SER E 312 -8.65 -17.82 20.97
C SER E 312 -7.75 -16.66 20.59
N GLY E 313 -6.76 -16.96 19.75
CA GLY E 313 -5.84 -15.96 19.25
C GLY E 313 -4.90 -16.53 18.22
N ALA E 314 -4.45 -15.71 17.27
CA ALA E 314 -3.48 -16.17 16.29
C ALA E 314 -2.13 -16.47 16.93
N PHE E 315 -1.75 -15.69 17.95
CA PHE E 315 -0.49 -15.89 18.66
C PHE E 315 0.71 -15.91 17.71
N GLN E 316 0.67 -15.03 16.71
CA GLN E 316 1.81 -14.82 15.83
C GLN E 316 2.72 -13.72 16.36
N ILE E 317 2.14 -12.69 16.98
CA ILE E 317 2.94 -11.64 17.59
C ILE E 317 3.43 -12.06 18.98
N ALA E 318 2.57 -12.73 19.74
CA ALA E 318 2.90 -13.19 21.08
C ALA E 318 2.65 -14.69 21.19
N LYS E 319 2.82 -15.21 22.39
CA LYS E 319 2.70 -16.63 22.68
C LYS E 319 1.92 -16.81 23.97
N PRO E 320 1.29 -17.97 24.17
CA PRO E 320 0.56 -18.20 25.42
C PRO E 320 1.42 -18.06 26.67
N SER E 321 2.74 -18.27 26.54
CA SER E 321 3.62 -18.06 27.68
C SER E 321 3.66 -16.60 28.10
N ASP E 322 3.37 -15.68 27.18
CA ASP E 322 3.34 -14.25 27.49
C ASP E 322 2.15 -13.86 28.36
N LEU E 323 1.13 -14.72 28.46
CA LEU E 323 0.02 -14.46 29.36
C LEU E 323 0.49 -14.50 30.80
N ILE E 324 -0.25 -13.83 31.68
CA ILE E 324 0.11 -13.77 33.10
C ILE E 324 0.08 -15.19 33.67
N PRO E 325 0.96 -15.52 34.62
CA PRO E 325 1.02 -16.92 35.09
C PRO E 325 -0.27 -17.42 35.70
N GLU E 326 -1.01 -16.56 36.39
CA GLU E 326 -2.29 -16.98 36.94
C GLU E 326 -3.29 -17.34 35.86
N LEU E 327 -3.11 -16.80 34.65
CA LEU E 327 -3.99 -17.10 33.53
C LEU E 327 -3.57 -18.34 32.76
N GLN E 328 -2.26 -18.59 32.66
CA GLN E 328 -1.80 -19.80 32.00
C GLN E 328 -2.25 -21.06 32.73
N GLY E 329 -2.33 -21.01 34.06
CA GLY E 329 -2.76 -22.15 34.83
C GLY E 329 -4.25 -22.39 34.79
N ARG E 330 -5.03 -21.40 34.37
CA ARG E 330 -6.48 -21.54 34.26
C ARG E 330 -6.93 -21.98 32.87
N LEU E 331 -6.00 -22.32 31.98
CA LEU E 331 -6.29 -22.83 30.65
C LEU E 331 -5.58 -24.17 30.49
N PRO E 332 -6.09 -25.23 31.14
CA PRO E 332 -5.35 -26.50 31.12
C PRO E 332 -5.30 -27.18 29.77
N ILE E 333 -6.30 -26.96 28.91
CA ILE E 333 -6.34 -27.58 27.59
C ILE E 333 -5.86 -26.56 26.56
N ARG E 334 -4.93 -26.98 25.71
CA ARG E 334 -4.42 -26.17 24.61
C ARG E 334 -4.60 -26.96 23.31
N VAL E 335 -4.89 -26.25 22.24
CA VAL E 335 -5.08 -26.88 20.94
C VAL E 335 -4.81 -25.85 19.85
N GLU E 336 -4.14 -26.30 18.79
CA GLU E 336 -3.87 -25.47 17.62
C GLU E 336 -4.76 -25.95 16.48
N LEU E 337 -5.40 -25.01 15.80
CA LEU E 337 -6.27 -25.32 14.67
C LEU E 337 -5.51 -25.10 13.37
N GLN E 338 -5.54 -26.10 12.50
CA GLN E 338 -4.80 -26.03 11.25
C GLN E 338 -5.49 -25.09 10.26
N ALA E 339 -4.69 -24.48 9.39
CA ALA E 339 -5.24 -23.62 8.36
C ALA E 339 -6.00 -24.45 7.34
N LEU E 340 -7.08 -23.87 6.81
CA LEU E 340 -7.92 -24.58 5.85
C LEU E 340 -7.26 -24.60 4.47
N THR E 341 -7.42 -25.71 3.77
CA THR E 341 -6.89 -25.87 2.43
C THR E 341 -7.99 -25.69 1.40
N THR E 342 -7.59 -25.71 0.12
CA THR E 342 -8.55 -25.63 -0.96
C THR E 342 -9.52 -26.81 -0.92
N SER E 343 -9.03 -28.00 -0.57
CA SER E 343 -9.90 -29.17 -0.47
C SER E 343 -10.92 -28.99 0.65
N ASP E 344 -10.51 -28.35 1.74
CA ASP E 344 -11.44 -28.12 2.85
C ASP E 344 -12.53 -27.13 2.45
N PHE E 345 -12.19 -26.12 1.65
CA PHE E 345 -13.21 -25.20 1.16
C PHE E 345 -14.28 -25.93 0.37
N GLU E 346 -13.87 -26.86 -0.49
CA GLU E 346 -14.85 -27.63 -1.27
C GLU E 346 -15.77 -28.42 -0.36
N ARG E 347 -15.22 -28.96 0.74
CA ARG E 347 -16.05 -29.67 1.70
C ARG E 347 -16.99 -28.73 2.43
N ILE E 348 -16.48 -27.56 2.85
CA ILE E 348 -17.30 -26.60 3.60
C ILE E 348 -18.49 -26.15 2.77
N LEU E 349 -18.32 -26.07 1.45
CA LEU E 349 -19.39 -25.59 0.58
C LEU E 349 -20.57 -26.55 0.54
N THR E 350 -20.31 -27.86 0.69
CA THR E 350 -21.32 -28.88 0.47
C THR E 350 -21.56 -29.74 1.70
N GLU E 351 -20.52 -30.37 2.26
CA GLU E 351 -20.68 -31.38 3.32
C GLU E 351 -21.47 -30.90 4.53
N PRO E 352 -21.20 -29.75 5.13
CA PRO E 352 -21.89 -29.41 6.39
C PRO E 352 -23.39 -29.31 6.20
N ASN E 353 -24.12 -29.70 7.23
CA ASN E 353 -25.58 -29.57 7.21
C ASN E 353 -25.94 -28.10 7.06
N ALA E 354 -26.86 -27.83 6.13
CA ALA E 354 -27.25 -26.46 5.82
C ALA E 354 -26.05 -25.63 5.37
N SER E 355 -25.19 -26.24 4.56
CA SER E 355 -24.07 -25.53 3.99
C SER E 355 -24.59 -24.41 3.08
N ILE E 356 -23.73 -23.42 2.84
CA ILE E 356 -24.17 -22.21 2.15
C ILE E 356 -24.67 -22.53 0.75
N THR E 357 -24.08 -23.53 0.08
CA THR E 357 -24.57 -23.92 -1.23
C THR E 357 -25.97 -24.50 -1.15
N VAL E 358 -26.23 -25.27 -0.09
CA VAL E 358 -27.59 -25.77 0.15
C VAL E 358 -28.54 -24.62 0.44
N GLN E 359 -28.04 -23.59 1.14
CA GLN E 359 -28.87 -22.44 1.48
C GLN E 359 -29.33 -21.71 0.23
N TYR E 360 -28.40 -21.39 -0.67
CA TYR E 360 -28.78 -20.74 -1.92
C TYR E 360 -29.67 -21.64 -2.78
N LYS E 361 -29.52 -22.95 -2.66
CA LYS E 361 -30.37 -23.86 -3.43
C LYS E 361 -31.81 -23.77 -2.97
N ALA E 362 -32.03 -23.81 -1.65
CA ALA E 362 -33.38 -23.69 -1.12
C ALA E 362 -33.94 -22.29 -1.28
N LEU E 363 -33.06 -21.28 -1.37
CA LEU E 363 -33.53 -19.91 -1.55
C LEU E 363 -34.03 -19.70 -2.98
N MET E 364 -33.25 -20.13 -3.97
CA MET E 364 -33.72 -20.08 -5.34
C MET E 364 -34.92 -20.99 -5.55
N ALA E 365 -35.00 -22.08 -4.77
CA ALA E 365 -36.18 -22.93 -4.82
C ALA E 365 -37.44 -22.15 -4.47
N THR E 366 -37.33 -21.21 -3.52
CA THR E 366 -38.50 -20.42 -3.14
C THR E 366 -39.06 -19.65 -4.33
N GLU E 367 -38.20 -19.17 -5.22
CA GLU E 367 -38.66 -18.52 -6.43
C GLU E 367 -39.06 -19.51 -7.53
N GLY E 368 -38.92 -20.81 -7.28
CA GLY E 368 -39.22 -21.80 -8.29
C GLY E 368 -38.11 -22.09 -9.27
N VAL E 369 -36.86 -21.78 -8.90
CA VAL E 369 -35.67 -22.11 -9.69
C VAL E 369 -34.92 -23.25 -9.00
N ASN E 370 -34.32 -24.11 -9.81
CA ASN E 370 -33.53 -25.26 -9.32
C ASN E 370 -32.08 -25.08 -9.76
N ILE E 371 -31.22 -24.66 -8.83
CA ILE E 371 -29.80 -24.54 -9.10
C ILE E 371 -29.10 -25.85 -8.74
N GLU E 372 -28.05 -26.17 -9.49
CA GLU E 372 -27.25 -27.36 -9.23
C GLU E 372 -25.79 -27.02 -9.51
N PHE E 373 -24.92 -27.34 -8.57
CA PHE E 373 -23.50 -27.04 -8.69
C PHE E 373 -22.76 -28.28 -9.13
N THR E 374 -21.96 -28.15 -10.18
CA THR E 374 -21.09 -29.24 -10.61
C THR E 374 -19.90 -29.35 -9.66
N ASP E 375 -19.31 -30.54 -9.59
CA ASP E 375 -18.15 -30.74 -8.73
C ASP E 375 -16.99 -29.86 -9.15
N SER E 376 -16.80 -29.68 -10.45
CA SER E 376 -15.78 -28.76 -10.93
C SER E 376 -16.19 -27.31 -10.71
N GLY E 377 -17.49 -27.02 -10.74
CA GLY E 377 -17.96 -25.69 -10.37
C GLY E 377 -17.69 -25.37 -8.92
N ILE E 378 -17.94 -26.33 -8.03
CA ILE E 378 -17.58 -26.18 -6.62
C ILE E 378 -16.06 -26.08 -6.47
N LYS E 379 -15.33 -26.85 -7.28
CA LYS E 379 -13.87 -26.85 -7.18
C LYS E 379 -13.30 -25.49 -7.54
N ARG E 380 -13.90 -24.81 -8.53
CA ARG E 380 -13.38 -23.52 -8.97
C ARG E 380 -13.81 -22.37 -8.08
N ILE E 381 -14.88 -22.53 -7.30
CA ILE E 381 -15.22 -21.52 -6.30
C ILE E 381 -14.23 -21.55 -5.16
N ALA E 382 -13.88 -22.75 -4.69
CA ALA E 382 -12.88 -22.87 -3.64
C ALA E 382 -11.53 -22.34 -4.10
N GLU E 383 -11.16 -22.61 -5.35
CA GLU E 383 -9.93 -22.06 -5.91
C GLU E 383 -10.02 -20.53 -6.02
N ALA E 384 -11.21 -20.00 -6.30
CA ALA E 384 -11.36 -18.56 -6.38
C ALA E 384 -11.17 -17.91 -5.02
N ALA E 385 -11.79 -18.46 -3.98
CA ALA E 385 -11.64 -17.90 -2.65
C ALA E 385 -10.21 -18.03 -2.15
N TRP E 386 -9.52 -19.10 -2.53
CA TRP E 386 -8.14 -19.28 -2.08
C TRP E 386 -7.22 -18.23 -2.70
N GLN E 387 -7.42 -17.92 -3.98
CA GLN E 387 -6.55 -16.98 -4.66
C GLN E 387 -6.66 -15.59 -4.05
N VAL E 388 -7.88 -15.18 -3.67
CA VAL E 388 -8.06 -13.86 -3.08
C VAL E 388 -7.40 -13.80 -1.71
N ASN E 389 -7.46 -14.90 -0.95
CA ASN E 389 -6.80 -14.92 0.35
C ASN E 389 -5.29 -14.83 0.21
N GLU E 390 -4.73 -15.37 -0.87
CA GLU E 390 -3.31 -15.29 -1.12
C GLU E 390 -2.92 -14.02 -1.85
N SER E 391 -3.77 -13.55 -2.76
CA SER E 391 -3.43 -12.34 -3.53
C SER E 391 -3.37 -11.11 -2.63
N THR E 392 -4.23 -11.04 -1.61
CA THR E 392 -4.32 -9.85 -0.79
C THR E 392 -4.27 -10.18 0.70
N GLU E 393 -5.43 -10.40 1.31
CA GLU E 393 -5.53 -10.72 2.73
C GLU E 393 -6.23 -12.06 2.92
N ASN E 394 -5.70 -12.87 3.82
CA ASN E 394 -6.26 -14.19 4.12
C ASN E 394 -7.26 -14.04 5.26
N ILE E 395 -8.55 -14.24 4.95
CA ILE E 395 -9.62 -14.13 5.93
C ILE E 395 -10.21 -15.49 6.28
N GLY E 396 -9.59 -16.58 5.83
CA GLY E 396 -10.13 -17.91 6.09
C GLY E 396 -11.32 -18.22 5.19
N ALA E 397 -12.14 -19.16 5.68
CA ALA E 397 -13.32 -19.61 4.96
C ALA E 397 -14.40 -18.53 4.85
N ARG E 398 -14.22 -17.38 5.50
CA ARG E 398 -15.17 -16.29 5.31
C ARG E 398 -15.17 -15.81 3.86
N ARG E 399 -14.07 -16.04 3.14
CA ARG E 399 -14.00 -15.62 1.74
C ARG E 399 -15.01 -16.35 0.88
N LEU E 400 -15.41 -17.57 1.29
CA LEU E 400 -16.37 -18.33 0.51
C LEU E 400 -17.71 -17.61 0.40
N HIS E 401 -18.09 -16.88 1.44
CA HIS E 401 -19.38 -16.19 1.44
C HIS E 401 -19.38 -15.04 0.44
N THR E 402 -18.33 -14.23 0.43
CA THR E 402 -18.26 -13.08 -0.48
C THR E 402 -18.17 -13.55 -1.93
N VAL E 403 -17.43 -14.63 -2.19
CA VAL E 403 -17.26 -15.11 -3.55
C VAL E 403 -18.56 -15.70 -4.08
N LEU E 404 -19.27 -16.46 -3.24
CA LEU E 404 -20.46 -17.17 -3.70
C LEU E 404 -21.56 -16.21 -4.12
N GLU E 405 -21.87 -15.23 -3.27
CA GLU E 405 -22.94 -14.29 -3.59
C GLU E 405 -22.58 -13.45 -4.82
N ARG E 406 -21.30 -13.09 -4.97
CA ARG E 406 -20.88 -12.39 -6.18
C ARG E 406 -21.13 -13.24 -7.42
N LEU E 407 -21.01 -14.55 -7.30
CA LEU E 407 -21.31 -15.43 -8.42
C LEU E 407 -22.81 -15.55 -8.66
N MET E 408 -23.59 -15.62 -7.57
CA MET E 408 -25.02 -15.84 -7.65
C MET E 408 -25.84 -14.56 -7.70
N GLU E 409 -25.19 -13.39 -7.76
CA GLU E 409 -25.94 -12.14 -7.70
C GLU E 409 -26.82 -11.95 -8.93
N GLU E 410 -26.39 -12.45 -10.08
CA GLU E 410 -27.21 -12.32 -11.28
C GLU E 410 -28.41 -13.25 -11.24
N ILE E 411 -28.23 -14.46 -10.70
CA ILE E 411 -29.34 -15.39 -10.57
C ILE E 411 -30.30 -14.93 -9.48
N SER E 412 -29.76 -14.44 -8.37
CA SER E 412 -30.61 -14.05 -7.24
C SER E 412 -31.52 -12.89 -7.60
N TYR E 413 -31.09 -12.03 -8.52
CA TYR E 413 -31.94 -10.93 -8.96
C TYR E 413 -33.00 -11.40 -9.94
N ASP E 414 -32.64 -12.30 -10.86
CA ASP E 414 -33.54 -12.75 -11.92
C ASP E 414 -34.38 -13.95 -11.52
N ALA E 415 -34.18 -14.51 -10.31
CA ALA E 415 -34.85 -15.74 -9.91
C ALA E 415 -36.37 -15.63 -10.00
N SER E 416 -36.92 -14.41 -9.92
CA SER E 416 -38.36 -14.27 -10.06
C SER E 416 -38.82 -14.58 -11.48
N ASP E 417 -38.12 -14.05 -12.48
CA ASP E 417 -38.46 -14.32 -13.86
C ASP E 417 -38.02 -15.69 -14.33
N LEU E 418 -37.08 -16.33 -13.62
CA LEU E 418 -36.58 -17.64 -13.99
C LEU E 418 -37.35 -18.77 -13.34
N SER E 419 -38.54 -18.50 -12.80
CA SER E 419 -39.32 -19.54 -12.15
C SER E 419 -39.68 -20.63 -13.15
N GLY E 420 -39.50 -21.88 -12.73
CA GLY E 420 -39.77 -23.01 -13.59
C GLY E 420 -38.59 -23.51 -14.40
N GLN E 421 -37.41 -22.92 -14.22
CA GLN E 421 -36.23 -23.31 -14.98
C GLN E 421 -35.21 -23.99 -14.09
N ASN E 422 -34.40 -24.85 -14.69
CA ASN E 422 -33.34 -25.58 -13.98
C ASN E 422 -32.00 -24.98 -14.40
N ILE E 423 -31.38 -24.23 -13.49
CA ILE E 423 -30.09 -23.60 -13.74
C ILE E 423 -28.99 -24.53 -13.23
N THR E 424 -27.85 -24.52 -13.94
CA THR E 424 -26.72 -25.36 -13.60
C THR E 424 -25.48 -24.50 -13.48
N ILE E 425 -24.84 -24.53 -12.32
CA ILE E 425 -23.63 -23.76 -12.06
C ILE E 425 -22.45 -24.67 -12.43
N ASP E 426 -21.90 -24.47 -13.62
CA ASP E 426 -20.77 -25.26 -14.10
C ASP E 426 -19.47 -24.47 -13.97
N ALA E 427 -18.37 -25.12 -14.31
CA ALA E 427 -17.07 -24.47 -14.22
C ALA E 427 -16.98 -23.30 -15.19
N ASP E 428 -17.63 -23.41 -16.35
CA ASP E 428 -17.64 -22.30 -17.30
C ASP E 428 -18.38 -21.10 -16.72
N TYR E 429 -19.45 -21.35 -15.98
CA TYR E 429 -20.21 -20.25 -15.37
C TYR E 429 -19.38 -19.57 -14.27
N VAL E 430 -18.63 -20.35 -13.50
CA VAL E 430 -17.83 -19.79 -12.41
C VAL E 430 -16.74 -18.89 -12.97
N SER E 431 -16.03 -19.36 -13.99
CA SER E 431 -14.96 -18.56 -14.59
C SER E 431 -15.51 -17.34 -15.32
N LYS E 432 -16.75 -17.43 -15.82
CA LYS E 432 -17.33 -16.30 -16.54
C LYS E 432 -17.59 -15.12 -15.62
N HIS E 433 -18.04 -15.39 -14.40
CA HIS E 433 -18.43 -14.34 -13.47
C HIS E 433 -17.33 -13.93 -12.50
N LEU E 434 -16.27 -14.73 -12.37
CA LEU E 434 -15.29 -14.50 -11.32
C LEU E 434 -13.88 -14.21 -11.82
N ASP E 435 -13.42 -14.93 -12.86
CA ASP E 435 -12.01 -14.84 -13.25
C ASP E 435 -11.60 -13.41 -13.61
N ALA E 436 -12.50 -12.64 -14.21
CA ALA E 436 -12.19 -11.26 -14.51
C ALA E 436 -11.97 -10.44 -13.24
N LEU E 437 -12.69 -10.78 -12.16
CA LEU E 437 -12.54 -10.06 -10.90
C LEU E 437 -11.32 -10.53 -10.14
N VAL E 438 -11.09 -11.85 -10.08
CA VAL E 438 -9.94 -12.37 -9.37
C VAL E 438 -8.63 -11.94 -10.04
N ALA E 439 -8.68 -11.70 -11.35
CA ALA E 439 -7.48 -11.30 -12.07
C ALA E 439 -6.98 -9.93 -11.63
N ASP E 440 -7.90 -9.03 -11.27
CA ASP E 440 -7.56 -7.68 -10.85
C ASP E 440 -7.54 -7.65 -9.32
N GLU E 441 -6.35 -7.68 -8.74
CA GLU E 441 -6.22 -7.59 -7.29
C GLU E 441 -6.67 -6.24 -6.76
N ASP E 442 -6.53 -5.19 -7.57
CA ASP E 442 -7.00 -3.87 -7.15
C ASP E 442 -8.50 -3.86 -6.92
N LEU E 443 -9.25 -4.63 -7.71
CA LEU E 443 -10.69 -4.71 -7.57
C LEU E 443 -11.13 -5.73 -6.54
N SER E 444 -10.34 -6.79 -6.34
CA SER E 444 -10.74 -7.83 -5.39
C SER E 444 -10.86 -7.30 -3.97
N ARG E 445 -10.05 -6.30 -3.62
CA ARG E 445 -10.11 -5.74 -2.27
C ARG E 445 -11.43 -5.03 -2.00
N PHE E 446 -12.06 -4.49 -3.04
CA PHE E 446 -13.32 -3.77 -2.87
C PHE E 446 -14.53 -4.68 -3.00
N ILE E 447 -14.50 -5.64 -3.92
CA ILE E 447 -15.69 -6.38 -4.31
C ILE E 447 -15.78 -7.74 -3.60
N LEU E 448 -14.62 -8.34 -3.33
CA LEU E 448 -14.59 -9.68 -2.74
C LEU E 448 -13.95 -9.66 -1.36
N SER F 7 -43.35 -8.02 2.64
CA SER F 7 -43.81 -7.78 1.28
C SER F 7 -43.26 -8.85 0.34
N GLU F 8 -44.06 -9.22 -0.66
CA GLU F 8 -43.69 -10.25 -1.63
C GLU F 8 -43.16 -9.67 -2.92
N MET F 9 -42.70 -8.42 -2.90
CA MET F 9 -42.22 -7.79 -4.13
C MET F 9 -40.96 -8.49 -4.64
N THR F 10 -40.92 -8.71 -5.95
CA THR F 10 -39.77 -9.29 -6.61
C THR F 10 -38.67 -8.23 -6.75
N PRO F 11 -37.42 -8.66 -6.96
CA PRO F 11 -36.32 -7.68 -7.03
C PRO F 11 -36.52 -6.59 -8.06
N ARG F 12 -37.09 -6.91 -9.23
CA ARG F 12 -37.34 -5.88 -10.22
C ARG F 12 -38.43 -4.93 -9.77
N GLU F 13 -39.45 -5.43 -9.07
CA GLU F 13 -40.48 -4.56 -8.53
C GLU F 13 -39.92 -3.63 -7.47
N ILE F 14 -38.87 -4.06 -6.76
CA ILE F 14 -38.24 -3.18 -5.78
C ILE F 14 -37.45 -2.08 -6.48
N VAL F 15 -36.66 -2.45 -7.49
CA VAL F 15 -35.87 -1.47 -8.23
C VAL F 15 -36.78 -0.49 -8.94
N SER F 16 -37.89 -0.97 -9.50
CA SER F 16 -38.82 -0.09 -10.20
C SER F 16 -39.38 0.97 -9.26
N GLU F 17 -39.64 0.60 -8.01
CA GLU F 17 -40.13 1.57 -7.04
C GLU F 17 -39.02 2.53 -6.61
N LEU F 18 -37.78 2.03 -6.51
CA LEU F 18 -36.68 2.91 -6.15
C LEU F 18 -36.36 3.91 -7.25
N ASP F 19 -36.64 3.55 -8.51
CA ASP F 19 -36.43 4.49 -9.60
C ASP F 19 -37.34 5.70 -9.51
N LYS F 20 -38.45 5.59 -8.78
CA LYS F 20 -39.34 6.71 -8.58
C LYS F 20 -38.73 7.79 -7.69
N HIS F 21 -37.69 7.46 -6.93
CA HIS F 21 -37.01 8.42 -6.08
C HIS F 21 -35.54 8.56 -6.45
N ILE F 22 -34.78 7.48 -6.47
CA ILE F 22 -33.36 7.53 -6.80
C ILE F 22 -33.18 7.47 -8.31
N ILE F 23 -32.19 8.23 -8.80
CA ILE F 23 -31.90 8.33 -10.22
C ILE F 23 -30.63 7.53 -10.50
N GLY F 24 -30.74 6.55 -11.41
CA GLY F 24 -29.58 5.74 -11.75
C GLY F 24 -29.11 4.89 -10.58
N GLN F 25 -27.81 4.60 -10.57
CA GLN F 25 -27.21 3.77 -9.53
C GLN F 25 -27.91 2.43 -9.43
N ASP F 26 -28.18 1.82 -10.59
CA ASP F 26 -29.01 0.61 -10.63
C ASP F 26 -28.34 -0.56 -9.92
N ASN F 27 -27.01 -0.62 -9.92
CA ASN F 27 -26.32 -1.73 -9.27
C ASN F 27 -26.59 -1.73 -7.77
N ALA F 28 -26.65 -0.54 -7.16
CA ALA F 28 -27.02 -0.46 -5.75
C ALA F 28 -28.49 -0.81 -5.54
N LYS F 29 -29.34 -0.42 -6.48
CA LYS F 29 -30.75 -0.79 -6.40
C LYS F 29 -30.94 -2.30 -6.54
N ARG F 30 -30.17 -2.93 -7.44
CA ARG F 30 -30.25 -4.37 -7.59
C ARG F 30 -29.74 -5.09 -6.35
N SER F 31 -28.71 -4.55 -5.71
CA SER F 31 -28.13 -5.21 -4.54
C SER F 31 -29.08 -5.19 -3.36
N VAL F 32 -29.70 -4.04 -3.09
CA VAL F 32 -30.65 -3.97 -1.97
C VAL F 32 -31.89 -4.79 -2.25
N ALA F 33 -32.30 -4.90 -3.52
CA ALA F 33 -33.46 -5.72 -3.86
C ALA F 33 -33.19 -7.19 -3.57
N ILE F 34 -31.95 -7.64 -3.77
CA ILE F 34 -31.60 -9.02 -3.48
C ILE F 34 -31.70 -9.30 -1.99
N ALA F 35 -31.22 -8.37 -1.16
CA ALA F 35 -31.26 -8.57 0.28
C ALA F 35 -32.70 -8.59 0.80
N LEU F 36 -33.54 -7.69 0.29
CA LEU F 36 -34.93 -7.65 0.74
C LEU F 36 -35.71 -8.87 0.23
N ARG F 37 -35.34 -9.39 -0.94
CA ARG F 37 -36.04 -10.57 -1.46
C ARG F 37 -35.67 -11.83 -0.71
N ASN F 38 -34.41 -11.92 -0.23
CA ASN F 38 -34.01 -13.07 0.58
C ASN F 38 -34.81 -13.14 1.87
N ARG F 39 -35.27 -12.00 2.38
CA ARG F 39 -36.13 -12.00 3.56
C ARG F 39 -37.38 -12.82 3.32
N TRP F 40 -38.10 -12.53 2.23
CA TRP F 40 -39.29 -13.30 1.89
C TRP F 40 -38.94 -14.74 1.54
N ARG F 41 -37.77 -14.96 0.92
CA ARG F 41 -37.36 -16.32 0.58
C ARG F 41 -37.06 -17.15 1.82
N ARG F 42 -36.58 -16.51 2.89
CA ARG F 42 -36.24 -17.26 4.09
C ARG F 42 -37.49 -17.78 4.80
N MET F 43 -38.57 -17.01 4.77
CA MET F 43 -39.79 -17.42 5.47
C MET F 43 -40.40 -18.67 4.88
N GLN F 44 -40.20 -18.90 3.58
CA GLN F 44 -40.74 -20.08 2.91
C GLN F 44 -39.90 -21.34 3.18
N LEU F 45 -38.77 -21.21 3.87
CA LEU F 45 -37.90 -22.34 4.15
C LEU F 45 -38.34 -23.05 5.43
N ASN F 46 -37.81 -24.25 5.63
CA ASN F 46 -38.16 -25.07 6.78
C ASN F 46 -37.54 -24.48 8.06
N GLU F 47 -37.79 -25.16 9.18
CA GLU F 47 -37.38 -24.64 10.47
C GLU F 47 -35.86 -24.56 10.60
N GLU F 48 -35.14 -25.53 10.03
CA GLU F 48 -33.70 -25.58 10.19
C GLU F 48 -33.01 -24.47 9.41
N LEU F 49 -33.36 -24.31 8.14
CA LEU F 49 -32.65 -23.36 7.29
C LEU F 49 -32.91 -21.92 7.70
N ARG F 50 -34.05 -21.64 8.34
CA ARG F 50 -34.36 -20.27 8.73
C ARG F 50 -33.40 -19.75 9.79
N HIS F 51 -32.81 -20.65 10.58
CA HIS F 51 -31.82 -20.23 11.58
C HIS F 51 -30.42 -20.12 10.97
N GLU F 52 -30.08 -20.99 10.01
CA GLU F 52 -28.74 -20.99 9.44
C GLU F 52 -28.54 -19.83 8.46
N VAL F 53 -29.57 -19.52 7.66
CA VAL F 53 -29.46 -18.40 6.74
C VAL F 53 -29.47 -17.09 7.52
N THR F 54 -28.58 -16.18 7.15
CA THR F 54 -28.42 -14.88 7.79
C THR F 54 -28.51 -13.80 6.73
N PRO F 55 -28.88 -12.58 7.12
CA PRO F 55 -29.06 -11.51 6.12
C PRO F 55 -27.78 -11.24 5.33
N LYS F 56 -27.95 -10.95 4.05
CA LYS F 56 -26.84 -10.62 3.16
C LYS F 56 -26.59 -9.11 3.28
N ASN F 57 -25.75 -8.74 4.23
CA ASN F 57 -25.47 -7.32 4.47
C ASN F 57 -24.66 -6.73 3.33
N ILE F 58 -24.89 -5.44 3.09
CA ILE F 58 -24.36 -4.75 1.93
C ILE F 58 -23.40 -3.66 2.38
N LEU F 59 -22.38 -3.42 1.56
CA LEU F 59 -21.41 -2.35 1.80
C LEU F 59 -21.41 -1.45 0.56
N MET F 60 -21.96 -0.25 0.70
CA MET F 60 -21.97 0.72 -0.38
C MET F 60 -20.67 1.50 -0.42
N ILE F 61 -20.17 1.76 -1.62
CA ILE F 61 -18.89 2.42 -1.81
C ILE F 61 -19.06 3.51 -2.87
N GLY F 62 -18.65 4.73 -2.54
CA GLY F 62 -18.72 5.83 -3.47
C GLY F 62 -18.59 7.18 -2.81
N PRO F 63 -18.42 8.23 -3.61
CA PRO F 63 -18.29 9.58 -3.04
C PRO F 63 -19.58 10.02 -2.37
N THR F 64 -19.46 11.09 -1.59
CA THR F 64 -20.59 11.57 -0.81
C THR F 64 -21.66 12.14 -1.73
N GLY F 65 -22.92 12.04 -1.28
CA GLY F 65 -24.02 12.66 -1.98
C GLY F 65 -24.47 11.99 -3.25
N VAL F 66 -24.13 10.71 -3.45
CA VAL F 66 -24.54 9.99 -4.65
C VAL F 66 -25.77 9.14 -4.44
N GLY F 67 -26.38 9.20 -3.25
CA GLY F 67 -27.61 8.47 -2.98
C GLY F 67 -27.45 7.21 -2.16
N LYS F 68 -26.30 7.00 -1.49
CA LYS F 68 -26.13 5.79 -0.70
C LYS F 68 -27.16 5.70 0.41
N THR F 69 -27.53 6.84 1.00
CA THR F 69 -28.49 6.81 2.10
C THR F 69 -29.92 6.78 1.58
N GLU F 70 -30.22 7.53 0.53
CA GLU F 70 -31.58 7.58 0.01
C GLU F 70 -32.06 6.21 -0.43
N ILE F 71 -31.15 5.37 -0.93
CA ILE F 71 -31.51 4.00 -1.26
C ILE F 71 -31.92 3.24 0.00
N ALA F 72 -31.14 3.40 1.07
CA ALA F 72 -31.47 2.73 2.32
C ALA F 72 -32.73 3.30 2.95
N ARG F 73 -32.95 4.61 2.82
CA ARG F 73 -34.16 5.22 3.38
C ARG F 73 -35.39 4.76 2.64
N ARG F 74 -35.41 4.91 1.31
CA ARG F 74 -36.57 4.50 0.53
C ARG F 74 -36.80 2.99 0.64
N LEU F 75 -35.73 2.21 0.79
CA LEU F 75 -35.89 0.77 0.96
C LEU F 75 -36.66 0.45 2.24
N ALA F 76 -36.24 1.02 3.36
CA ALA F 76 -36.94 0.79 4.62
C ALA F 76 -38.35 1.40 4.58
N LYS F 77 -38.51 2.53 3.90
CA LYS F 77 -39.83 3.10 3.72
C LYS F 77 -40.68 2.27 2.78
N LEU F 78 -40.05 1.58 1.83
CA LEU F 78 -40.79 0.71 0.93
C LEU F 78 -41.32 -0.52 1.66
N ALA F 79 -40.51 -1.10 2.53
CA ALA F 79 -40.90 -2.29 3.29
C ALA F 79 -41.61 -1.97 4.59
N ASN F 80 -41.84 -0.68 4.88
CA ASN F 80 -42.44 -0.25 6.15
C ASN F 80 -41.64 -0.76 7.35
N ALA F 81 -40.34 -0.93 7.18
CA ALA F 81 -39.46 -1.51 8.17
C ALA F 81 -38.91 -0.43 9.09
N PRO F 82 -38.55 -0.78 10.33
CA PRO F 82 -37.85 0.18 11.19
C PRO F 82 -36.47 0.51 10.62
N PHE F 83 -36.08 1.77 10.75
CA PHE F 83 -34.87 2.27 10.12
C PHE F 83 -34.13 3.20 11.07
N ILE F 84 -32.81 3.22 10.95
CA ILE F 84 -31.96 4.15 11.69
C ILE F 84 -30.65 4.30 10.94
N LYS F 85 -30.13 5.52 10.94
CA LYS F 85 -28.80 5.82 10.42
C LYS F 85 -27.88 6.19 11.58
N VAL F 86 -26.66 5.69 11.53
CA VAL F 86 -25.68 5.94 12.59
C VAL F 86 -24.34 6.27 11.96
N GLU F 87 -23.62 7.20 12.59
CA GLU F 87 -22.26 7.54 12.18
C GLU F 87 -21.29 6.69 12.98
N ALA F 88 -20.52 5.86 12.28
CA ALA F 88 -19.59 4.95 12.94
C ALA F 88 -18.60 5.70 13.83
N THR F 89 -18.26 6.94 13.47
CA THR F 89 -17.28 7.70 14.22
C THR F 89 -17.82 8.16 15.58
N LYS F 90 -19.14 8.13 15.77
CA LYS F 90 -19.71 8.56 17.04
C LYS F 90 -19.15 7.76 18.21
N PHE F 91 -18.78 6.51 17.97
CA PHE F 91 -18.29 5.62 19.01
C PHE F 91 -16.77 5.70 19.20
N THR F 92 -16.09 6.59 18.49
CA THR F 92 -14.66 6.76 18.69
C THR F 92 -14.35 7.36 20.06
N GLU F 93 -15.29 8.10 20.62
CA GLU F 93 -15.08 8.77 21.90
C GLU F 93 -15.50 7.88 23.08
N LYS F 99 -20.67 6.78 23.80
CA LYS F 99 -21.92 6.01 23.74
C LYS F 99 -21.63 4.53 23.50
N GLU F 100 -22.48 3.68 24.06
CA GLU F 100 -22.36 2.25 23.82
C GLU F 100 -22.96 1.88 22.47
N VAL F 101 -22.40 0.82 21.87
CA VAL F 101 -22.86 0.37 20.56
C VAL F 101 -24.27 -0.21 20.64
N ASP F 102 -24.65 -0.76 21.81
CA ASP F 102 -25.97 -1.35 21.96
C ASP F 102 -27.09 -0.35 21.75
N SER F 103 -26.80 0.94 21.82
CA SER F 103 -27.82 1.96 21.62
C SER F 103 -28.42 1.89 20.23
N ILE F 104 -27.71 1.28 19.27
CA ILE F 104 -28.24 1.17 17.92
C ILE F 104 -29.55 0.39 17.91
N ILE F 105 -29.56 -0.74 18.63
CA ILE F 105 -30.76 -1.57 18.68
C ILE F 105 -31.85 -0.89 19.50
N ARG F 106 -31.45 -0.16 20.55
CA ARG F 106 -32.44 0.52 21.39
C ARG F 106 -33.17 1.59 20.58
N ASP F 107 -32.42 2.49 19.94
CA ASP F 107 -33.05 3.55 19.14
C ASP F 107 -33.83 2.98 17.98
N LEU F 108 -33.40 1.85 17.41
CA LEU F 108 -34.16 1.22 16.34
C LEU F 108 -35.52 0.74 16.85
N THR F 109 -35.57 0.24 18.08
CA THR F 109 -36.83 -0.21 18.63
C THR F 109 -37.73 0.98 18.98
N ASP F 110 -37.16 2.04 19.54
CA ASP F 110 -37.94 3.24 19.84
C ASP F 110 -38.55 3.83 18.58
N ALA F 111 -37.85 3.73 17.45
CA ALA F 111 -38.44 4.12 16.17
C ALA F 111 -39.48 3.10 15.71
N ALA F 112 -39.23 1.82 15.97
CA ALA F 112 -40.21 0.80 15.63
C ALA F 112 -41.47 0.93 16.49
N VAL F 113 -41.31 1.36 17.75
CA VAL F 113 -42.47 1.55 18.62
C VAL F 113 -43.34 2.68 18.09
N LYS F 114 -42.76 3.85 17.87
CA LYS F 114 -43.52 4.97 17.34
C LYS F 114 -44.11 4.64 15.97
N MET F 115 -43.42 3.81 15.18
CA MET F 115 -43.93 3.42 13.88
C MET F 115 -45.18 2.56 14.02
N VAL F 116 -45.10 1.49 14.81
CA VAL F 116 -46.26 0.62 14.98
C VAL F 116 -47.36 1.31 15.77
N ARG F 117 -47.00 2.29 16.60
CA ARG F 117 -48.00 2.96 17.44
C ARG F 117 -48.87 3.91 16.61
N VAL F 118 -48.24 4.83 15.89
CA VAL F 118 -49.00 5.72 15.01
C VAL F 118 -49.74 4.93 13.95
N GLN F 119 -49.20 3.77 13.54
CA GLN F 119 -49.94 2.87 12.67
C GLN F 119 -51.12 2.23 13.39
N ALA F 120 -51.00 2.00 14.71
CA ALA F 120 -52.14 1.48 15.46
C ALA F 120 -53.23 2.52 15.59
N ILE F 121 -52.86 3.80 15.71
CA ILE F 121 -53.86 4.88 15.74
C ILE F 121 -54.61 4.93 14.42
N GLU F 122 -53.93 4.66 13.31
CA GLU F 122 -54.59 4.65 12.01
C GLU F 122 -55.73 3.63 11.98
N LYS F 123 -55.52 2.47 12.59
CA LYS F 123 -56.58 1.47 12.67
C LYS F 123 -57.71 1.92 13.60
N ASN F 124 -57.38 2.71 14.62
CA ASN F 124 -58.37 3.21 15.56
C ASN F 124 -58.94 4.56 15.17
N ARG F 125 -58.41 5.20 14.12
CA ARG F 125 -58.83 6.56 13.77
C ARG F 125 -60.25 6.57 13.20
N TYR F 126 -60.53 5.71 12.22
CA TYR F 126 -61.83 5.74 11.54
C TYR F 126 -62.97 5.32 12.44
N ARG F 127 -62.70 4.47 13.43
CA ARG F 127 -63.70 4.17 14.45
C ARG F 127 -63.87 5.32 15.43
N ALA F 128 -62.89 6.21 15.50
CA ALA F 128 -62.93 7.36 16.41
C ALA F 128 -63.61 8.55 15.73
N PRO F 157 -80.91 6.08 12.78
CA PRO F 157 -80.70 7.39 13.38
C PRO F 157 -81.95 8.26 13.32
N SER F 158 -82.18 9.08 14.34
CA SER F 158 -83.32 9.97 14.36
C SER F 158 -83.11 11.13 13.39
N ALA F 159 -84.22 11.71 12.93
CA ALA F 159 -84.12 12.87 12.05
C ALA F 159 -83.48 14.06 12.75
N ALA F 160 -83.76 14.21 14.05
CA ALA F 160 -83.09 15.25 14.83
C ALA F 160 -81.64 14.89 15.11
N ARG F 161 -81.32 13.59 15.14
CA ARG F 161 -79.95 13.16 15.35
C ARG F 161 -79.06 13.54 14.17
N GLN F 162 -79.54 13.26 12.95
CA GLN F 162 -78.76 13.59 11.76
C GLN F 162 -78.65 15.10 11.56
N ALA F 163 -79.64 15.86 12.03
CA ALA F 163 -79.59 17.31 11.87
C ALA F 163 -78.44 17.91 12.65
N PHE F 164 -78.30 17.56 13.92
CA PHE F 164 -77.17 18.04 14.72
C PHE F 164 -75.86 17.45 14.23
N ARG F 165 -75.88 16.24 13.68
CA ARG F 165 -74.66 15.67 13.10
C ARG F 165 -74.20 16.47 11.90
N LYS F 166 -75.14 16.99 11.11
CA LYS F 166 -74.77 17.81 9.96
C LYS F 166 -74.25 19.17 10.40
N LYS F 167 -74.88 19.77 11.41
CA LYS F 167 -74.39 21.05 11.93
C LYS F 167 -73.04 20.88 12.63
N LEU F 168 -72.76 19.69 13.16
CA LEU F 168 -71.49 19.46 13.83
C LEU F 168 -70.34 19.39 12.84
N ARG F 169 -70.53 18.68 11.73
CA ARG F 169 -69.48 18.58 10.71
C ARG F 169 -69.18 19.93 10.08
N GLU F 190 -39.90 16.73 40.08
CA GLU F 190 -38.61 16.98 39.46
C GLU F 190 -37.56 15.99 39.94
N ILE F 191 -36.85 15.36 39.01
CA ILE F 191 -35.87 14.33 39.34
C ILE F 191 -34.64 14.51 38.46
N MET F 192 -33.51 14.92 39.07
CA MET F 192 -32.33 15.34 38.33
C MET F 192 -31.29 14.22 38.31
N ALA F 193 -30.85 13.87 37.11
CA ALA F 193 -29.94 12.77 36.86
C ALA F 193 -28.89 13.18 35.84
N PRO F 194 -27.75 12.48 35.82
CA PRO F 194 -26.77 12.66 34.73
C PRO F 194 -27.39 12.28 33.39
N PRO F 195 -26.75 12.66 32.27
CA PRO F 195 -27.40 12.45 30.96
C PRO F 195 -27.68 10.98 30.62
N GLY F 196 -26.88 10.04 31.14
CA GLY F 196 -27.06 8.65 30.76
C GLY F 196 -28.37 8.07 31.26
N MET F 197 -28.80 8.49 32.45
CA MET F 197 -30.01 7.98 33.07
C MET F 197 -31.19 8.94 32.96
N GLU F 198 -31.12 9.94 32.09
CA GLU F 198 -32.23 10.86 31.91
C GLU F 198 -33.46 10.14 31.40
N GLU F 199 -33.27 9.15 30.53
CA GLU F 199 -34.38 8.32 30.08
C GLU F 199 -34.91 7.41 31.19
N MET F 200 -34.04 7.01 32.12
CA MET F 200 -34.50 6.20 33.25
C MET F 200 -35.40 7.01 34.18
N THR F 201 -34.95 8.20 34.58
CA THR F 201 -35.77 9.05 35.46
C THR F 201 -37.08 9.44 34.80
N SER F 202 -37.08 9.55 33.47
CA SER F 202 -38.34 9.73 32.74
C SER F 202 -39.33 8.64 33.09
N GLN F 203 -38.90 7.38 32.95
CA GLN F 203 -39.79 6.26 33.25
C GLN F 203 -40.18 6.24 34.71
N LEU F 204 -39.25 6.59 35.61
CA LEU F 204 -39.60 6.67 37.02
C LEU F 204 -40.62 7.77 37.27
N GLN F 205 -40.47 8.90 36.57
CA GLN F 205 -41.45 9.98 36.70
C GLN F 205 -42.79 9.59 36.11
N SER F 206 -42.78 8.88 34.98
CA SER F 206 -44.04 8.38 34.42
C SER F 206 -44.68 7.31 35.30
N MET F 207 -43.85 6.53 36.00
CA MET F 207 -44.39 5.58 36.96
C MET F 207 -44.99 6.29 38.16
N PHE F 208 -44.36 7.38 38.61
CA PHE F 208 -44.90 8.14 39.73
C PHE F 208 -46.22 8.81 39.37
N GLN F 209 -46.32 9.34 38.14
CA GLN F 209 -47.58 9.94 37.71
C GLN F 209 -48.68 8.90 37.58
N ASN F 210 -48.32 7.67 37.19
CA ASN F 210 -49.31 6.59 37.11
C ASN F 210 -49.80 6.18 38.50
N LEU F 211 -48.89 6.12 39.47
CA LEU F 211 -49.25 5.77 40.84
C LEU F 211 -49.97 6.94 41.52
N LEU F 230 -61.77 13.07 23.53
CA LEU F 230 -62.33 11.73 23.39
C LEU F 230 -61.51 10.90 22.43
N ILE F 231 -60.76 11.57 21.56
CA ILE F 231 -59.82 10.87 20.68
C ILE F 231 -58.74 10.17 21.49
N GLU F 232 -58.38 10.75 22.64
CA GLU F 232 -57.33 10.16 23.47
C GLU F 232 -57.87 8.97 24.27
N GLU F 233 -59.05 9.12 24.88
CA GLU F 233 -59.59 8.07 25.72
C GLU F 233 -60.07 6.88 24.90
N GLU F 234 -60.56 7.13 23.69
CA GLU F 234 -61.01 6.02 22.84
C GLU F 234 -59.84 5.28 22.22
N ALA F 235 -58.87 6.01 21.67
CA ALA F 235 -57.68 5.37 21.11
C ALA F 235 -56.91 4.60 22.18
N ALA F 236 -56.89 5.11 23.42
CA ALA F 236 -56.29 4.34 24.51
C ALA F 236 -57.13 3.13 24.86
N LYS F 237 -58.46 3.24 24.72
CA LYS F 237 -59.33 2.10 25.00
C LYS F 237 -59.26 1.05 23.90
N LEU F 238 -59.03 1.48 22.66
CA LEU F 238 -58.97 0.55 21.53
C LEU F 238 -57.59 -0.10 21.41
N VAL F 239 -56.53 0.65 21.71
CA VAL F 239 -55.18 0.14 21.52
C VAL F 239 -54.89 -0.99 22.52
N ASN F 240 -53.95 -1.85 22.14
CA ASN F 240 -53.46 -2.92 23.01
C ASN F 240 -51.99 -2.63 23.29
N PRO F 241 -51.66 -2.00 24.42
CA PRO F 241 -50.26 -1.62 24.65
C PRO F 241 -49.31 -2.80 24.76
N GLU F 242 -49.78 -3.94 25.27
CA GLU F 242 -48.92 -5.13 25.32
C GLU F 242 -48.66 -5.69 23.92
N GLU F 243 -49.57 -5.44 22.98
CA GLU F 243 -49.38 -5.91 21.61
C GLU F 243 -48.40 -5.01 20.85
N LEU F 244 -48.52 -3.69 21.02
CA LEU F 244 -47.64 -2.77 20.30
C LEU F 244 -46.19 -2.95 20.71
N LYS F 245 -45.93 -3.30 21.97
CA LYS F 245 -44.55 -3.49 22.40
C LYS F 245 -43.98 -4.81 21.92
N GLN F 246 -44.80 -5.88 21.94
CA GLN F 246 -44.33 -7.16 21.45
C GLN F 246 -44.20 -7.17 19.94
N ASP F 247 -45.04 -6.40 19.24
CA ASP F 247 -44.98 -6.35 17.78
C ASP F 247 -43.72 -5.64 17.30
N ALA F 248 -43.37 -4.52 17.94
CA ALA F 248 -42.20 -3.75 17.51
C ALA F 248 -40.92 -4.58 17.60
N ILE F 249 -40.86 -5.51 18.56
CA ILE F 249 -39.70 -6.40 18.65
C ILE F 249 -39.67 -7.35 17.45
N ASP F 250 -40.82 -7.95 17.14
CA ASP F 250 -40.89 -8.83 15.98
C ASP F 250 -40.68 -8.07 14.68
N ALA F 251 -41.07 -6.79 14.66
CA ALA F 251 -40.79 -5.95 13.49
C ALA F 251 -39.30 -5.66 13.37
N VAL F 252 -38.58 -5.63 14.48
CA VAL F 252 -37.14 -5.39 14.45
C VAL F 252 -36.39 -6.70 14.17
N GLU F 253 -36.77 -7.77 14.87
CA GLU F 253 -36.03 -9.02 14.75
C GLU F 253 -36.15 -9.61 13.35
N GLN F 254 -37.26 -9.34 12.65
CA GLN F 254 -37.55 -9.89 11.33
C GLN F 254 -37.26 -8.89 10.20
N HIS F 255 -37.77 -7.67 10.30
CA HIS F 255 -37.70 -6.74 9.17
C HIS F 255 -36.75 -5.56 9.37
N GLY F 256 -35.99 -5.52 10.46
CA GLY F 256 -35.23 -4.34 10.79
C GLY F 256 -34.08 -4.06 9.83
N ILE F 257 -33.68 -2.79 9.78
CA ILE F 257 -32.61 -2.32 8.89
C ILE F 257 -31.83 -1.24 9.64
N VAL F 258 -30.51 -1.26 9.48
CA VAL F 258 -29.63 -0.25 10.07
C VAL F 258 -28.61 0.19 9.01
N PHE F 259 -28.34 1.49 8.98
CA PHE F 259 -27.39 2.08 8.03
C PHE F 259 -26.24 2.70 8.80
N ILE F 260 -25.03 2.17 8.60
CA ILE F 260 -23.83 2.66 9.27
C ILE F 260 -23.07 3.50 8.26
N ASP F 261 -23.19 4.82 8.39
CA ASP F 261 -22.55 5.72 7.45
C ASP F 261 -21.07 5.89 7.76
N GLN F 262 -20.28 6.14 6.71
CA GLN F 262 -18.86 6.44 6.82
C GLN F 262 -18.12 5.38 7.63
N ILE F 263 -18.36 4.11 7.27
CA ILE F 263 -17.65 3.02 7.92
C ILE F 263 -16.19 2.97 7.51
N ASP F 264 -15.84 3.60 6.38
CA ASP F 264 -14.46 3.60 5.93
C ASP F 264 -13.53 4.34 6.89
N LYS F 265 -14.07 5.22 7.72
CA LYS F 265 -13.25 6.03 8.60
C LYS F 265 -12.80 5.31 9.86
N ILE F 266 -13.35 4.12 10.14
CA ILE F 266 -12.90 3.33 11.27
C ILE F 266 -11.92 2.23 10.86
N CYS F 267 -11.47 2.23 9.61
CA CYS F 267 -10.44 1.32 9.17
C CYS F 267 -9.06 1.83 9.57
N LYS F 268 -8.10 0.90 9.65
CA LYS F 268 -6.76 1.27 10.04
C LYS F 268 -6.12 2.16 8.97
N ARG F 269 -5.47 3.24 9.42
CA ARG F 269 -4.81 4.15 8.49
C ARG F 269 -3.45 3.63 8.05
N GLY F 270 -2.88 2.66 8.78
CA GLY F 270 -1.60 2.10 8.41
C GLY F 270 -1.70 1.05 7.32
N PRO F 275 -4.82 5.77 16.99
CA PRO F 275 -6.23 5.72 16.56
C PRO F 275 -6.64 4.36 16.00
N ASP F 276 -5.69 3.65 15.38
CA ASP F 276 -5.99 2.36 14.77
C ASP F 276 -6.54 1.37 15.79
N VAL F 277 -6.12 1.47 17.04
CA VAL F 277 -6.70 0.64 18.10
C VAL F 277 -8.12 1.09 18.40
N SER F 278 -8.33 2.40 18.52
CA SER F 278 -9.68 2.91 18.77
C SER F 278 -10.57 2.75 17.56
N ARG F 279 -10.02 2.84 16.35
CA ARG F 279 -10.81 2.65 15.15
C ARG F 279 -11.24 1.19 15.00
N GLU F 280 -10.27 0.27 15.02
CA GLU F 280 -10.58 -1.15 14.95
C GLU F 280 -11.31 -1.64 16.19
N GLY F 281 -11.15 -0.94 17.33
CA GLY F 281 -11.92 -1.30 18.50
C GLY F 281 -13.41 -1.10 18.31
N VAL F 282 -13.79 -0.10 17.52
CA VAL F 282 -15.20 0.09 17.18
C VAL F 282 -15.69 -1.06 16.31
N GLN F 283 -14.84 -1.55 15.42
CA GLN F 283 -15.22 -2.69 14.58
C GLN F 283 -15.50 -3.92 15.43
N ARG F 284 -14.69 -4.14 16.48
CA ARG F 284 -14.92 -5.27 17.37
C ARG F 284 -16.20 -5.10 18.17
N ASP F 285 -16.52 -3.87 18.57
CA ASP F 285 -17.73 -3.61 19.34
C ASP F 285 -18.98 -3.80 18.48
N LEU F 286 -18.91 -3.49 17.19
CA LEU F 286 -20.02 -3.71 16.28
C LEU F 286 -20.17 -5.18 15.91
N LEU F 287 -19.12 -5.98 16.08
CA LEU F 287 -19.14 -7.36 15.61
C LEU F 287 -20.29 -8.19 16.17
N PRO F 288 -20.58 -8.19 17.48
CA PRO F 288 -21.68 -9.04 17.97
C PRO F 288 -23.04 -8.68 17.39
N LEU F 289 -23.25 -7.41 17.02
CA LEU F 289 -24.53 -7.02 16.45
C LEU F 289 -24.80 -7.73 15.13
N VAL F 290 -23.75 -7.98 14.34
CA VAL F 290 -23.90 -8.65 13.05
C VAL F 290 -23.71 -10.16 13.16
N GLU F 291 -22.88 -10.61 14.10
CA GLU F 291 -22.68 -12.03 14.34
C GLU F 291 -23.84 -12.68 15.09
N GLY F 292 -24.90 -11.94 15.37
CA GLY F 292 -26.00 -12.48 16.15
C GLY F 292 -25.74 -12.43 17.64
N CYS F 293 -26.35 -11.45 18.31
CA CYS F 293 -26.24 -11.30 19.75
C CYS F 293 -27.58 -10.82 20.28
N THR F 294 -27.65 -10.59 21.60
CA THR F 294 -28.87 -10.18 22.26
C THR F 294 -28.62 -8.86 22.99
N VAL F 295 -29.48 -7.88 22.76
CA VAL F 295 -29.36 -6.56 23.37
C VAL F 295 -30.62 -6.29 24.18
N SER F 296 -30.44 -5.96 25.45
CA SER F 296 -31.56 -5.60 26.30
C SER F 296 -32.04 -4.19 26.00
N THR F 297 -33.35 -3.99 26.14
CA THR F 297 -33.96 -2.68 25.94
C THR F 297 -35.15 -2.56 26.88
N LYS F 298 -35.48 -1.33 27.25
CA LYS F 298 -36.64 -1.10 28.11
C LYS F 298 -37.92 -1.63 27.46
N HIS F 299 -38.00 -1.57 26.13
CA HIS F 299 -39.15 -2.14 25.42
C HIS F 299 -39.15 -3.65 25.42
N GLY F 300 -38.00 -4.28 25.61
CA GLY F 300 -37.93 -5.73 25.64
C GLY F 300 -36.55 -6.21 25.24
N MET F 301 -36.44 -7.53 25.15
CA MET F 301 -35.18 -8.19 24.80
C MET F 301 -35.17 -8.45 23.30
N VAL F 302 -34.26 -7.80 22.59
CA VAL F 302 -34.18 -7.87 21.13
C VAL F 302 -32.97 -8.70 20.73
N LYS F 303 -33.12 -9.49 19.66
CA LYS F 303 -32.03 -10.28 19.11
C LYS F 303 -31.65 -9.72 17.74
N THR F 304 -30.34 -9.63 17.50
CA THR F 304 -29.81 -8.98 16.30
C THR F 304 -29.48 -9.97 15.20
N ASP F 305 -30.02 -11.19 15.26
CA ASP F 305 -29.62 -12.24 14.34
C ASP F 305 -29.96 -11.88 12.90
N HIS F 306 -31.23 -11.56 12.63
CA HIS F 306 -31.72 -11.39 11.27
C HIS F 306 -31.90 -9.93 10.87
N ILE F 307 -31.29 -9.00 11.59
CA ILE F 307 -31.34 -7.60 11.20
C ILE F 307 -30.44 -7.36 10.00
N LEU F 308 -30.94 -6.62 9.03
CA LEU F 308 -30.12 -6.23 7.88
C LEU F 308 -29.34 -4.96 8.21
N PHE F 309 -28.13 -4.88 7.66
CA PHE F 309 -27.24 -3.76 7.87
C PHE F 309 -26.70 -3.29 6.53
N ILE F 310 -26.51 -1.98 6.42
CA ILE F 310 -26.01 -1.33 5.22
C ILE F 310 -24.93 -0.35 5.66
N ALA F 311 -23.66 -0.75 5.51
CA ALA F 311 -22.54 0.14 5.74
C ALA F 311 -22.22 0.93 4.48
N SER F 312 -21.61 2.10 4.67
CA SER F 312 -21.24 2.93 3.53
C SER F 312 -19.96 3.67 3.85
N GLY F 313 -19.21 4.00 2.80
CA GLY F 313 -17.98 4.74 2.96
C GLY F 313 -17.37 5.09 1.60
N ALA F 314 -16.71 6.24 1.51
CA ALA F 314 -16.02 6.58 0.27
C ALA F 314 -14.88 5.62 -0.02
N PHE F 315 -14.24 5.10 1.04
CA PHE F 315 -13.11 4.18 0.90
C PHE F 315 -12.03 4.74 -0.02
N GLN F 316 -11.87 6.06 0.00
CA GLN F 316 -10.79 6.68 -0.78
C GLN F 316 -9.47 6.60 -0.03
N ILE F 317 -9.49 6.78 1.28
CA ILE F 317 -8.30 6.63 2.11
C ILE F 317 -8.02 5.14 2.31
N ALA F 318 -8.89 4.48 3.07
CA ALA F 318 -8.76 3.06 3.33
C ALA F 318 -9.57 2.25 2.31
N LYS F 319 -9.43 0.94 2.38
CA LYS F 319 -10.13 0.01 1.51
C LYS F 319 -10.91 -0.99 2.36
N PRO F 320 -11.93 -1.64 1.79
CA PRO F 320 -12.68 -2.64 2.56
C PRO F 320 -11.82 -3.78 3.09
N SER F 321 -10.71 -4.08 2.42
CA SER F 321 -9.79 -5.10 2.92
C SER F 321 -9.14 -4.68 4.24
N ASP F 322 -9.13 -3.39 4.54
CA ASP F 322 -8.63 -2.91 5.83
C ASP F 322 -9.56 -3.22 6.99
N LEU F 323 -10.81 -3.57 6.71
CA LEU F 323 -11.73 -3.98 7.77
C LEU F 323 -11.25 -5.30 8.38
N ILE F 324 -11.62 -5.51 9.63
CA ILE F 324 -11.21 -6.72 10.36
C ILE F 324 -11.79 -7.93 9.63
N PRO F 325 -11.11 -9.08 9.64
CA PRO F 325 -11.62 -10.24 8.88
C PRO F 325 -12.99 -10.70 9.34
N GLU F 326 -13.28 -10.60 10.64
CA GLU F 326 -14.59 -10.99 11.14
C GLU F 326 -15.70 -10.13 10.56
N LEU F 327 -15.39 -8.88 10.22
CA LEU F 327 -16.36 -7.96 9.65
C LEU F 327 -16.50 -8.11 8.15
N GLN F 328 -15.40 -8.40 7.44
CA GLN F 328 -15.49 -8.55 5.99
C GLN F 328 -16.40 -9.71 5.60
N GLY F 329 -16.33 -10.82 6.35
CA GLY F 329 -17.18 -11.97 6.05
C GLY F 329 -18.64 -11.74 6.33
N ARG F 330 -18.97 -10.74 7.14
CA ARG F 330 -20.36 -10.41 7.47
C ARG F 330 -20.97 -9.40 6.52
N LEU F 331 -20.25 -9.01 5.47
CA LEU F 331 -20.77 -8.12 4.42
C LEU F 331 -20.60 -8.83 3.08
N PRO F 332 -21.44 -9.81 2.80
CA PRO F 332 -21.24 -10.62 1.58
C PRO F 332 -21.46 -9.84 0.29
N ILE F 333 -22.31 -8.83 0.30
CA ILE F 333 -22.63 -8.05 -0.90
C ILE F 333 -21.84 -6.77 -0.89
N ARG F 334 -21.16 -6.48 -1.99
CA ARG F 334 -20.44 -5.24 -2.19
C ARG F 334 -20.93 -4.58 -3.46
N VAL F 335 -20.87 -3.25 -3.49
CA VAL F 335 -21.35 -2.48 -4.64
C VAL F 335 -20.68 -1.12 -4.61
N GLU F 336 -20.40 -0.58 -5.80
CA GLU F 336 -19.82 0.74 -5.96
C GLU F 336 -20.82 1.64 -6.66
N LEU F 337 -21.15 2.77 -6.02
CA LEU F 337 -22.05 3.75 -6.62
C LEU F 337 -21.25 4.74 -7.44
N GLN F 338 -21.68 4.95 -8.68
CA GLN F 338 -20.97 5.81 -9.61
C GLN F 338 -21.15 7.28 -9.24
N ALA F 339 -20.16 8.09 -9.61
CA ALA F 339 -20.26 9.53 -9.43
C ALA F 339 -21.34 10.08 -10.35
N LEU F 340 -22.15 11.00 -9.82
CA LEU F 340 -23.24 11.56 -10.61
C LEU F 340 -22.69 12.54 -11.66
N THR F 341 -23.33 12.55 -12.82
CA THR F 341 -22.94 13.42 -13.91
C THR F 341 -23.88 14.61 -14.01
N THR F 342 -23.54 15.54 -14.91
CA THR F 342 -24.38 16.71 -15.13
C THR F 342 -25.77 16.30 -15.60
N SER F 343 -25.85 15.27 -16.44
CA SER F 343 -27.14 14.77 -16.90
C SER F 343 -27.95 14.21 -15.73
N ASP F 344 -27.28 13.56 -14.78
CA ASP F 344 -27.99 13.05 -13.60
C ASP F 344 -28.58 14.19 -12.78
N PHE F 345 -27.82 15.28 -12.62
CA PHE F 345 -28.36 16.44 -11.91
C PHE F 345 -29.61 16.97 -12.61
N GLU F 346 -29.59 17.02 -13.94
CA GLU F 346 -30.77 17.46 -14.68
C GLU F 346 -31.96 16.55 -14.42
N ARG F 347 -31.71 15.24 -14.28
CA ARG F 347 -32.78 14.30 -13.98
C ARG F 347 -33.23 14.42 -12.52
N ILE F 348 -32.29 14.52 -11.59
CA ILE F 348 -32.62 14.59 -10.17
C ILE F 348 -33.50 15.80 -9.86
N LEU F 349 -33.31 16.89 -10.60
CA LEU F 349 -34.07 18.11 -10.33
C LEU F 349 -35.56 17.93 -10.65
N THR F 350 -35.89 17.04 -11.59
CA THR F 350 -37.26 16.94 -12.11
C THR F 350 -37.84 15.55 -11.95
N GLU F 351 -37.21 14.52 -12.53
CA GLU F 351 -37.80 13.19 -12.62
C GLU F 351 -38.26 12.60 -11.29
N PRO F 352 -37.48 12.62 -10.20
CA PRO F 352 -37.91 11.93 -8.99
C PRO F 352 -39.21 12.49 -8.45
N ASN F 353 -40.04 11.61 -7.88
CA ASN F 353 -41.28 12.05 -7.27
C ASN F 353 -40.98 13.00 -6.12
N ALA F 354 -41.72 14.11 -6.06
CA ALA F 354 -41.47 15.16 -5.07
C ALA F 354 -40.04 15.71 -5.20
N SER F 355 -39.60 15.92 -6.43
CA SER F 355 -38.28 16.50 -6.65
C SER F 355 -38.24 17.92 -6.11
N ILE F 356 -37.03 18.41 -5.86
CA ILE F 356 -36.86 19.69 -5.20
C ILE F 356 -37.52 20.82 -6.01
N THR F 357 -37.42 20.75 -7.34
CA THR F 357 -38.06 21.75 -8.18
C THR F 357 -39.57 21.71 -8.02
N VAL F 358 -40.15 20.51 -7.93
CA VAL F 358 -41.58 20.37 -7.70
C VAL F 358 -41.96 20.93 -6.33
N GLN F 359 -41.04 20.82 -5.36
CA GLN F 359 -41.34 21.27 -4.01
C GLN F 359 -41.54 22.78 -3.96
N TYR F 360 -40.62 23.53 -4.56
CA TYR F 360 -40.76 24.99 -4.56
C TYR F 360 -41.93 25.43 -5.44
N LYS F 361 -42.26 24.66 -6.46
CA LYS F 361 -43.43 24.98 -7.28
C LYS F 361 -44.70 24.92 -6.45
N ALA F 362 -44.81 23.91 -5.59
CA ALA F 362 -45.94 23.84 -4.66
C ALA F 362 -45.81 24.89 -3.57
N LEU F 363 -44.58 25.23 -3.17
CA LEU F 363 -44.39 26.25 -2.15
C LEU F 363 -44.78 27.63 -2.66
N MET F 364 -44.34 27.98 -3.88
CA MET F 364 -44.75 29.24 -4.48
C MET F 364 -46.22 29.24 -4.88
N ALA F 365 -46.80 28.07 -5.12
CA ALA F 365 -48.23 27.99 -5.34
C ALA F 365 -49.01 28.38 -4.09
N THR F 366 -48.43 28.14 -2.90
CA THR F 366 -49.10 28.53 -1.67
C THR F 366 -49.25 30.05 -1.59
N GLU F 367 -48.31 30.78 -2.16
CA GLU F 367 -48.36 32.24 -2.21
C GLU F 367 -49.14 32.75 -3.42
N GLY F 368 -49.77 31.85 -4.18
CA GLY F 368 -50.47 32.24 -5.39
C GLY F 368 -49.59 32.45 -6.60
N VAL F 369 -48.30 32.19 -6.49
CA VAL F 369 -47.36 32.36 -7.59
C VAL F 369 -47.20 31.03 -8.31
N ASN F 370 -46.99 31.10 -9.63
CA ASN F 370 -46.76 29.93 -10.46
C ASN F 370 -45.36 30.02 -11.04
N ILE F 371 -44.47 29.12 -10.64
CA ILE F 371 -43.13 29.06 -11.19
C ILE F 371 -43.06 27.93 -12.20
N GLU F 372 -42.26 28.13 -13.25
CA GLU F 372 -42.07 27.12 -14.29
C GLU F 372 -40.60 27.16 -14.71
N PHE F 373 -39.96 25.99 -14.74
CA PHE F 373 -38.56 25.89 -15.09
C PHE F 373 -38.42 25.41 -16.53
N THR F 374 -37.67 26.18 -17.33
CA THR F 374 -37.37 25.74 -18.69
C THR F 374 -36.35 24.62 -18.67
N ASP F 375 -36.35 23.81 -19.73
CA ASP F 375 -35.34 22.76 -19.84
C ASP F 375 -33.94 23.35 -19.90
N SER F 376 -33.80 24.53 -20.52
CA SER F 376 -32.52 25.22 -20.51
C SER F 376 -32.19 25.77 -19.13
N GLY F 377 -33.20 26.21 -18.39
CA GLY F 377 -32.96 26.64 -17.02
C GLY F 377 -32.53 25.51 -16.11
N ILE F 378 -33.21 24.36 -16.21
CA ILE F 378 -32.80 23.17 -15.47
C ILE F 378 -31.40 22.73 -15.89
N LYS F 379 -31.06 22.93 -17.17
CA LYS F 379 -29.74 22.54 -17.65
C LYS F 379 -28.65 23.37 -16.98
N ARG F 380 -28.80 24.69 -16.98
CA ARG F 380 -27.76 25.56 -16.43
C ARG F 380 -27.67 25.43 -14.91
N ILE F 381 -28.77 25.10 -14.24
CA ILE F 381 -28.71 24.82 -12.80
C ILE F 381 -27.82 23.62 -12.54
N ALA F 382 -28.04 22.53 -13.29
CA ALA F 382 -27.18 21.36 -13.17
C ALA F 382 -25.75 21.68 -13.57
N GLU F 383 -25.58 22.52 -14.59
CA GLU F 383 -24.25 22.98 -14.98
C GLU F 383 -23.61 23.82 -13.88
N ALA F 384 -24.41 24.59 -13.14
CA ALA F 384 -23.86 25.42 -12.08
C ALA F 384 -23.36 24.59 -10.91
N ALA F 385 -24.15 23.60 -10.49
CA ALA F 385 -23.75 22.77 -9.37
C ALA F 385 -22.51 21.95 -9.68
N TRP F 386 -22.38 21.49 -10.92
CA TRP F 386 -21.21 20.73 -11.31
C TRP F 386 -19.94 21.57 -11.28
N GLN F 387 -20.06 22.86 -11.58
CA GLN F 387 -18.89 23.73 -11.58
C GLN F 387 -18.35 23.95 -10.17
N VAL F 388 -19.25 24.11 -9.20
CA VAL F 388 -18.81 24.31 -7.82
C VAL F 388 -18.13 23.06 -7.29
N ASN F 389 -18.65 21.89 -7.66
CA ASN F 389 -18.05 20.64 -7.23
C ASN F 389 -16.67 20.44 -7.85
N GLU F 390 -16.49 20.90 -9.09
CA GLU F 390 -15.18 20.81 -9.74
C GLU F 390 -14.25 21.93 -9.33
N SER F 391 -14.80 23.09 -8.91
CA SER F 391 -13.96 24.23 -8.57
C SER F 391 -13.29 24.05 -7.21
N THR F 392 -14.04 23.62 -6.20
CA THR F 392 -13.54 23.57 -4.84
C THR F 392 -13.67 22.18 -4.23
N GLU F 393 -14.89 21.82 -3.85
CA GLU F 393 -15.15 20.53 -3.20
C GLU F 393 -16.40 19.90 -3.80
N ASN F 394 -16.31 18.60 -4.05
CA ASN F 394 -17.41 17.86 -4.65
C ASN F 394 -18.25 17.25 -3.53
N ILE F 395 -19.44 17.79 -3.32
CA ILE F 395 -20.36 17.30 -2.30
C ILE F 395 -21.48 16.45 -2.89
N GLY F 396 -21.37 16.06 -4.16
CA GLY F 396 -22.41 15.27 -4.76
C GLY F 396 -23.66 16.09 -5.08
N ALA F 397 -24.80 15.40 -5.11
CA ALA F 397 -26.08 16.03 -5.43
C ALA F 397 -26.54 17.03 -4.37
N ARG F 398 -25.90 17.04 -3.19
CA ARG F 398 -26.23 18.02 -2.19
C ARG F 398 -25.97 19.44 -2.66
N ARG F 399 -25.08 19.62 -3.64
CA ARG F 399 -24.82 20.96 -4.19
C ARG F 399 -26.06 21.51 -4.88
N LEU F 400 -26.94 20.64 -5.37
CA LEU F 400 -28.16 21.11 -6.02
C LEU F 400 -29.06 21.87 -5.05
N HIS F 401 -29.04 21.50 -3.76
CA HIS F 401 -29.90 22.15 -2.79
C HIS F 401 -29.45 23.58 -2.54
N THR F 402 -28.16 23.79 -2.28
CA THR F 402 -27.66 25.12 -1.97
C THR F 402 -27.78 26.05 -3.16
N VAL F 403 -27.57 25.52 -4.37
CA VAL F 403 -27.66 26.36 -5.58
C VAL F 403 -29.10 26.79 -5.83
N LEU F 404 -30.03 25.85 -5.76
CA LEU F 404 -31.42 26.17 -6.08
C LEU F 404 -31.99 27.20 -5.12
N GLU F 405 -31.70 27.06 -3.83
CA GLU F 405 -32.20 28.05 -2.87
C GLU F 405 -31.56 29.41 -3.08
N ARG F 406 -30.29 29.45 -3.48
CA ARG F 406 -29.66 30.74 -3.80
C ARG F 406 -30.29 31.37 -5.02
N LEU F 407 -30.80 30.56 -5.95
CA LEU F 407 -31.43 31.11 -7.15
C LEU F 407 -32.82 31.66 -6.84
N MET F 408 -33.60 30.93 -6.06
CA MET F 408 -34.98 31.28 -5.77
C MET F 408 -35.15 32.19 -4.57
N GLU F 409 -34.04 32.68 -3.99
CA GLU F 409 -34.15 33.45 -2.76
C GLU F 409 -34.94 34.75 -2.96
N GLU F 410 -34.77 35.38 -4.13
CA GLU F 410 -35.51 36.60 -4.41
C GLU F 410 -36.99 36.33 -4.58
N ILE F 411 -37.33 35.23 -5.27
CA ILE F 411 -38.73 34.89 -5.49
C ILE F 411 -39.40 34.49 -4.18
N SER F 412 -38.71 33.67 -3.38
CA SER F 412 -39.30 33.19 -2.13
C SER F 412 -39.59 34.33 -1.17
N TYR F 413 -38.84 35.43 -1.27
CA TYR F 413 -39.08 36.58 -0.40
C TYR F 413 -40.23 37.42 -0.92
N ASP F 414 -40.30 37.63 -2.23
CA ASP F 414 -41.35 38.44 -2.84
C ASP F 414 -42.60 37.64 -3.17
N ALA F 415 -42.61 36.33 -2.89
CA ALA F 415 -43.71 35.48 -3.32
C ALA F 415 -45.05 35.96 -2.76
N SER F 416 -45.04 36.64 -1.62
CA SER F 416 -46.27 37.18 -1.07
C SER F 416 -46.82 38.30 -1.95
N ASP F 417 -45.96 39.20 -2.40
CA ASP F 417 -46.39 40.32 -3.22
C ASP F 417 -46.62 39.94 -4.68
N LEU F 418 -46.13 38.78 -5.10
CA LEU F 418 -46.27 38.32 -6.49
C LEU F 418 -47.46 37.39 -6.67
N SER F 419 -48.43 37.42 -5.75
CA SER F 419 -49.57 36.53 -5.83
C SER F 419 -50.35 36.78 -7.13
N GLY F 420 -50.72 35.67 -7.79
CA GLY F 420 -51.42 35.75 -9.05
C GLY F 420 -50.55 35.91 -10.27
N GLN F 421 -49.23 35.89 -10.13
CA GLN F 421 -48.31 36.05 -11.24
C GLN F 421 -47.65 34.71 -11.58
N ASN F 422 -47.28 34.57 -12.84
CA ASN F 422 -46.63 33.36 -13.34
C ASN F 422 -45.18 33.70 -13.66
N ILE F 423 -44.26 33.21 -12.84
CA ILE F 423 -42.83 33.48 -13.00
C ILE F 423 -42.20 32.32 -13.76
N THR F 424 -41.29 32.64 -14.66
CA THR F 424 -40.60 31.65 -15.48
C THR F 424 -39.11 31.70 -15.16
N ILE F 425 -38.52 30.52 -14.91
CA ILE F 425 -37.10 30.40 -14.62
C ILE F 425 -36.43 29.96 -15.91
N ASP F 426 -36.05 30.93 -16.73
CA ASP F 426 -35.39 30.66 -18.00
C ASP F 426 -33.88 30.58 -17.80
N ALA F 427 -33.17 30.26 -18.88
CA ALA F 427 -31.71 30.18 -18.80
C ALA F 427 -31.09 31.53 -18.46
N ASP F 428 -31.71 32.62 -18.93
CA ASP F 428 -31.21 33.95 -18.59
C ASP F 428 -31.40 34.24 -17.11
N TYR F 429 -32.51 33.78 -16.53
CA TYR F 429 -32.73 33.98 -15.10
C TYR F 429 -31.70 33.23 -14.26
N VAL F 430 -31.30 32.04 -14.71
CA VAL F 430 -30.31 31.26 -13.98
C VAL F 430 -28.94 31.94 -14.06
N SER F 431 -28.55 32.38 -15.25
CA SER F 431 -27.26 33.02 -15.41
C SER F 431 -27.20 34.37 -14.67
N LYS F 432 -28.36 35.02 -14.48
CA LYS F 432 -28.36 36.32 -13.83
C LYS F 432 -28.07 36.20 -12.34
N HIS F 433 -28.64 35.20 -11.68
CA HIS F 433 -28.51 35.06 -10.24
C HIS F 433 -27.35 34.20 -9.81
N LEU F 434 -26.67 33.53 -10.73
CA LEU F 434 -25.67 32.55 -10.31
C LEU F 434 -24.29 32.76 -10.93
N ASP F 435 -24.21 33.14 -12.21
CA ASP F 435 -22.92 33.21 -12.88
C ASP F 435 -21.97 34.18 -12.20
N ALA F 436 -22.50 35.26 -11.62
CA ALA F 436 -21.64 36.17 -10.87
C ALA F 436 -21.08 35.51 -9.63
N LEU F 437 -21.83 34.58 -9.04
CA LEU F 437 -21.37 33.88 -7.84
C LEU F 437 -20.44 32.73 -8.18
N VAL F 438 -20.81 31.93 -9.18
CA VAL F 438 -20.00 30.76 -9.55
C VAL F 438 -18.64 31.19 -10.06
N ALA F 439 -18.55 32.38 -10.65
CA ALA F 439 -17.28 32.85 -11.18
C ALA F 439 -16.25 33.08 -10.07
N ASP F 440 -16.69 33.51 -8.90
CA ASP F 440 -15.81 33.80 -7.77
C ASP F 440 -15.76 32.56 -6.88
N GLU F 441 -14.66 31.81 -6.98
CA GLU F 441 -14.51 30.61 -6.16
C GLU F 441 -14.39 30.94 -4.68
N ASP F 442 -13.77 32.08 -4.35
CA ASP F 442 -13.64 32.46 -2.95
C ASP F 442 -15.01 32.66 -2.30
N LEU F 443 -15.95 33.21 -3.06
CA LEU F 443 -17.31 33.39 -2.54
C LEU F 443 -18.11 32.10 -2.59
N SER F 444 -17.82 31.22 -3.56
CA SER F 444 -18.59 29.98 -3.69
C SER F 444 -18.40 29.08 -2.48
N ARG F 445 -17.25 29.18 -1.80
CA ARG F 445 -16.99 28.39 -0.61
C ARG F 445 -17.84 28.82 0.58
N PHE F 446 -18.47 29.99 0.51
CA PHE F 446 -19.34 30.49 1.57
C PHE F 446 -20.81 30.44 1.16
N ILE F 447 -21.16 31.10 0.05
CA ILE F 447 -22.56 31.25 -0.32
C ILE F 447 -23.15 29.94 -0.85
N LEU F 448 -22.31 29.09 -1.43
CA LEU F 448 -22.80 27.87 -2.06
C LEU F 448 -22.11 26.62 -1.52
S SO4 G . 29.66 25.78 -46.87
O1 SO4 G . 29.63 24.39 -47.25
O2 SO4 G . 28.32 26.24 -46.53
O3 SO4 G . 30.52 25.95 -45.71
O4 SO4 G . 30.17 26.58 -47.98
S SO4 H . 33.02 16.23 -41.65
O1 SO4 H . 32.11 15.28 -42.27
O2 SO4 H . 32.28 17.20 -40.88
O3 SO4 H . 33.91 15.49 -40.77
O4 SO4 H . 33.79 16.89 -42.70
S SO4 I . 10.75 14.82 21.30
O1 SO4 I . 10.11 13.92 22.24
O2 SO4 I . 9.97 14.85 20.06
O3 SO4 I . 12.11 14.36 21.02
O4 SO4 I . 10.79 16.16 21.86
PB ADP J . -12.26 -17.99 13.91
O1B ADP J . -12.83 -17.68 15.28
O2B ADP J . -10.98 -17.26 13.59
O3B ADP J . -12.22 -19.46 13.56
PA ADP J . -14.84 -17.94 12.76
O1A ADP J . -15.74 -17.07 13.60
O2A ADP J . -14.87 -19.44 12.98
O3A ADP J . -13.33 -17.38 12.89
O5' ADP J . -15.18 -17.69 11.21
C5' ADP J . -15.03 -18.75 10.30
C4' ADP J . -16.03 -18.66 9.16
O4' ADP J . -15.63 -19.55 8.13
C3' ADP J . -17.40 -19.09 9.65
O3' ADP J . -18.40 -18.21 9.11
C2' ADP J . -17.58 -20.49 9.11
O2' ADP J . -18.85 -20.58 8.46
C1' ADP J . -16.46 -20.71 8.11
N9 ADP J . -15.63 -21.87 8.54
C8 ADP J . -14.38 -21.78 9.05
N7 ADP J . -13.87 -23.00 9.34
C5 ADP J . -14.80 -23.90 9.02
C6 ADP J . -14.92 -25.39 9.09
N6 ADP J . -13.89 -26.14 9.56
N1 ADP J . -16.06 -25.95 8.65
C2 ADP J . -17.09 -25.21 8.19
N3 ADP J . -17.05 -23.86 8.10
C4 ADP J . -15.96 -23.16 8.50
PB ADP K . -24.62 9.50 0.46
O1B ADP K . -24.94 8.68 1.68
O2B ADP K . -23.18 9.95 0.35
O3B ADP K . -25.17 8.96 -0.83
PA ADP K . -27.02 10.90 0.77
O1A ADP K . -27.43 10.90 2.22
O2A ADP K . -27.59 9.85 -0.15
O3A ADP K . -25.42 10.87 0.69
O5' ADP K . -27.36 12.33 0.13
C5' ADP K . -27.74 12.41 -1.25
C4' ADP K . -28.69 13.57 -1.50
O4' ADP K . -28.64 13.88 -2.89
C3' ADP K . -30.11 13.19 -1.15
O3' ADP K . -30.74 14.26 -0.45
C2' ADP K . -30.80 12.97 -2.48
O2' ADP K . -32.03 13.72 -2.50
C1' ADP K . -29.84 13.47 -3.55
N9 ADP K . -29.48 12.34 -4.46
C8 ADP K . -28.27 11.76 -4.52
N7 ADP K . -28.24 10.77 -5.45
C5 ADP K . -29.48 10.70 -5.99
C6 ADP K . -30.13 9.87 -7.01
N6 ADP K . -29.46 8.89 -7.67
N1 ADP K . -31.43 10.12 -7.29
C2 ADP K . -32.11 11.09 -6.66
N3 ADP K . -31.57 11.88 -5.71
C4 ADP K . -30.28 11.74 -5.34
#